data_3M97
# 
_entry.id   3M97 
# 
_audit_conform.dict_name       mmcif_pdbx.dic 
_audit_conform.dict_version    5.379 
_audit_conform.dict_location   http://mmcif.pdb.org/dictionaries/ascii/mmcif_pdbx.dic 
# 
loop_
_database_2.database_id 
_database_2.database_code 
_database_2.pdbx_database_accession 
_database_2.pdbx_DOI 
PDB   3M97         pdb_00003m97 10.2210/pdb3m97/pdb 
RCSB  RCSB058266   ?            ?                   
WWPDB D_1000058266 ?            ?                   
# 
_pdbx_database_related.db_name        PDB 
_pdbx_database_related.db_id          1QL4 
_pdbx_database_related.details        
'Structure of the soluble domain of cytochrome c(552) from Paracoccus denitrificans in the oxidized  and reduced states' 
_pdbx_database_related.content_type   unspecified 
# 
_pdbx_database_status.entry_id                        3M97 
_pdbx_database_status.deposit_site                    RCSB 
_pdbx_database_status.process_site                    RCSB 
_pdbx_database_status.recvd_initial_deposition_date   2010-03-20 
_pdbx_database_status.status_code                     REL 
_pdbx_database_status.status_code_sf                  REL 
_pdbx_database_status.status_code_mr                  ? 
_pdbx_database_status.SG_entry                        ? 
_pdbx_database_status.pdb_format_compatible           Y 
_pdbx_database_status.status_code_cs                  ? 
_pdbx_database_status.status_code_nmr_data            ? 
_pdbx_database_status.methods_development_category    ? 
# 
loop_
_audit_author.name 
_audit_author.pdbx_ordinal 
'Rajendran, C.' 1 
'Ermler, U.'    2 
'Ludwig, B.'    3 
'Michel, H.'    4 
# 
_citation.id                        primary 
_citation.title                     
;Structure at 1.5 A resolution of cytochrome c(552) with its flexible linker segment, a membrane-anchored protein from Paracoccus denitrificans.
;
_citation.journal_abbrev            'Acta Crystallogr.,Sect.D' 
_citation.journal_volume            66 
_citation.page_first                850 
_citation.page_last                 854 
_citation.year                      2010 
_citation.journal_id_ASTM           ABCRE6 
_citation.country                   DK 
_citation.journal_id_ISSN           0907-4449 
_citation.journal_id_CSD            0766 
_citation.book_publisher            ? 
_citation.pdbx_database_id_PubMed   20606266 
_citation.pdbx_database_id_DOI      10.1107/S0907444910019396 
# 
loop_
_citation_author.citation_id 
_citation_author.name 
_citation_author.ordinal 
_citation_author.identifier_ORCID 
primary 'Rajendran, C.' 1 ? 
primary 'Ermler, U.'    2 ? 
primary 'Ludwig, B.'    3 ? 
primary 'Michel, H.'    4 ? 
# 
_cell.entry_id           3M97 
_cell.length_a           37.376 
_cell.length_b           38.991 
_cell.length_c           93.014 
_cell.angle_alpha        90.00 
_cell.angle_beta         90.00 
_cell.angle_gamma        90.00 
_cell.Z_PDB              4 
_cell.pdbx_unique_axis   ? 
_cell.length_a_esd       ? 
_cell.length_b_esd       ? 
_cell.length_c_esd       ? 
_cell.angle_alpha_esd    ? 
_cell.angle_beta_esd     ? 
_cell.angle_gamma_esd    ? 
# 
_symmetry.entry_id                         3M97 
_symmetry.space_group_name_H-M             'P 21 21 21' 
_symmetry.pdbx_full_space_group_name_H-M   ? 
_symmetry.cell_setting                     ? 
_symmetry.Int_Tables_number                19 
_symmetry.space_group_name_Hall            ? 
# 
loop_
_entity.id 
_entity.type 
_entity.src_method 
_entity.pdbx_description 
_entity.formula_weight 
_entity.pdbx_number_of_molecules 
_entity.pdbx_ec 
_entity.pdbx_mutation 
_entity.pdbx_fragment 
_entity.details 
1 polymer     man 'Cytochrome c-552' 14515.024 1   ? ? 'soluble domain with flexible linker segment (UNP residues 38-176)' ? 
2 non-polymer syn 'HEME C'           618.503   1   ? ? ?                                                                   ? 
3 non-polymer syn 'ZINC ION'         65.409    4   ? ? ?                                                                   ? 
4 water       nat water              18.015    227 ? ? ?                                                                   ? 
# 
_entity_name_com.entity_id   1 
_entity_name_com.name        'Cytochrome c552' 
# 
_entity_poly.entity_id                      1 
_entity_poly.type                           'polypeptide(L)' 
_entity_poly.nstd_linkage                   no 
_entity_poly.nstd_monomer                   no 
_entity_poly.pdbx_seq_one_letter_code       
;MGHGAEGEEHAQAYTYPVESAGGAEGEAVDEGPDFATVLASADPAAGEKVFGKCKACHKLDGNDGVGPHLNGVVGRTVAG
VDGFNYSDPMKAHGGDWTPEALQEFLTNPKAVVKGTKMAFAGLPKIEDRANLIAYLEGQQ
;
_entity_poly.pdbx_seq_one_letter_code_can   
;MGHGAEGEEHAQAYTYPVESAGGAEGEAVDEGPDFATVLASADPAAGEKVFGKCKACHKLDGNDGVGPHLNGVVGRTVAG
VDGFNYSDPMKAHGGDWTPEALQEFLTNPKAVVKGTKMAFAGLPKIEDRANLIAYLEGQQ
;
_entity_poly.pdbx_strand_id                 X 
_entity_poly.pdbx_target_identifier         ? 
# 
loop_
_entity_poly_seq.entity_id 
_entity_poly_seq.num 
_entity_poly_seq.mon_id 
_entity_poly_seq.hetero 
1 1   MET n 
1 2   GLY n 
1 3   HIS n 
1 4   GLY n 
1 5   ALA n 
1 6   GLU n 
1 7   GLY n 
1 8   GLU n 
1 9   GLU n 
1 10  HIS n 
1 11  ALA n 
1 12  GLN n 
1 13  ALA n 
1 14  TYR n 
1 15  THR n 
1 16  TYR n 
1 17  PRO n 
1 18  VAL n 
1 19  GLU n 
1 20  SER n 
1 21  ALA n 
1 22  GLY n 
1 23  GLY n 
1 24  ALA n 
1 25  GLU n 
1 26  GLY n 
1 27  GLU n 
1 28  ALA n 
1 29  VAL n 
1 30  ASP n 
1 31  GLU n 
1 32  GLY n 
1 33  PRO n 
1 34  ASP n 
1 35  PHE n 
1 36  ALA n 
1 37  THR n 
1 38  VAL n 
1 39  LEU n 
1 40  ALA n 
1 41  SER n 
1 42  ALA n 
1 43  ASP n 
1 44  PRO n 
1 45  ALA n 
1 46  ALA n 
1 47  GLY n 
1 48  GLU n 
1 49  LYS n 
1 50  VAL n 
1 51  PHE n 
1 52  GLY n 
1 53  LYS n 
1 54  CYS n 
1 55  LYS n 
1 56  ALA n 
1 57  CYS n 
1 58  HIS n 
1 59  LYS n 
1 60  LEU n 
1 61  ASP n 
1 62  GLY n 
1 63  ASN n 
1 64  ASP n 
1 65  GLY n 
1 66  VAL n 
1 67  GLY n 
1 68  PRO n 
1 69  HIS n 
1 70  LEU n 
1 71  ASN n 
1 72  GLY n 
1 73  VAL n 
1 74  VAL n 
1 75  GLY n 
1 76  ARG n 
1 77  THR n 
1 78  VAL n 
1 79  ALA n 
1 80  GLY n 
1 81  VAL n 
1 82  ASP n 
1 83  GLY n 
1 84  PHE n 
1 85  ASN n 
1 86  TYR n 
1 87  SER n 
1 88  ASP n 
1 89  PRO n 
1 90  MET n 
1 91  LYS n 
1 92  ALA n 
1 93  HIS n 
1 94  GLY n 
1 95  GLY n 
1 96  ASP n 
1 97  TRP n 
1 98  THR n 
1 99  PRO n 
1 100 GLU n 
1 101 ALA n 
1 102 LEU n 
1 103 GLN n 
1 104 GLU n 
1 105 PHE n 
1 106 LEU n 
1 107 THR n 
1 108 ASN n 
1 109 PRO n 
1 110 LYS n 
1 111 ALA n 
1 112 VAL n 
1 113 VAL n 
1 114 LYS n 
1 115 GLY n 
1 116 THR n 
1 117 LYS n 
1 118 MET n 
1 119 ALA n 
1 120 PHE n 
1 121 ALA n 
1 122 GLY n 
1 123 LEU n 
1 124 PRO n 
1 125 LYS n 
1 126 ILE n 
1 127 GLU n 
1 128 ASP n 
1 129 ARG n 
1 130 ALA n 
1 131 ASN n 
1 132 LEU n 
1 133 ILE n 
1 134 ALA n 
1 135 TYR n 
1 136 LEU n 
1 137 GLU n 
1 138 GLY n 
1 139 GLN n 
1 140 GLN n 
# 
_entity_src_gen.entity_id                          1 
_entity_src_gen.pdbx_src_id                        1 
_entity_src_gen.pdbx_alt_source_flag               sample 
_entity_src_gen.pdbx_seq_type                      ? 
_entity_src_gen.pdbx_beg_seq_num                   ? 
_entity_src_gen.pdbx_end_seq_num                   ? 
_entity_src_gen.gene_src_common_name               ? 
_entity_src_gen.gene_src_genus                     ? 
_entity_src_gen.pdbx_gene_src_gene                 cycM 
_entity_src_gen.gene_src_species                   ? 
_entity_src_gen.gene_src_strain                    ? 
_entity_src_gen.gene_src_tissue                    ? 
_entity_src_gen.gene_src_tissue_fraction           ? 
_entity_src_gen.gene_src_details                   ? 
_entity_src_gen.pdbx_gene_src_fragment             ? 
_entity_src_gen.pdbx_gene_src_scientific_name      'Paracoccus denitrificans' 
_entity_src_gen.pdbx_gene_src_ncbi_taxonomy_id     266 
_entity_src_gen.pdbx_gene_src_variant              ? 
_entity_src_gen.pdbx_gene_src_cell_line            ? 
_entity_src_gen.pdbx_gene_src_atcc                 ? 
_entity_src_gen.pdbx_gene_src_organ                ? 
_entity_src_gen.pdbx_gene_src_organelle            ? 
_entity_src_gen.pdbx_gene_src_cell                 ? 
_entity_src_gen.pdbx_gene_src_cellular_location    ? 
_entity_src_gen.host_org_common_name               ? 
_entity_src_gen.pdbx_host_org_scientific_name      'Escherichia coli' 
_entity_src_gen.pdbx_host_org_ncbi_taxonomy_id     562 
_entity_src_gen.host_org_genus                     ? 
_entity_src_gen.pdbx_host_org_gene                 ? 
_entity_src_gen.pdbx_host_org_organ                ? 
_entity_src_gen.host_org_species                   ? 
_entity_src_gen.pdbx_host_org_tissue               ? 
_entity_src_gen.pdbx_host_org_tissue_fraction      ? 
_entity_src_gen.pdbx_host_org_strain               ? 
_entity_src_gen.pdbx_host_org_variant              ? 
_entity_src_gen.pdbx_host_org_cell_line            ? 
_entity_src_gen.pdbx_host_org_atcc                 ? 
_entity_src_gen.pdbx_host_org_culture_collection   ? 
_entity_src_gen.pdbx_host_org_cell                 ? 
_entity_src_gen.pdbx_host_org_organelle            ? 
_entity_src_gen.pdbx_host_org_cellular_location    ? 
_entity_src_gen.pdbx_host_org_vector_type          ? 
_entity_src_gen.pdbx_host_org_vector               ? 
_entity_src_gen.host_org_details                   ? 
_entity_src_gen.expression_system_id               ? 
_entity_src_gen.plasmid_name                       ? 
_entity_src_gen.plasmid_details                    ? 
_entity_src_gen.pdbx_description                   ? 
# 
_struct_ref.id                         1 
_struct_ref.db_name                    UNP 
_struct_ref.db_code                    CY552_PARDE 
_struct_ref.pdbx_db_accession          P54820 
_struct_ref.entity_id                  1 
_struct_ref.pdbx_seq_one_letter_code   
;GHGAEGEEHAQAYTYPVESAGGAEGEAVDEGPDFATVLASADPAAGEKVFGKCKACHKLDGNDGVGPHLNGVVGRTVAGV
DGFNYSDPMKAHGGDWTPEALQEFLTNPKAVVKGTKMAFAGLPKIEDRANLIAYLEGQQ
;
_struct_ref.pdbx_align_begin           38 
_struct_ref.pdbx_db_isoform            ? 
# 
_struct_ref_seq.align_id                      1 
_struct_ref_seq.ref_id                        1 
_struct_ref_seq.pdbx_PDB_id_code              3M97 
_struct_ref_seq.pdbx_strand_id                X 
_struct_ref_seq.seq_align_beg                 2 
_struct_ref_seq.pdbx_seq_align_beg_ins_code   ? 
_struct_ref_seq.seq_align_end                 140 
_struct_ref_seq.pdbx_seq_align_end_ins_code   ? 
_struct_ref_seq.pdbx_db_accession             P54820 
_struct_ref_seq.db_align_beg                  38 
_struct_ref_seq.pdbx_db_align_beg_ins_code    ? 
_struct_ref_seq.db_align_end                  176 
_struct_ref_seq.pdbx_db_align_end_ins_code    ? 
_struct_ref_seq.pdbx_auth_seq_align_beg       2 
_struct_ref_seq.pdbx_auth_seq_align_end       140 
# 
_struct_ref_seq_dif.align_id                     1 
_struct_ref_seq_dif.pdbx_pdb_id_code             3M97 
_struct_ref_seq_dif.mon_id                       MET 
_struct_ref_seq_dif.pdbx_pdb_strand_id           X 
_struct_ref_seq_dif.seq_num                      1 
_struct_ref_seq_dif.pdbx_pdb_ins_code            ? 
_struct_ref_seq_dif.pdbx_seq_db_name             UNP 
_struct_ref_seq_dif.pdbx_seq_db_accession_code   P54820 
_struct_ref_seq_dif.db_mon_id                    ? 
_struct_ref_seq_dif.pdbx_seq_db_seq_num          ? 
_struct_ref_seq_dif.details                      'initiating methionine' 
_struct_ref_seq_dif.pdbx_auth_seq_num            1 
_struct_ref_seq_dif.pdbx_ordinal                 1 
# 
loop_
_chem_comp.id 
_chem_comp.type 
_chem_comp.mon_nstd_flag 
_chem_comp.name 
_chem_comp.pdbx_synonyms 
_chem_comp.formula 
_chem_comp.formula_weight 
ALA 'L-peptide linking' y ALANINE         ? 'C3 H7 N O2'       89.093  
ARG 'L-peptide linking' y ARGININE        ? 'C6 H15 N4 O2 1'   175.209 
ASN 'L-peptide linking' y ASPARAGINE      ? 'C4 H8 N2 O3'      132.118 
ASP 'L-peptide linking' y 'ASPARTIC ACID' ? 'C4 H7 N O4'       133.103 
CYS 'L-peptide linking' y CYSTEINE        ? 'C3 H7 N O2 S'     121.158 
GLN 'L-peptide linking' y GLUTAMINE       ? 'C5 H10 N2 O3'     146.144 
GLU 'L-peptide linking' y 'GLUTAMIC ACID' ? 'C5 H9 N O4'       147.129 
GLY 'peptide linking'   y GLYCINE         ? 'C2 H5 N O2'       75.067  
HEC non-polymer         . 'HEME C'        ? 'C34 H34 Fe N4 O4' 618.503 
HIS 'L-peptide linking' y HISTIDINE       ? 'C6 H10 N3 O2 1'   156.162 
HOH non-polymer         . WATER           ? 'H2 O'             18.015  
ILE 'L-peptide linking' y ISOLEUCINE      ? 'C6 H13 N O2'      131.173 
LEU 'L-peptide linking' y LEUCINE         ? 'C6 H13 N O2'      131.173 
LYS 'L-peptide linking' y LYSINE          ? 'C6 H15 N2 O2 1'   147.195 
MET 'L-peptide linking' y METHIONINE      ? 'C5 H11 N O2 S'    149.211 
PHE 'L-peptide linking' y PHENYLALANINE   ? 'C9 H11 N O2'      165.189 
PRO 'L-peptide linking' y PROLINE         ? 'C5 H9 N O2'       115.130 
SER 'L-peptide linking' y SERINE          ? 'C3 H7 N O3'       105.093 
THR 'L-peptide linking' y THREONINE       ? 'C4 H9 N O3'       119.119 
TRP 'L-peptide linking' y TRYPTOPHAN      ? 'C11 H12 N2 O2'    204.225 
TYR 'L-peptide linking' y TYROSINE        ? 'C9 H11 N O3'      181.189 
VAL 'L-peptide linking' y VALINE          ? 'C5 H11 N O2'      117.146 
ZN  non-polymer         . 'ZINC ION'      ? 'Zn 2'             65.409  
# 
_exptl.entry_id          3M97 
_exptl.method            'X-RAY DIFFRACTION' 
_exptl.crystals_number   1 
# 
_exptl_crystal.id                    1 
_exptl_crystal.density_meas          ? 
_exptl_crystal.density_Matthews      2.33 
_exptl_crystal.density_percent_sol   47.32 
_exptl_crystal.description           ? 
_exptl_crystal.F_000                 ? 
_exptl_crystal.preparation           ? 
# 
_exptl_crystal_grow.crystal_id      1 
_exptl_crystal_grow.method          'VAPOR DIFFUSION, HANGING DROP' 
_exptl_crystal_grow.temp            298 
_exptl_crystal_grow.temp_details    ? 
_exptl_crystal_grow.pH              7.0 
_exptl_crystal_grow.pdbx_pH_range   ? 
_exptl_crystal_grow.pdbx_details    '20 % PEG 550 MME, 0.1 M Zinc sulfate, pH 7.0, VAPOR DIFFUSION, HANGING DROP, temperature 298K' 
# 
_diffrn.id                     1 
_diffrn.ambient_temp           ? 
_diffrn.ambient_temp_details   ? 
_diffrn.crystal_id             1 
# 
_diffrn_detector.diffrn_id              1 
_diffrn_detector.detector               CCD 
_diffrn_detector.type                   ? 
_diffrn_detector.pdbx_collection_date   ? 
_diffrn_detector.details                ? 
# 
_diffrn_radiation.diffrn_id                        1 
_diffrn_radiation.wavelength_id                    1 
_diffrn_radiation.pdbx_monochromatic_or_laue_m_l   M 
_diffrn_radiation.monochromator                    ? 
_diffrn_radiation.pdbx_diffrn_protocol             'SINGLE WAVELENGTH' 
_diffrn_radiation.pdbx_scattering_type             x-ray 
# 
_diffrn_radiation_wavelength.id           1 
_diffrn_radiation_wavelength.wavelength   . 
_diffrn_radiation_wavelength.wt           1.0 
# 
_diffrn_source.diffrn_id                   1 
_diffrn_source.source                      SYNCHROTRON 
_diffrn_source.type                        'SLS BEAMLINE X10SA' 
_diffrn_source.pdbx_synchrotron_site       SLS 
_diffrn_source.pdbx_synchrotron_beamline   X10SA 
_diffrn_source.pdbx_wavelength             ? 
_diffrn_source.pdbx_wavelength_list        ? 
# 
_reflns.entry_id                     3M97 
_reflns.observed_criterion_sigma_I   ? 
_reflns.observed_criterion_sigma_F   ? 
_reflns.d_resolution_low             29.13 
_reflns.d_resolution_high            1.33 
_reflns.number_obs                   31610 
_reflns.number_all                   31610 
_reflns.percent_possible_obs         ? 
_reflns.pdbx_Rmerge_I_obs            0.110 
_reflns.pdbx_Rsym_value              0.110 
_reflns.pdbx_netI_over_sigmaI        ? 
_reflns.B_iso_Wilson_estimate        ? 
_reflns.pdbx_redundancy              6.3 
_reflns.R_free_details               ? 
_reflns.limit_h_max                  ? 
_reflns.limit_h_min                  ? 
_reflns.limit_k_max                  ? 
_reflns.limit_k_min                  ? 
_reflns.limit_l_max                  ? 
_reflns.limit_l_min                  ? 
_reflns.observed_criterion_F_max     ? 
_reflns.observed_criterion_F_min     ? 
_reflns.pdbx_chi_squared             ? 
_reflns.pdbx_scaling_rejects         ? 
_reflns.pdbx_diffrn_id               1 
_reflns.pdbx_ordinal                 1 
# 
_reflns_shell.d_res_high             1.33 
_reflns_shell.d_res_low              ? 
_reflns_shell.percent_possible_all   99.2 
_reflns_shell.Rmerge_I_obs           0.110 
_reflns_shell.pdbx_Rsym_value        ? 
_reflns_shell.meanI_over_sigI_obs    29.79 
_reflns_shell.pdbx_redundancy        6.3 
_reflns_shell.percent_possible_obs   ? 
_reflns_shell.number_unique_all      ? 
_reflns_shell.number_measured_all    ? 
_reflns_shell.number_measured_obs    ? 
_reflns_shell.number_unique_obs      ? 
_reflns_shell.pdbx_chi_squared       ? 
_reflns_shell.pdbx_diffrn_id         ? 
_reflns_shell.pdbx_ordinal           1 
# 
_refine.pdbx_refine_id                           'X-RAY DIFFRACTION' 
_refine.entry_id                                 3M97 
_refine.ls_number_reflns_obs                     30027 
_refine.ls_number_reflns_all                     ? 
_refine.pdbx_ls_sigma_I                          ? 
_refine.pdbx_ls_sigma_F                          . 
_refine.pdbx_data_cutoff_high_absF               ? 
_refine.pdbx_data_cutoff_low_absF                ? 
_refine.pdbx_data_cutoff_high_rms_absF           ? 
_refine.ls_d_res_low                             29.13 
_refine.ls_d_res_high                            1.332 
_refine.ls_percent_reflns_obs                    100.00 
_refine.ls_R_factor_obs                          0.20103 
_refine.ls_R_factor_all                          ? 
_refine.ls_R_factor_R_work                       0.19956 
_refine.ls_R_factor_R_free                       0.22906 
_refine.ls_R_factor_R_free_error                 ? 
_refine.ls_R_factor_R_free_error_details         ? 
_refine.ls_percent_reflns_R_free                 5.0 
_refine.ls_number_reflns_R_free                  1583 
_refine.ls_number_parameters                     ? 
_refine.ls_number_restraints                     ? 
_refine.occupancy_min                            1.00 
_refine.occupancy_max                            1.00 
_refine.correlation_coeff_Fo_to_Fc               0.960 
_refine.correlation_coeff_Fo_to_Fc_free          0.944 
_refine.B_iso_mean                               17.768 
_refine.aniso_B[1][1]                            -0.01 
_refine.aniso_B[2][2]                            0.02 
_refine.aniso_B[3][3]                            -0.01 
_refine.aniso_B[1][2]                            0.00 
_refine.aniso_B[1][3]                            0.00 
_refine.aniso_B[2][3]                            0.00 
_refine.solvent_model_details                    'BABINET MODEL WITH MASK' 
_refine.solvent_model_param_ksol                 ? 
_refine.solvent_model_param_bsol                 ? 
_refine.pdbx_solvent_vdw_probe_radii             1.40 
_refine.pdbx_solvent_ion_probe_radii             0.80 
_refine.pdbx_solvent_shrinkage_radii             0.80 
_refine.pdbx_ls_cross_valid_method               THROUGHOUT 
_refine.details                                  
'HYDROGENS HAVE BEEN ADDED IN THE RIDING POSITIONS U VALUES      : REFINED INDIVIDUALLY' 
_refine.pdbx_starting_model                      'PDB ENTRY 1QL4' 
_refine.pdbx_method_to_determine_struct          'MOLECULAR REPLACEMENT' 
_refine.pdbx_isotropic_thermal_model             ? 
_refine.pdbx_stereochemistry_target_values       'MAXIMUM LIKELIHOOD' 
_refine.pdbx_stereochem_target_val_spec_case     ? 
_refine.pdbx_R_Free_selection_details            RANDOM 
_refine.pdbx_overall_ESU_R                       0.057 
_refine.pdbx_overall_ESU_R_Free                  0.061 
_refine.overall_SU_ML                            0.047 
_refine.pdbx_overall_phase_error                 ? 
_refine.overall_SU_B                             1.210 
_refine.overall_SU_R_Cruickshank_DPI             ? 
_refine.pdbx_overall_SU_R_free_Cruickshank_DPI   ? 
_refine.pdbx_overall_SU_R_Blow_DPI               ? 
_refine.pdbx_overall_SU_R_free_Blow_DPI          ? 
_refine.ls_redundancy_reflns_obs                 ? 
_refine.B_iso_min                                ? 
_refine.B_iso_max                                ? 
_refine.overall_SU_R_free                        ? 
_refine.ls_wR_factor_R_free                      ? 
_refine.ls_wR_factor_R_work                      ? 
_refine.overall_FOM_free_R_set                   ? 
_refine.overall_FOM_work_R_set                   ? 
_refine.pdbx_diffrn_id                           1 
_refine.pdbx_TLS_residual_ADP_flag               ? 
# 
_refine_hist.pdbx_refine_id                   'X-RAY DIFFRACTION' 
_refine_hist.cycle_id                         LAST 
_refine_hist.pdbx_number_atoms_protein        866 
_refine_hist.pdbx_number_atoms_nucleic_acid   0 
_refine_hist.pdbx_number_atoms_ligand         47 
_refine_hist.number_atoms_solvent             227 
_refine_hist.number_atoms_total               1140 
_refine_hist.d_res_high                       1.332 
_refine_hist.d_res_low                        29.13 
# 
loop_
_refine_ls_restr.type 
_refine_ls_restr.dev_ideal 
_refine_ls_restr.dev_ideal_target 
_refine_ls_restr.weight 
_refine_ls_restr.number 
_refine_ls_restr.pdbx_refine_id 
_refine_ls_restr.pdbx_restraint_function 
r_bond_refined_d             0.037  0.022  ? 943  'X-RAY DIFFRACTION' ? 
r_bond_other_d               ?      ?      ? ?    'X-RAY DIFFRACTION' ? 
r_angle_refined_deg          3.339  2.093  ? 1287 'X-RAY DIFFRACTION' ? 
r_angle_other_deg            ?      ?      ? ?    'X-RAY DIFFRACTION' ? 
r_dihedral_angle_1_deg       5.670  5.000  ? 117  'X-RAY DIFFRACTION' ? 
r_dihedral_angle_2_deg       38.588 25.750 ? 40   'X-RAY DIFFRACTION' ? 
r_dihedral_angle_3_deg       13.905 15.000 ? 139  'X-RAY DIFFRACTION' ? 
r_dihedral_angle_4_deg       10.608 15.000 ? 2    'X-RAY DIFFRACTION' ? 
r_chiral_restr               0.195  0.200  ? 126  'X-RAY DIFFRACTION' ? 
r_gen_planes_refined         0.022  0.021  ? 741  'X-RAY DIFFRACTION' ? 
r_gen_planes_other           ?      ?      ? ?    'X-RAY DIFFRACTION' ? 
r_nbd_refined                ?      ?      ? ?    'X-RAY DIFFRACTION' ? 
r_nbd_other                  ?      ?      ? ?    'X-RAY DIFFRACTION' ? 
r_nbtor_refined              ?      ?      ? ?    'X-RAY DIFFRACTION' ? 
r_nbtor_other                ?      ?      ? ?    'X-RAY DIFFRACTION' ? 
r_xyhbond_nbd_refined        ?      ?      ? ?    'X-RAY DIFFRACTION' ? 
r_xyhbond_nbd_other          ?      ?      ? ?    'X-RAY DIFFRACTION' ? 
r_metal_ion_refined          ?      ?      ? ?    'X-RAY DIFFRACTION' ? 
r_metal_ion_other            ?      ?      ? ?    'X-RAY DIFFRACTION' ? 
r_symmetry_vdw_refined       ?      ?      ? ?    'X-RAY DIFFRACTION' ? 
r_symmetry_vdw_other         ?      ?      ? ?    'X-RAY DIFFRACTION' ? 
r_symmetry_hbond_refined     ?      ?      ? ?    'X-RAY DIFFRACTION' ? 
r_symmetry_hbond_other       ?      ?      ? ?    'X-RAY DIFFRACTION' ? 
r_symmetry_metal_ion_refined ?      ?      ? ?    'X-RAY DIFFRACTION' ? 
r_symmetry_metal_ion_other   ?      ?      ? ?    'X-RAY DIFFRACTION' ? 
r_mcbond_it                  1.711  1.500  ? 583  'X-RAY DIFFRACTION' ? 
r_mcbond_other               ?      ?      ? ?    'X-RAY DIFFRACTION' ? 
r_mcangle_it                 2.580  2.000  ? 915  'X-RAY DIFFRACTION' ? 
r_scbond_it                  3.297  3.000  ? 360  'X-RAY DIFFRACTION' ? 
r_scangle_it                 4.667  4.500  ? 372  'X-RAY DIFFRACTION' ? 
r_rigid_bond_restr           ?      ?      ? ?    'X-RAY DIFFRACTION' ? 
r_sphericity_free            ?      ?      ? ?    'X-RAY DIFFRACTION' ? 
r_sphericity_bonded          ?      ?      ? ?    'X-RAY DIFFRACTION' ? 
# 
_refine_ls_shell.pdbx_refine_id                   'X-RAY DIFFRACTION' 
_refine_ls_shell.pdbx_total_number_of_bins_used   20 
_refine_ls_shell.d_res_high                       1.332 
_refine_ls_shell.d_res_low                        1.367 
_refine_ls_shell.number_reflns_R_work             1986 
_refine_ls_shell.R_factor_R_work                  0.429 
_refine_ls_shell.percent_reflns_obs               100.00 
_refine_ls_shell.R_factor_R_free                  0.468 
_refine_ls_shell.R_factor_R_free_error            ? 
_refine_ls_shell.percent_reflns_R_free            ? 
_refine_ls_shell.number_reflns_R_free             105 
_refine_ls_shell.number_reflns_all                ? 
_refine_ls_shell.R_factor_all                     ? 
_refine_ls_shell.redundancy_reflns_obs            ? 
_refine_ls_shell.number_reflns_obs                ? 
# 
_struct.entry_id                  3M97 
_struct.title                     
'Structure of the soluble domain of cytochrome c552 with its flexible linker segment from Paracoccus denitrificans' 
_struct.pdbx_model_details        ? 
_struct.pdbx_CASP_flag            ? 
_struct.pdbx_model_type_details   ? 
# 
_struct_keywords.entry_id        3M97 
_struct_keywords.pdbx_keywords   'ELECTRON TRANSPORT' 
_struct_keywords.text            
;Electron transport chain (cytochrome), Electron transfer, P. denitrificans, electron donor, Cell membrane, Electron transport, Heme, Iron, Membrane, Metal-binding, Transmembrane, Transport
;
# 
loop_
_struct_asym.id 
_struct_asym.pdbx_blank_PDB_chainid_flag 
_struct_asym.pdbx_modified 
_struct_asym.entity_id 
_struct_asym.details 
A N N 1 ? 
B N N 2 ? 
C N N 3 ? 
D N N 3 ? 
E N N 3 ? 
F N N 3 ? 
G N N 4 ? 
# 
_struct_biol.id        1 
_struct_biol.details   ? 
# 
loop_
_struct_conf.conf_type_id 
_struct_conf.id 
_struct_conf.pdbx_PDB_helix_id 
_struct_conf.beg_label_comp_id 
_struct_conf.beg_label_asym_id 
_struct_conf.beg_label_seq_id 
_struct_conf.pdbx_beg_PDB_ins_code 
_struct_conf.end_label_comp_id 
_struct_conf.end_label_asym_id 
_struct_conf.end_label_seq_id 
_struct_conf.pdbx_end_PDB_ins_code 
_struct_conf.beg_auth_comp_id 
_struct_conf.beg_auth_asym_id 
_struct_conf.beg_auth_seq_id 
_struct_conf.end_auth_comp_id 
_struct_conf.end_auth_asym_id 
_struct_conf.end_auth_seq_id 
_struct_conf.pdbx_PDB_helix_class 
_struct_conf.details 
_struct_conf.pdbx_PDB_helix_length 
HELX_P HELX_P1 1 ASP A 34  ? SER A 41  ? ASP X 34  SER X 41  1 ? 8  
HELX_P HELX_P2 2 ASP A 43  ? PHE A 51  ? ASP X 43  PHE X 51  1 ? 9  
HELX_P HELX_P3 3 GLY A 52  ? CYS A 54  ? GLY X 52  CYS X 54  5 ? 3  
HELX_P HELX_P4 4 SER A 87  ? HIS A 93  ? SER X 87  HIS X 93  1 ? 7  
HELX_P HELX_P5 5 THR A 98  ? ASN A 108 ? THR X 98  ASN X 108 1 ? 11 
HELX_P HELX_P6 6 ASN A 108 ? VAL A 113 ? ASN X 108 VAL X 113 1 ? 6  
HELX_P HELX_P7 7 LYS A 125 ? GLY A 138 ? LYS X 125 GLY X 138 1 ? 14 
# 
_struct_conf_type.id          HELX_P 
_struct_conf_type.criteria    ? 
_struct_conf_type.reference   ? 
# 
loop_
_struct_conn.id 
_struct_conn.conn_type_id 
_struct_conn.pdbx_leaving_atom_flag 
_struct_conn.pdbx_PDB_id 
_struct_conn.ptnr1_label_asym_id 
_struct_conn.ptnr1_label_comp_id 
_struct_conn.ptnr1_label_seq_id 
_struct_conn.ptnr1_label_atom_id 
_struct_conn.pdbx_ptnr1_label_alt_id 
_struct_conn.pdbx_ptnr1_PDB_ins_code 
_struct_conn.pdbx_ptnr1_standard_comp_id 
_struct_conn.ptnr1_symmetry 
_struct_conn.ptnr2_label_asym_id 
_struct_conn.ptnr2_label_comp_id 
_struct_conn.ptnr2_label_seq_id 
_struct_conn.ptnr2_label_atom_id 
_struct_conn.pdbx_ptnr2_label_alt_id 
_struct_conn.pdbx_ptnr2_PDB_ins_code 
_struct_conn.ptnr1_auth_asym_id 
_struct_conn.ptnr1_auth_comp_id 
_struct_conn.ptnr1_auth_seq_id 
_struct_conn.ptnr2_auth_asym_id 
_struct_conn.ptnr2_auth_comp_id 
_struct_conn.ptnr2_auth_seq_id 
_struct_conn.ptnr2_symmetry 
_struct_conn.pdbx_ptnr3_label_atom_id 
_struct_conn.pdbx_ptnr3_label_seq_id 
_struct_conn.pdbx_ptnr3_label_comp_id 
_struct_conn.pdbx_ptnr3_label_asym_id 
_struct_conn.pdbx_ptnr3_label_alt_id 
_struct_conn.pdbx_ptnr3_PDB_ins_code 
_struct_conn.details 
_struct_conn.pdbx_dist_value 
_struct_conn.pdbx_value_order 
_struct_conn.pdbx_role 
metalc1 metalc ? ? A HIS 58  NE2 ? ? ? 1_555 B HEC . FE ? ? X HIS 58  X HEC 141 1_555 ? ? ? ? ? ? ? 1.965 ? ? 
metalc2 metalc ? ? A HIS 69  NE2 ? ? ? 1_555 C ZN  . ZN ? ? X HIS 69  X ZN  142 1_555 ? ? ? ? ? ? ? 1.993 ? ? 
metalc3 metalc ? ? A ASP 82  OD2 ? ? ? 1_555 D ZN  . ZN ? ? X ASP 82  X ZN  143 1_555 ? ? ? ? ? ? ? 1.860 ? ? 
metalc4 metalc ? ? A ASP 88  OD1 ? ? ? 1_555 E ZN  . ZN ? ? X ASP 88  X ZN  144 1_555 ? ? ? ? ? ? ? 2.017 ? ? 
metalc5 metalc ? ? A HIS 93  NE2 ? ? ? 1_555 F ZN  . ZN ? ? X HIS 93  X ZN  145 1_555 ? ? ? ? ? ? ? 2.017 ? ? 
metalc6 metalc ? ? A MET 118 SD  ? ? ? 1_555 B HEC . FE ? ? X MET 118 X HEC 141 1_555 ? ? ? ? ? ? ? 2.329 ? ? 
metalc7 metalc ? ? C ZN  .   ZN  ? ? ? 1_555 G HOH . O  ? ? X ZN  142 X HOH 199 1_555 ? ? ? ? ? ? ? 2.209 ? ? 
metalc8 metalc ? ? C ZN  .   ZN  ? ? ? 1_555 G HOH . O  ? ? X ZN  142 X HOH 334 1_555 ? ? ? ? ? ? ? 2.331 ? ? 
metalc9 metalc ? ? F ZN  .   ZN  ? ? ? 1_555 G HOH . O  ? ? X ZN  145 X HOH 244 1_555 ? ? ? ? ? ? ? 2.032 ? ? 
# 
_struct_conn_type.id          metalc 
_struct_conn_type.criteria    ? 
_struct_conn_type.reference   ? 
# 
loop_
_struct_site.id 
_struct_site.pdbx_evidence_code 
_struct_site.pdbx_auth_asym_id 
_struct_site.pdbx_auth_comp_id 
_struct_site.pdbx_auth_seq_id 
_struct_site.pdbx_auth_ins_code 
_struct_site.pdbx_num_residues 
_struct_site.details 
AC1 Software X HEC 141 ? 20 'BINDING SITE FOR RESIDUE HEC X 141' 
AC2 Software X ZN  142 ? 5  'BINDING SITE FOR RESIDUE ZN X 142'  
AC3 Software X ZN  143 ? 4  'BINDING SITE FOR RESIDUE ZN X 143'  
AC4 Software X ZN  144 ? 4  'BINDING SITE FOR RESIDUE ZN X 144'  
AC5 Software X ZN  145 ? 4  'BINDING SITE FOR RESIDUE ZN X 145'  
# 
loop_
_struct_site_gen.id 
_struct_site_gen.site_id 
_struct_site_gen.pdbx_num_res 
_struct_site_gen.label_comp_id 
_struct_site_gen.label_asym_id 
_struct_site_gen.label_seq_id 
_struct_site_gen.pdbx_auth_ins_code 
_struct_site_gen.auth_comp_id 
_struct_site_gen.auth_asym_id 
_struct_site_gen.auth_seq_id 
_struct_site_gen.label_atom_id 
_struct_site_gen.label_alt_id 
_struct_site_gen.symmetry 
_struct_site_gen.details 
1  AC1 20 LYS A 53  ? LYS X 53  . ? 1_555 ? 
2  AC1 20 CYS A 54  ? CYS X 54  . ? 1_555 ? 
3  AC1 20 CYS A 57  ? CYS X 57  . ? 1_555 ? 
4  AC1 20 HIS A 58  ? HIS X 58  . ? 1_555 ? 
5  AC1 20 VAL A 66  ? VAL X 66  . ? 1_555 ? 
6  AC1 20 PRO A 68  ? PRO X 68  . ? 1_555 ? 
7  AC1 20 ARG A 76  ? ARG X 76  . ? 1_555 ? 
8  AC1 20 ALA A 79  ? ALA X 79  . ? 1_555 ? 
9  AC1 20 PHE A 84  ? PHE X 84  . ? 1_555 ? 
10 AC1 20 TYR A 86  ? TYR X 86  . ? 1_555 ? 
11 AC1 20 SER A 87  ? SER X 87  . ? 1_555 ? 
12 AC1 20 TRP A 97  ? TRP X 97  . ? 1_555 ? 
13 AC1 20 LEU A 102 ? LEU X 102 . ? 1_555 ? 
14 AC1 20 THR A 116 ? THR X 116 . ? 1_555 ? 
15 AC1 20 LYS A 117 ? LYS X 117 . ? 1_555 ? 
16 AC1 20 MET A 118 ? MET X 118 . ? 1_555 ? 
17 AC1 20 ALA A 119 ? ALA X 119 . ? 1_555 ? 
18 AC1 20 PHE A 120 ? PHE X 120 . ? 1_555 ? 
19 AC1 20 LEU A 132 ? LEU X 132 . ? 1_555 ? 
20 AC1 20 HOH G .   ? HOH X 255 . ? 1_555 ? 
21 AC2 5  GLU A 9   ? GLU X 9   . ? 1_455 ? 
22 AC2 5  HIS A 69  ? HIS X 69  . ? 1_555 ? 
23 AC2 5  HOH G .   ? HOH X 199 . ? 1_555 ? 
24 AC2 5  HOH G .   ? HOH X 246 . ? 1_455 ? 
25 AC2 5  HOH G .   ? HOH X 334 . ? 1_555 ? 
26 AC3 4  GLU A 8   ? GLU X 8   . ? 1_455 ? 
27 AC3 4  HIS A 10  ? HIS X 10  . ? 1_455 ? 
28 AC3 4  ASP A 82  ? ASP X 82  . ? 1_555 ? 
29 AC3 4  GLU A 127 ? GLU X 127 . ? 1_455 ? 
30 AC4 4  HIS A 3   ? HIS X 3   . ? 1_455 ? 
31 AC4 4  ASP A 88  ? ASP X 88  . ? 1_555 ? 
32 AC4 4  GLU A 100 ? GLU X 100 . ? 4_445 ? 
33 AC4 4  GLU A 104 ? GLU X 104 . ? 4_445 ? 
34 AC5 4  MET A 1   ? MET X 1   . ? 4_445 ? 
35 AC5 4  GLU A 6   ? GLU X 6   . ? 4_445 ? 
36 AC5 4  HIS A 93  ? HIS X 93  . ? 1_555 ? 
37 AC5 4  HOH G .   ? HOH X 244 . ? 1_555 ? 
# 
_atom_sites.entry_id                    3M97 
_atom_sites.fract_transf_matrix[1][1]   0.01460226 
_atom_sites.fract_transf_matrix[1][2]   0.01780085 
_atom_sites.fract_transf_matrix[1][3]   -0.01362842 
_atom_sites.fract_transf_matrix[2][1]   -0.01860922 
_atom_sites.fract_transf_matrix[2][2]   0.01742211 
_atom_sites.fract_transf_matrix[2][3]   0.00281704 
_atom_sites.fract_transf_matrix[3][1]   0.00450576 
_atom_sites.fract_transf_matrix[3][2]   0.00332908 
_atom_sites.fract_transf_matrix[3][3]   0.00917602 
_atom_sites.fract_transf_vector[1]      -0.059414 
_atom_sites.fract_transf_vector[2]      -0.192717 
_atom_sites.fract_transf_vector[3]      0.132577 
# 
loop_
_atom_type.symbol 
C  
FE 
N  
O  
S  
ZN 
# 
loop_
_atom_site.group_PDB 
_atom_site.id 
_atom_site.type_symbol 
_atom_site.label_atom_id 
_atom_site.label_alt_id 
_atom_site.label_comp_id 
_atom_site.label_asym_id 
_atom_site.label_entity_id 
_atom_site.label_seq_id 
_atom_site.pdbx_PDB_ins_code 
_atom_site.Cartn_x 
_atom_site.Cartn_y 
_atom_site.Cartn_z 
_atom_site.occupancy 
_atom_site.B_iso_or_equiv 
_atom_site.pdbx_formal_charge 
_atom_site.auth_seq_id 
_atom_site.auth_comp_id 
_atom_site.auth_asym_id 
_atom_site.auth_atom_id 
_atom_site.pdbx_PDB_model_num 
ATOM   1    N  N   . MET A 1 1   ? 2.925   7.541   -21.296 1.00 11.78 ? 1   MET X N   1 
ATOM   2    C  CA  . MET A 1 1   ? 1.789   7.990   -22.176 1.00 13.41 ? 1   MET X CA  1 
ATOM   3    C  C   . MET A 1 1   ? 0.983   8.798   -21.250 1.00 13.94 ? 1   MET X C   1 
ATOM   4    O  O   . MET A 1 1   ? 1.003   8.555   -19.974 1.00 12.94 ? 1   MET X O   1 
ATOM   5    C  CB  . MET A 1 1   ? 0.844   6.893   -22.639 1.00 12.35 ? 1   MET X CB  1 
ATOM   6    C  CG  . MET A 1 1   ? 1.527   5.745   -23.435 1.00 11.79 ? 1   MET X CG  1 
ATOM   7    S  SD  . MET A 1 1   ? 2.713   4.598   -22.866 1.00 11.70 ? 1   MET X SD  1 
ATOM   8    C  CE  . MET A 1 1   ? 1.599   3.595   -21.845 1.00 13.20 ? 1   MET X CE  1 
ATOM   9    N  N   . GLY A 1 2   ? 0.350   9.750   -21.915 1.00 13.57 ? 2   GLY X N   1 
ATOM   10   C  CA  . GLY A 1 2   ? -0.514  10.705  -21.308 1.00 13.06 ? 2   GLY X CA  1 
ATOM   11   C  C   . GLY A 1 2   ? 0.201   11.979  -20.942 1.00 14.85 ? 2   GLY X C   1 
ATOM   12   O  O   . GLY A 1 2   ? 1.394   12.102  -21.034 1.00 16.15 ? 2   GLY X O   1 
ATOM   13   N  N   . HIS A 1 3   ? -0.592  13.008  -20.673 1.00 13.05 ? 3   HIS X N   1 
ATOM   14   C  CA  . HIS A 1 3   ? -0.004  14.371  -20.441 1.00 15.60 ? 3   HIS X CA  1 
ATOM   15   C  C   . HIS A 1 3   ? -0.104  14.697  -18.964 1.00 16.17 ? 3   HIS X C   1 
ATOM   16   O  O   . HIS A 1 3   ? -0.645  15.762  -18.573 1.00 20.55 ? 3   HIS X O   1 
ATOM   17   C  CB  . HIS A 1 3   ? -0.748  15.398  -21.309 1.00 15.63 ? 3   HIS X CB  1 
ATOM   18   C  CG  . HIS A 1 3   ? -0.514  15.231  -22.794 1.00 14.80 ? 3   HIS X CG  1 
ATOM   19   N  ND1 . HIS A 1 3   ? -1.311  15.866  -23.724 1.00 20.16 ? 3   HIS X ND1 1 
ATOM   20   C  CD2 . HIS A 1 3   ? 0.412   14.519  -23.528 1.00 12.92 ? 3   HIS X CD2 1 
ATOM   21   C  CE1 . HIS A 1 3   ? -0.893  15.590  -24.953 1.00 15.27 ? 3   HIS X CE1 1 
ATOM   22   N  NE2 . HIS A 1 3   ? 0.126   14.733  -24.894 1.00 11.14 ? 3   HIS X NE2 1 
ATOM   23   N  N   . GLY A 1 4   ? 0.389   13.790  -18.162 1.00 14.67 ? 4   GLY X N   1 
ATOM   24   C  CA  . GLY A 1 4   ? 0.569   14.095  -16.729 1.00 15.12 ? 4   GLY X CA  1 
ATOM   25   C  C   . GLY A 1 4   ? 1.955   13.763  -16.325 1.00 15.39 ? 4   GLY X C   1 
ATOM   26   O  O   . GLY A 1 4   ? 2.747   13.165  -17.083 1.00 14.76 ? 4   GLY X O   1 
ATOM   27   N  N   . ALA A 1 5   ? 2.301   14.134  -15.096 1.00 13.81 ? 5   ALA X N   1 
ATOM   28   C  CA  . ALA A 1 5   ? 3.672   13.927  -14.649 1.00 14.97 ? 5   ALA X CA  1 
ATOM   29   C  C   . ALA A 1 5   ? 4.015   12.479  -14.446 1.00 15.14 ? 5   ALA X C   1 
ATOM   30   O  O   . ALA A 1 5   ? 3.219   11.703  -13.805 1.00 17.31 ? 5   ALA X O   1 
ATOM   31   C  CB  . ALA A 1 5   ? 3.875   14.612  -13.282 1.00 14.78 ? 5   ALA X CB  1 
ATOM   32   N  N   . GLU A 1 6   ? 5.116   12.074  -14.995 1.00 13.82 ? 6   GLU X N   1 
ATOM   33   C  CA  . GLU A 1 6   ? 5.538   10.683  -14.892 1.00 13.44 ? 6   GLU X CA  1 
ATOM   34   C  C   . GLU A 1 6   ? 7.014   10.441  -14.543 1.00 11.64 ? 6   GLU X C   1 
ATOM   35   O  O   . GLU A 1 6   ? 7.442   9.266   -14.369 1.00 12.55 ? 6   GLU X O   1 
ATOM   36   C  CB  . GLU A 1 6   ? 5.272   9.991   -16.235 1.00 12.73 ? 6   GLU X CB  1 
ATOM   37   C  CG  . GLU A 1 6   ? 3.753   9.911   -16.431 1.00 13.97 ? 6   GLU X CG  1 
ATOM   38   C  CD  . GLU A 1 6   ? 3.470   9.077   -17.708 1.00 15.44 ? 6   GLU X CD  1 
ATOM   39   O  OE1 . GLU A 1 6   ? 3.990   9.397   -18.800 1.00 19.86 ? 6   GLU X OE1 1 
ATOM   40   O  OE2 . GLU A 1 6   ? 2.719   8.088   -17.597 1.00 12.44 ? 6   GLU X OE2 1 
ATOM   41   N  N   . GLY A 1 7   ? 7.831   11.483  -14.395 1.00 11.58 ? 7   GLY X N   1 
ATOM   42   C  CA  . GLY A 1 7   ? 9.213   11.254  -14.166 1.00 12.60 ? 7   GLY X CA  1 
ATOM   43   C  C   . GLY A 1 7   ? 9.489   10.783  -12.741 1.00 9.84  ? 7   GLY X C   1 
ATOM   44   O  O   . GLY A 1 7   ? 8.671   10.981  -11.851 1.00 14.04 ? 7   GLY X O   1 
ATOM   45   N  N   . GLU A 1 8   ? 10.608  10.106  -12.580 1.00 10.63 ? 8   GLU X N   1 
ATOM   46   C  CA  . GLU A 1 8   ? 11.051  9.813   -11.236 1.00 12.22 ? 8   GLU X CA  1 
ATOM   47   C  C   . GLU A 1 8   ? 12.507  10.087  -11.103 1.00 14.98 ? 8   GLU X C   1 
ATOM   48   O  O   . GLU A 1 8   ? 13.330  9.520   -11.859 1.00 15.99 ? 8   GLU X O   1 
ATOM   49   C  CB  . GLU A 1 8   ? 10.794  8.305   -10.983 1.00 12.96 ? 8   GLU X CB  1 
ATOM   50   C  CG  . GLU A 1 8   ? 11.335  7.731   -9.593  1.00 15.05 ? 8   GLU X CG  1 
ATOM   51   C  CD  . GLU A 1 8   ? 10.828  8.519   -8.393  1.00 13.65 ? 8   GLU X CD  1 
ATOM   52   O  OE1 . GLU A 1 8   ? 9.575   8.502   -8.210  1.00 15.33 ? 8   GLU X OE1 1 
ATOM   53   O  OE2 . GLU A 1 8   ? 11.682  9.116   -7.655  1.00 15.31 ? 8   GLU X OE2 1 
ATOM   54   N  N   . GLU A 1 9   ? 12.906  10.904  -10.127 1.00 15.73 ? 9   GLU X N   1 
ATOM   55   C  CA  . GLU A 1 9   ? 14.321  11.245  -10.083 1.00 19.00 ? 9   GLU X CA  1 
ATOM   56   C  C   . GLU A 1 9   ? 15.106  10.419  -9.107  1.00 19.71 ? 9   GLU X C   1 
ATOM   57   O  O   . GLU A 1 9   ? 16.322  10.514  -9.061  1.00 23.24 ? 9   GLU X O   1 
ATOM   58   C  CB  . GLU A 1 9   ? 14.457  12.738  -9.814  1.00 19.63 ? 9   GLU X CB  1 
ATOM   59   C  CG  . GLU A 1 9   ? 14.158  13.157  -8.465  1.00 21.73 ? 9   GLU X CG  1 
ATOM   60   C  CD  . GLU A 1 9   ? 14.437  14.650  -8.261  1.00 22.11 ? 9   GLU X CD  1 
ATOM   61   O  OE1 . GLU A 1 9   ? 13.476  15.407  -8.273  1.00 27.34 ? 9   GLU X OE1 1 
ATOM   62   O  OE2 . GLU A 1 9   ? 15.560  14.939  -7.945  1.00 26.46 ? 9   GLU X OE2 1 
ATOM   63   N  N   . HIS A 1 10  ? 14.461  9.638   -8.264  1.00 19.85 ? 10  HIS X N   1 
ATOM   64   C  CA  . HIS A 1 10  ? 15.135  8.910   -7.176  1.00 23.47 ? 10  HIS X CA  1 
ATOM   65   C  C   . HIS A 1 10  ? 15.422  7.426   -7.468  1.00 27.63 ? 10  HIS X C   1 
ATOM   66   O  O   . HIS A 1 10  ? 15.805  6.692   -6.564  1.00 29.71 ? 10  HIS X O   1 
ATOM   67   C  CB  . HIS A 1 10  ? 14.294  9.059   -5.908  1.00 22.99 ? 10  HIS X CB  1 
ATOM   68   C  CG  . HIS A 1 10  ? 14.037  10.494  -5.542  1.00 18.58 ? 10  HIS X CG  1 
ATOM   69   N  ND1 . HIS A 1 10  ? 12.850  11.136  -5.805  1.00 14.97 ? 10  HIS X ND1 1 
ATOM   70   C  CD2 . HIS A 1 10  ? 14.857  11.451  -5.010  1.00 19.36 ? 10  HIS X CD2 1 
ATOM   71   C  CE1 . HIS A 1 10  ? 12.920  12.392  -5.415  1.00 19.79 ? 10  HIS X CE1 1 
ATOM   72   N  NE2 . HIS A 1 10  ? 14.128  12.607  -4.951  1.00 21.83 ? 10  HIS X NE2 1 
ATOM   73   N  N   . ALA A 1 11  ? 15.243  7.024   -8.709  1.00 30.12 ? 11  ALA X N   1 
ATOM   74   C  CA  . ALA A 1 11  ? 15.430  5.619   -9.149  1.00 34.96 ? 11  ALA X CA  1 
ATOM   75   C  C   . ALA A 1 11  ? 16.854  4.893   -9.200  1.00 37.87 ? 11  ALA X C   1 
ATOM   76   O  O   . ALA A 1 11  ? 17.144  4.383   -10.245 1.00 38.01 ? 11  ALA X O   1 
ATOM   77   C  CB  . ALA A 1 11  ? 14.725  5.497   -10.560 1.00 35.14 ? 11  ALA X CB  1 
ATOM   78   N  N   . ASP A 1 34  ? 15.203  -0.550  -9.045  1.00 26.72 ? 34  ASP X N   1 
ATOM   79   C  CA  . ASP A 1 34  ? 15.214  -1.805  -8.307  1.00 25.94 ? 34  ASP X CA  1 
ATOM   80   C  C   . ASP A 1 34  ? 14.508  -1.440  -6.979  1.00 23.87 ? 34  ASP X C   1 
ATOM   81   O  O   . ASP A 1 34  ? 14.988  -0.576  -6.207  1.00 23.63 ? 34  ASP X O   1 
ATOM   82   C  CB  . ASP A 1 34  ? 16.624  -2.363  -8.087  1.00 27.12 ? 34  ASP X CB  1 
ATOM   83   C  CG  . ASP A 1 34  ? 16.602  -3.695  -7.404  1.00 33.44 ? 34  ASP X CG  1 
ATOM   84   O  OD1 . ASP A 1 34  ? 16.747  -3.729  -6.161  1.00 34.62 ? 34  ASP X OD1 1 
ATOM   85   O  OD2 . ASP A 1 34  ? 16.360  -4.725  -8.078  1.00 39.56 ? 34  ASP X OD2 1 
ATOM   86   N  N   . PHE A 1 35  ? 13.328  -2.007  -6.747  1.00 19.62 ? 35  PHE X N   1 
ATOM   87   C  CA  . PHE A 1 35  ? 12.563  -1.421  -5.649  1.00 17.43 ? 35  PHE X CA  1 
ATOM   88   C  C   . PHE A 1 35  ? 13.178  -1.884  -4.338  1.00 17.68 ? 35  PHE X C   1 
ATOM   89   O  O   . PHE A 1 35  ? 13.167  -1.132  -3.357  1.00 15.93 ? 35  PHE X O   1 
ATOM   90   C  CB  . PHE A 1 35  ? 11.069  -1.811  -5.718  1.00 16.04 ? 35  PHE X CB  1 
ATOM   91   C  CG  . PHE A 1 35  ? 10.326  -1.466  -4.457  1.00 12.30 ? 35  PHE X CG  1 
ATOM   92   C  CD1 . PHE A 1 35  ? 9.768   -0.214  -4.239  1.00 12.56 ? 35  PHE X CD1 1 
ATOM   93   C  CD2 . PHE A 1 35  ? 10.118  -2.472  -3.512  1.00 13.84 ? 35  PHE X CD2 1 
ATOM   94   C  CE1 . PHE A 1 35  ? 9.132   0.027   -2.975  1.00 13.21 ? 35  PHE X CE1 1 
ATOM   95   C  CE2 . PHE A 1 35  ? 9.549   -2.280  -2.352  1.00 13.13 ? 35  PHE X CE2 1 
ATOM   96   C  CZ  . PHE A 1 35  ? 9.001   -1.046  -2.042  1.00 12.84 ? 35  PHE X CZ  1 
ATOM   97   N  N   . ALA A 1 36  ? 13.707  -3.101  -4.352  1.00 15.90 ? 36  ALA X N   1 
ATOM   98   C  CA  . ALA A 1 36  ? 14.321  -3.696  -3.147  1.00 14.99 ? 36  ALA X CA  1 
ATOM   99   C  C   . ALA A 1 36  ? 15.456  -2.735  -2.655  1.00 15.07 ? 36  ALA X C   1 
ATOM   100  O  O   . ALA A 1 36  ? 15.657  -2.554  -1.449  1.00 14.38 ? 36  ALA X O   1 
ATOM   101  C  CB  . ALA A 1 36  ? 14.834  -5.132  -3.361  1.00 19.20 ? 36  ALA X CB  1 
ATOM   102  N  N   . THR A 1 37  ? 16.221  -2.213  -3.599  1.00 15.96 ? 37  THR X N   1 
ATOM   103  C  CA  . THR A 1 37  ? 17.337  -1.259  -3.306  1.00 16.91 ? 37  THR X CA  1 
ATOM   104  C  C   . THR A 1 37  ? 16.802  0.034   -2.665  1.00 16.16 ? 37  THR X C   1 
ATOM   105  O  O   . THR A 1 37  ? 17.376  0.571   -1.655  1.00 15.08 ? 37  THR X O   1 
ATOM   106  C  CB  . THR A 1 37  ? 18.234  -1.057  -4.624  1.00 17.76 ? 37  THR X CB  1 
ATOM   107  O  OG1 . THR A 1 37  ? 18.848  -2.349  -4.864  1.00 21.40 ? 37  THR X OG1 1 
ATOM   108  C  CG2 . THR A 1 37  ? 19.343  -0.004  -4.335  1.00 23.27 ? 37  THR X CG2 1 
ATOM   109  N  N   . VAL A 1 38  ? 15.720  0.597   -3.230  1.00 14.76 ? 38  VAL X N   1 
ATOM   110  C  CA  . VAL A 1 38  ? 15.042  1.782   -2.713  1.00 13.37 ? 38  VAL X CA  1 
ATOM   111  C  C   . VAL A 1 38  ? 14.529  1.486   -1.241  1.00 12.22 ? 38  VAL X C   1 
ATOM   112  O  O   . VAL A 1 38  ? 14.832  2.226   -0.356  1.00 11.52 ? 38  VAL X O   1 
ATOM   113  C  CB  . VAL A 1 38  ? 13.818  2.266   -3.576  1.00 15.33 ? 38  VAL X CB  1 
ATOM   114  C  CG1 . VAL A 1 38  ? 13.287  3.494   -3.025  1.00 16.20 ? 38  VAL X CG1 1 
ATOM   115  C  CG2 . VAL A 1 38  ? 14.255  2.401   -5.083  1.00 18.33 ? 38  VAL X CG2 1 
ATOM   116  N  N   . LEU A 1 39  ? 13.824  0.386   -1.066  1.00 10.51 ? 39  LEU X N   1 
ATOM   117  C  CA  . LEU A 1 39  ? 13.385  -0.004  0.243   1.00 8.47  ? 39  LEU X CA  1 
ATOM   118  C  C   . LEU A 1 39  ? 14.561  -0.139  1.293   1.00 9.52  ? 39  LEU X C   1 
ATOM   119  O  O   . LEU A 1 39  ? 14.335  0.126   2.488   1.00 10.90 ? 39  LEU X O   1 
ATOM   120  C  CB  . LEU A 1 39  ? 12.565  -1.310  0.135   1.00 10.77 ? 39  LEU X CB  1 
ATOM   121  C  CG  . LEU A 1 39  ? 12.043  -1.820  1.464   1.00 9.35  ? 39  LEU X CG  1 
ATOM   122  C  CD1 . LEU A 1 39  ? 11.035  -0.773  1.970   1.00 11.09 ? 39  LEU X CD1 1 
ATOM   123  C  CD2 . LEU A 1 39  ? 11.157  -3.040  1.145   1.00 11.86 ? 39  LEU X CD2 1 
ATOM   124  N  N   . ALA A 1 40  ? 15.678  -0.766  0.867   1.00 11.10 ? 40  ALA X N   1 
ATOM   125  C  CA  . ALA A 1 40  ? 16.690  -0.975  1.866   1.00 11.80 ? 40  ALA X CA  1 
ATOM   126  C  C   . ALA A 1 40  ? 17.251  0.300   2.461   1.00 9.93  ? 40  ALA X C   1 
ATOM   127  O  O   . ALA A 1 40  ? 17.703  0.302   3.648   1.00 11.65 ? 40  ALA X O   1 
ATOM   128  C  CB  . ALA A 1 40  ? 17.790  -1.668  1.179   1.00 11.43 ? 40  ALA X CB  1 
ATOM   129  N  N   . SER A 1 41  ? 17.154  1.393   1.691   1.00 12.89 ? 41  SER X N   1 
ATOM   130  C  CA  . SER A 1 41  ? 17.559  2.675   2.211   1.00 12.04 ? 41  SER X CA  1 
ATOM   131  C  C   . SER A 1 41  ? 16.410  3.616   2.541   1.00 10.64 ? 41  SER X C   1 
ATOM   132  O  O   . SER A 1 41  ? 16.548  4.892   2.646   1.00 14.24 ? 41  SER X O   1 
ATOM   133  C  CB  . SER A 1 41  ? 18.547  3.368   1.261   1.00 10.95 ? 41  SER X CB  1 
ATOM   134  O  OG  . SER A 1 41  ? 19.792  2.637   1.219   1.00 10.51 ? 41  SER X OG  1 
ATOM   135  N  N   . ALA A 1 42  ? 15.236  3.056   2.756   1.00 9.37  ? 42  ALA X N   1 
ATOM   136  C  CA  . ALA A 1 42  ? 14.065  3.925   3.026   1.00 9.66  ? 42  ALA X CA  1 
ATOM   137  C  C   . ALA A 1 42  ? 14.055  4.653   4.354   1.00 11.50 ? 42  ALA X C   1 
ATOM   138  O  O   . ALA A 1 42  ? 14.875  4.423   5.225   1.00 15.65 ? 42  ALA X O   1 
ATOM   139  C  CB  . ALA A 1 42  ? 12.798  3.080   2.850   1.00 11.86 ? 42  ALA X CB  1 
ATOM   140  N  N   . ASP A 1 43  ? 13.106  5.625   4.480   1.00 12.16 ? 43  ASP X N   1 
ATOM   141  C  CA  . ASP A 1 43  ? 13.075  6.443   5.662   1.00 15.18 ? 43  ASP X CA  1 
ATOM   142  C  C   . ASP A 1 43  ? 11.734  6.191   6.329   1.00 14.19 ? 43  ASP X C   1 
ATOM   143  O  O   . ASP A 1 43  ? 10.759  6.800   5.934   1.00 12.50 ? 43  ASP X O   1 
ATOM   144  C  CB  . ASP A 1 43  ? 13.169  7.894   5.116   1.00 15.90 ? 43  ASP X CB  1 
ATOM   145  C  CG  . ASP A 1 43  ? 13.081  9.001   6.184   1.00 24.79 ? 43  ASP X CG  1 
ATOM   146  O  OD1 . ASP A 1 43  ? 13.456  10.107  5.754   1.00 28.74 ? 43  ASP X OD1 1 
ATOM   147  O  OD2 . ASP A 1 43  ? 12.662  8.778   7.350   1.00 31.25 ? 43  ASP X OD2 1 
ATOM   148  N  N   . PRO A 1 44  ? 11.713  5.471   7.437   1.00 14.12 ? 44  PRO X N   1 
ATOM   149  C  CA  . PRO A 1 44  ? 10.416  5.185   8.073   1.00 15.43 ? 44  PRO X CA  1 
ATOM   150  C  C   . PRO A 1 44  ? 9.751   6.392   8.665   1.00 13.51 ? 44  PRO X C   1 
ATOM   151  O  O   . PRO A 1 44  ? 8.512   6.451   8.679   1.00 14.29 ? 44  PRO X O   1 
ATOM   152  C  CB  . PRO A 1 44  ? 10.771  4.099   9.121   1.00 17.11 ? 44  PRO X CB  1 
ATOM   153  C  CG  . PRO A 1 44  ? 12.206  4.256   9.367   1.00 14.53 ? 44  PRO X CG  1 
ATOM   154  C  CD  . PRO A 1 44  ? 12.823  4.714   8.049   1.00 15.53 ? 44  PRO X CD  1 
ATOM   155  N  N   . ALA A 1 45  ? 10.529  7.404   9.106   1.00 11.24 ? 45  ALA X N   1 
ATOM   156  C  CA  . ALA A 1 45  ? 9.768   8.602   9.537   1.00 11.94 ? 45  ALA X CA  1 
ATOM   157  C  C   . ALA A 1 45  ? 9.109   9.348   8.417   1.00 12.53 ? 45  ALA X C   1 
ATOM   158  O  O   . ALA A 1 45  ? 8.035   9.982   8.593   1.00 14.38 ? 45  ALA X O   1 
ATOM   159  C  CB  . ALA A 1 45  ? 10.727  9.572   10.315  1.00 15.12 ? 45  ALA X CB  1 
ATOM   160  N  N   . ALA A 1 46  ? 9.717   9.332   7.214   1.00 11.26 ? 46  ALA X N   1 
ATOM   161  C  CA  . ALA A 1 46  ? 9.067   9.883   6.079   1.00 11.65 ? 46  ALA X CA  1 
ATOM   162  C  C   . ALA A 1 46  ? 7.795   9.020   5.737   1.00 11.17 ? 46  ALA X C   1 
ATOM   163  O  O   . ALA A 1 46  ? 6.719   9.584   5.455   1.00 11.96 ? 46  ALA X O   1 
ATOM   164  C  CB  . ALA A 1 46  ? 10.050  9.863   4.890   1.00 14.68 ? 46  ALA X CB  1 
ATOM   165  N  N   . GLY A 1 47  ? 7.889   7.726   5.912   1.00 10.53 ? 47  GLY X N   1 
ATOM   166  C  CA  . GLY A 1 47  ? 6.747   6.820   5.657   1.00 8.48  ? 47  GLY X CA  1 
ATOM   167  C  C   . GLY A 1 47  ? 5.613   7.151   6.627   1.00 10.67 ? 47  GLY X C   1 
ATOM   168  O  O   . GLY A 1 47  ? 4.358   7.060   6.274   1.00 10.59 ? 47  GLY X O   1 
ATOM   169  N  N   . GLU A 1 48  ? 5.992   7.444   7.888   1.00 11.41 ? 48  GLU X N   1 
ATOM   170  C  CA  . GLU A 1 48  ? 4.976   7.787   8.889   1.00 10.19 ? 48  GLU X CA  1 
ATOM   171  C  C   . GLU A 1 48  ? 4.173   8.973   8.445   1.00 12.01 ? 48  GLU X C   1 
ATOM   172  O  O   . GLU A 1 48  ? 2.971   8.987   8.683   1.00 10.75 ? 48  GLU X O   1 
ATOM   173  C  CB  . GLU A 1 48  ? 5.702   8.140   10.220  1.00 10.69 ? 48  GLU X CB  1 
ATOM   174  C  CG  . GLU A 1 48  ? 4.835   8.600   11.386  1.00 11.46 ? 48  GLU X CG  1 
ATOM   175  C  CD  . GLU A 1 48  ? 5.746   8.728   12.645  1.00 18.33 ? 48  GLU X CD  1 
ATOM   176  O  OE1 . GLU A 1 48  ? 6.586   9.633   12.637  1.00 21.95 ? 48  GLU X OE1 1 
ATOM   177  O  OE2 . GLU A 1 48  ? 5.760   7.826   13.540  1.00 21.30 ? 48  GLU X OE2 1 
ATOM   178  N  N   . LYS A 1 49  ? 4.801   9.918   7.743   1.00 11.68 ? 49  LYS X N   1 
ATOM   179  C  CA  . LYS A 1 49  ? 4.001   11.046  7.179   1.00 10.09 ? 49  LYS X CA  1 
ATOM   180  C  C   . LYS A 1 49  ? 3.155   10.664  5.941   1.00 9.84  ? 49  LYS X C   1 
ATOM   181  O  O   . LYS A 1 49  ? 1.998   11.162  5.866   1.00 11.42 ? 49  LYS X O   1 
ATOM   182  C  CB  . LYS A 1 49  ? 4.979   12.183  6.809   1.00 12.17 ? 49  LYS X CB  1 
ATOM   183  C  CG  . LYS A 1 49  ? 5.637   12.867  8.127   1.00 19.34 ? 49  LYS X CG  1 
ATOM   184  C  CD  . LYS A 1 49  ? 4.533   13.884  8.816   1.00 28.48 ? 49  LYS X CD  1 
ATOM   185  C  CE  . LYS A 1 49  ? 4.823   14.668  10.196  1.00 36.68 ? 49  LYS X CE  1 
ATOM   186  N  NZ  . LYS A 1 49  ? 5.950   15.665  10.130  1.00 44.40 ? 49  LYS X NZ  1 
ATOM   187  N  N   . VAL A 1 50  ? 3.716   9.879   5.034   1.00 12.76 ? 50  VAL X N   1 
ATOM   188  C  CA  . VAL A 1 50  ? 2.918   9.361   3.844   1.00 11.46 ? 50  VAL X CA  1 
ATOM   189  C  C   . VAL A 1 50  ? 1.658   8.662   4.327   1.00 10.53 ? 50  VAL X C   1 
ATOM   190  O  O   . VAL A 1 50  ? 0.562   8.850   3.713   1.00 12.56 ? 50  VAL X O   1 
ATOM   191  C  CB  . VAL A 1 50  ? 3.759   8.351   3.070   1.00 10.25 ? 50  VAL X CB  1 
ATOM   192  C  CG1 . VAL A 1 50  ? 2.980   7.760   1.983   1.00 12.30 ? 50  VAL X CG1 1 
ATOM   193  C  CG2 . VAL A 1 50  ? 5.071   9.030   2.525   1.00 13.18 ? 50  VAL X CG2 1 
ATOM   194  N  N   . PHE A 1 51  ? 1.732   7.965   5.481   1.00 11.41 ? 51  PHE X N   1 
ATOM   195  C  CA  . PHE A 1 51  ? 0.504   7.247   5.921   1.00 8.35  ? 51  PHE X CA  1 
ATOM   196  C  C   . PHE A 1 51  ? -0.668  8.160   6.295   1.00 7.92  ? 51  PHE X C   1 
ATOM   197  O  O   . PHE A 1 51  ? -1.775  7.719   6.373   1.00 9.75  ? 51  PHE X O   1 
ATOM   198  C  CB  . PHE A 1 51  ? 0.934   6.328   7.160   1.00 9.39  ? 51  PHE X CB  1 
ATOM   199  C  CG  . PHE A 1 51  ? -0.135  5.328   7.502   1.00 9.64  ? 51  PHE X CG  1 
ATOM   200  C  CD1 . PHE A 1 51  ? -0.971  5.621   8.598   1.00 11.53 ? 51  PHE X CD1 1 
ATOM   201  C  CD2 . PHE A 1 51  ? -0.360  4.164   6.753   1.00 8.74  ? 51  PHE X CD2 1 
ATOM   202  C  CE1 . PHE A 1 51  ? -2.019  4.733   8.959   1.00 11.44 ? 51  PHE X CE1 1 
ATOM   203  C  CE2 . PHE A 1 51  ? -1.404  3.303   7.089   1.00 10.84 ? 51  PHE X CE2 1 
ATOM   204  C  CZ  . PHE A 1 51  ? -2.280  3.663   8.188   1.00 10.98 ? 51  PHE X CZ  1 
ATOM   205  N  N   . GLY A 1 52  ? -0.313  9.389   6.574   1.00 8.38  ? 52  GLY X N   1 
ATOM   206  C  CA  . GLY A 1 52  ? -1.449  10.372  6.765   1.00 8.18  ? 52  GLY X CA  1 
ATOM   207  C  C   . GLY A 1 52  ? -2.464  10.317  5.632   1.00 11.18 ? 52  GLY X C   1 
ATOM   208  O  O   . GLY A 1 52  ? -3.620  10.629  5.845   1.00 12.69 ? 52  GLY X O   1 
ATOM   209  N  N   . LYS A 1 53  ? -2.036  9.970   4.420   1.00 10.74 ? 53  LYS X N   1 
ATOM   210  C  CA  . LYS A 1 53  ? -2.928  9.834   3.232   1.00 11.33 ? 53  LYS X CA  1 
ATOM   211  C  C   . LYS A 1 53  ? -3.830  8.622   3.341   1.00 11.87 ? 53  LYS X C   1 
ATOM   212  O  O   . LYS A 1 53  ? -4.645  8.421   2.453   1.00 14.15 ? 53  LYS X O   1 
ATOM   213  C  CB  . LYS A 1 53  ? -2.170  9.710   1.912   1.00 10.56 ? 53  LYS X CB  1 
ATOM   214  C  CG  . LYS A 1 53  ? -1.360  10.999  1.581   1.00 17.15 ? 53  LYS X CG  1 
ATOM   215  C  CD  . LYS A 1 53  ? -0.419  10.773  0.360   1.00 22.32 ? 53  LYS X CD  1 
ATOM   216  C  CE  . LYS A 1 53  ? 0.464   11.983  -0.044  1.00 24.55 ? 53  LYS X CE  1 
ATOM   217  N  NZ  . LYS A 1 53  ? 0.516   11.914  -1.577  1.00 25.24 ? 53  LYS X NZ  1 
ATOM   218  N  N   . CYS A 1 54  ? -3.641  7.776   4.347   1.00 9.30  ? 54  CYS X N   1 
ATOM   219  C  CA  . CYS A 1 54  ? -4.456  6.546   4.387   1.00 8.02  ? 54  CYS X CA  1 
ATOM   220  C  C   . CYS A 1 54  ? -5.266  6.445   5.623   1.00 9.89  ? 54  CYS X C   1 
ATOM   221  O  O   . CYS A 1 54  ? -6.168  5.648   5.677   1.00 10.58 ? 54  CYS X O   1 
ATOM   222  C  CB  . CYS A 1 54  ? -3.405  5.460   4.613   1.00 9.76  ? 54  CYS X CB  1 
ATOM   223  S  SG  . CYS A 1 54  ? -1.822  5.322   3.644   1.00 10.70 ? 54  CYS X SG  1 
ATOM   224  N  N   . LYS A 1 55  ? -5.029  7.363   6.566   1.00 12.29 ? 55  LYS X N   1 
ATOM   225  C  CA  . LYS A 1 55  ? -5.708  7.277   7.909   1.00 12.36 ? 55  LYS X CA  1 
ATOM   226  C  C   . LYS A 1 55  ? -7.266  7.549   7.814   1.00 11.38 ? 55  LYS X C   1 
ATOM   227  O  O   . LYS A 1 55  ? -7.962  7.045   8.706   1.00 14.32 ? 55  LYS X O   1 
ATOM   228  C  CB  . LYS A 1 55  ? -5.044  8.342   8.900   1.00 11.18 ? 55  LYS X CB  1 
ATOM   229  C  CG  . LYS A 1 55  ? -3.650  8.032   9.262   1.00 12.76 ? 55  LYS X CG  1 
ATOM   230  C  CD  . LYS A 1 55  ? -3.207  9.259   10.252  1.00 11.64 ? 55  LYS X CD  1 
ATOM   231  C  CE  . LYS A 1 55  ? -1.737  9.009   10.492  1.00 11.67 ? 55  LYS X CE  1 
ATOM   232  N  NZ  . LYS A 1 55  ? -1.236  10.110  11.390  1.00 9.56  ? 55  LYS X NZ  1 
ATOM   233  N  N   . ALA A 1 56  ? -7.767  8.148   6.750   1.00 11.73 ? 56  ALA X N   1 
ATOM   234  C  CA  . ALA A 1 56  ? -9.248  8.408   6.687   1.00 13.63 ? 56  ALA X CA  1 
ATOM   235  C  C   . ALA A 1 56  ? -9.892  7.005   6.600   1.00 15.32 ? 56  ALA X C   1 
ATOM   236  O  O   . ALA A 1 56  ? -11.050 6.781   7.052   1.00 15.61 ? 56  ALA X O   1 
ATOM   237  C  CB  . ALA A 1 56  ? -9.595  9.197   5.453   1.00 17.67 ? 56  ALA X CB  1 
ATOM   238  N  N   . CYS A 1 57  ? -9.120  6.042   6.058   1.00 10.18 ? 57  CYS X N   1 
ATOM   239  C  CA  . CYS A 1 57  ? -9.723  4.726   5.743   1.00 10.84 ? 57  CYS X CA  1 
ATOM   240  C  C   . CYS A 1 57  ? -9.127  3.568   6.509   1.00 10.24 ? 57  CYS X C   1 
ATOM   241  O  O   . CYS A 1 57  ? -9.814  2.541   6.639   1.00 12.97 ? 57  CYS X O   1 
ATOM   242  C  CB  . CYS A 1 57  ? -9.692  4.448   4.206   1.00 9.80  ? 57  CYS X CB  1 
ATOM   243  S  SG  . CYS A 1 57  ? -10.530 5.734   3.352   1.00 13.41 ? 57  CYS X SG  1 
ATOM   244  N  N   . HIS A 1 58  ? -7.862  3.688   6.958   1.00 9.82  ? 58  HIS X N   1 
ATOM   245  C  CA  . HIS A 1 58  ? -7.078  2.589   7.506   1.00 10.26 ? 58  HIS X CA  1 
ATOM   246  C  C   . HIS A 1 58  ? -6.448  2.966   8.858   1.00 10.58 ? 58  HIS X C   1 
ATOM   247  O  O   . HIS A 1 58  ? -5.886  4.087   8.966   1.00 11.22 ? 58  HIS X O   1 
ATOM   248  C  CB  . HIS A 1 58  ? -5.912  2.208   6.584   1.00 10.55 ? 58  HIS X CB  1 
ATOM   249  C  CG  . HIS A 1 58  ? -6.297  1.644   5.265   1.00 7.69  ? 58  HIS X CG  1 
ATOM   250  N  ND1 . HIS A 1 58  ? -6.828  0.388   5.156   1.00 9.65  ? 58  HIS X ND1 1 
ATOM   251  C  CD2 . HIS A 1 58  ? -6.258  2.136   3.974   1.00 10.89 ? 58  HIS X CD2 1 
ATOM   252  C  CE1 . HIS A 1 58  ? -7.051  0.110   3.884   1.00 9.76  ? 58  HIS X CE1 1 
ATOM   253  N  NE2 . HIS A 1 58  ? -6.670  1.116   3.138   1.00 9.59  ? 58  HIS X NE2 1 
ATOM   254  N  N   . LYS A 1 59  ? -6.608  2.088   9.855   1.00 10.98 ? 59  LYS X N   1 
ATOM   255  C  CA  . LYS A 1 59  ? -6.010  2.339   11.163  1.00 12.52 ? 59  LYS X CA  1 
ATOM   256  C  C   . LYS A 1 59  ? -4.861  1.365   11.411  1.00 13.31 ? 59  LYS X C   1 
ATOM   257  O  O   . LYS A 1 59  ? -4.682  0.388   10.655  1.00 13.59 ? 59  LYS X O   1 
ATOM   258  C  CB  . LYS A 1 59  ? -7.047  2.108   12.236  1.00 11.30 ? 59  LYS X CB  1 
ATOM   259  C  CG  . LYS A 1 59  ? -8.387  2.915   12.086  1.00 13.56 ? 59  LYS X CG  1 
ATOM   260  C  CD  . LYS A 1 59  ? -8.036  4.382   11.954  1.00 19.31 ? 59  LYS X CD  1 
ATOM   261  C  CE  . LYS A 1 59  ? -9.244  5.222   11.682  1.00 23.95 ? 59  LYS X CE  1 
ATOM   262  N  NZ  . LYS A 1 59  ? -8.821  6.617   11.477  1.00 23.86 ? 59  LYS X NZ  1 
ATOM   263  N  N   . LEU A 1 60  ? -4.059  1.622   12.470  1.00 11.10 ? 60  LEU X N   1 
ATOM   264  C  CA  . LEU A 1 60  ? -2.915  0.785   12.820  1.00 9.82  ? 60  LEU X CA  1 
ATOM   265  C  C   . LEU A 1 60  ? -3.050  0.256   14.263  1.00 10.04 ? 60  LEU X C   1 
ATOM   266  O  O   . LEU A 1 60  ? -2.065  -0.336  14.759  1.00 12.72 ? 60  LEU X O   1 
ATOM   267  C  CB  . LEU A 1 60  ? -1.595  1.562   12.707  1.00 10.65 ? 60  LEU X CB  1 
ATOM   268  C  CG  . LEU A 1 60  ? -1.293  2.034   11.283  1.00 10.24 ? 60  LEU X CG  1 
ATOM   269  C  CD1 . LEU A 1 60  ? -0.175  3.113   11.284  1.00 12.07 ? 60  LEU X CD1 1 
ATOM   270  C  CD2 . LEU A 1 60  ? -0.884  0.884   10.399  1.00 13.94 ? 60  LEU X CD2 1 
ATOM   271  N  N   . ASP A 1 61  ? -4.297  0.281   14.761  1.00 12.76 ? 61  ASP X N   1 
ATOM   272  C  CA  . ASP A 1 61  ? -4.590  -0.227  16.141  1.00 9.27  ? 61  ASP X CA  1 
ATOM   273  C  C   . ASP A 1 61  ? -5.519  -1.470  16.035  1.00 12.50 ? 61  ASP X C   1 
ATOM   274  O  O   . ASP A 1 61  ? -6.271  -1.736  17.017  1.00 14.09 ? 61  ASP X O   1 
ATOM   275  C  CB  . ASP A 1 61  ? -5.258  0.952   16.948  1.00 13.18 ? 61  ASP X CB  1 
ATOM   276  C  CG  . ASP A 1 61  ? -6.530  1.434   16.380  1.00 15.14 ? 61  ASP X CG  1 
ATOM   277  O  OD1 . ASP A 1 61  ? -7.055  0.924   15.346  1.00 15.21 ? 61  ASP X OD1 1 
ATOM   278  O  OD2 . ASP A 1 61  ? -7.049  2.452   16.949  1.00 18.81 ? 61  ASP X OD2 1 
ATOM   279  N  N   . GLY A 1 62  ? -5.581  -2.140  14.874  1.00 11.92 ? 62  GLY X N   1 
ATOM   280  C  CA  . GLY A 1 62  ? -6.521  -3.257  14.696  1.00 10.88 ? 62  GLY X CA  1 
ATOM   281  C  C   . GLY A 1 62  ? -7.988  -2.849  14.385  1.00 11.08 ? 62  GLY X C   1 
ATOM   282  O  O   . GLY A 1 62  ? -8.781  -3.793  14.063  1.00 12.80 ? 62  GLY X O   1 
ATOM   283  N  N   . ASN A 1 63  ? -8.428  -1.587  14.354  1.00 13.45 ? 63  ASN X N   1 
ATOM   284  C  CA  . ASN A 1 63  ? -9.774  -1.307  14.030  1.00 14.47 ? 63  ASN X CA  1 
ATOM   285  C  C   . ASN A 1 63  ? -10.005 -1.267  12.497  1.00 14.29 ? 63  ASN X C   1 
ATOM   286  O  O   . ASN A 1 63  ? -9.112  -0.878  11.714  1.00 13.11 ? 63  ASN X O   1 
ATOM   287  C  CB  . ASN A 1 63  ? -10.162 0.079   14.583  1.00 14.74 ? 63  ASN X CB  1 
ATOM   288  C  CG  . ASN A 1 63  ? -10.441 0.024   16.107  1.00 19.37 ? 63  ASN X CG  1 
ATOM   289  O  OD1 . ASN A 1 63  ? -9.753  0.662   16.918  1.00 23.86 ? 63  ASN X OD1 1 
ATOM   290  N  ND2 . ASN A 1 63  ? -11.423 -0.762  16.469  1.00 20.16 ? 63  ASN X ND2 1 
ATOM   291  N  N   . ASP A 1 64  ? -11.181 -1.742  12.089  1.00 13.38 ? 64  ASP X N   1 
ATOM   292  C  CA  . ASP A 1 64  ? -11.523 -1.731  10.678  1.00 12.52 ? 64  ASP X CA  1 
ATOM   293  C  C   . ASP A 1 64  ? -12.594 -0.678  10.440  1.00 12.07 ? 64  ASP X C   1 
ATOM   294  O  O   . ASP A 1 64  ? -13.545 -0.362  11.297  1.00 18.62 ? 64  ASP X O   1 
ATOM   295  C  CB  . ASP A 1 64  ? -12.077 -3.121  10.327  1.00 13.98 ? 64  ASP X CB  1 
ATOM   296  C  CG  . ASP A 1 64  ? -11.024 -4.210  10.590  1.00 16.42 ? 64  ASP X CG  1 
ATOM   297  O  OD1 . ASP A 1 64  ? -9.791  -4.018  10.341  1.00 15.38 ? 64  ASP X OD1 1 
ATOM   298  O  OD2 . ASP A 1 64  ? -11.397 -5.304  11.171  1.00 17.93 ? 64  ASP X OD2 1 
ATOM   299  N  N   . GLY A 1 65  ? -12.525 -0.085  9.255   1.00 12.01 ? 65  GLY X N   1 
ATOM   300  C  CA  . GLY A 1 65  ? -13.518 0.969   8.966   1.00 11.78 ? 65  GLY X CA  1 
ATOM   301  C  C   . GLY A 1 65  ? -13.819 0.972   7.474   1.00 13.16 ? 65  GLY X C   1 
ATOM   302  O  O   . GLY A 1 65  ? -14.177 -0.099  6.912   1.00 15.42 ? 65  GLY X O   1 
ATOM   303  N  N   . VAL A 1 66  ? -13.626 2.081   6.760   1.00 13.53 ? 66  VAL X N   1 
ATOM   304  C  CA  . VAL A 1 66  ? -13.808 2.035   5.261   1.00 10.81 ? 66  VAL X CA  1 
ATOM   305  C  C   . VAL A 1 66  ? -12.805 0.975   4.686   1.00 11.54 ? 66  VAL X C   1 
ATOM   306  O  O   . VAL A 1 66  ? -13.214 0.243   3.740   1.00 12.86 ? 66  VAL X O   1 
ATOM   307  C  CB  . VAL A 1 66  ? -13.484 3.368   4.652   1.00 10.24 ? 66  VAL X CB  1 
ATOM   308  C  CG1 . VAL A 1 66  ? -13.421 3.263   3.120   1.00 11.94 ? 66  VAL X CG1 1 
ATOM   309  C  CG2 . VAL A 1 66  ? -14.541 4.329   5.115   1.00 12.13 ? 66  VAL X CG2 1 
ATOM   310  N  N   . GLY A 1 67  ? -11.562 0.914   5.170   1.00 11.05 ? 67  GLY X N   1 
ATOM   311  C  CA  . GLY A 1 67  ? -10.615 -0.182  4.782   1.00 10.50 ? 67  GLY X CA  1 
ATOM   312  C  C   . GLY A 1 67  ? -10.280 -0.984  6.016   1.00 9.45  ? 67  GLY X C   1 
ATOM   313  O  O   . GLY A 1 67  ? -10.510 -0.517  7.177   1.00 11.55 ? 67  GLY X O   1 
ATOM   314  N  N   . PRO A 1 68  ? -9.538  -2.116  5.826   1.00 8.50  ? 68  PRO X N   1 
ATOM   315  C  CA  . PRO A 1 68  ? -9.190  -2.971  6.991   1.00 10.79 ? 68  PRO X CA  1 
ATOM   316  C  C   . PRO A 1 68  ? -7.987  -2.367  7.687   1.00 10.61 ? 68  PRO X C   1 
ATOM   317  O  O   . PRO A 1 68  ? -7.205  -1.610  7.118   1.00 11.25 ? 68  PRO X O   1 
ATOM   318  C  CB  . PRO A 1 68  ? -8.812  -4.277  6.351   1.00 10.59 ? 68  PRO X CB  1 
ATOM   319  C  CG  . PRO A 1 68  ? -8.323  -3.864  4.914   1.00 11.46 ? 68  PRO X CG  1 
ATOM   320  C  CD  . PRO A 1 68  ? -9.278  -2.756  4.538   1.00 10.19 ? 68  PRO X CD  1 
ATOM   321  N  N   . HIS A 1 69  ? -7.809  -2.714  8.969   1.00 10.91 ? 69  HIS X N   1 
ATOM   322  C  CA  . HIS A 1 69  ? -6.550  -2.241  9.650   1.00 8.71  ? 69  HIS X CA  1 
ATOM   323  C  C   . HIS A 1 69  ? -5.283  -2.718  8.877   1.00 10.46 ? 69  HIS X C   1 
ATOM   324  O  O   . HIS A 1 69  ? -5.302  -3.740  8.242   1.00 10.14 ? 69  HIS X O   1 
ATOM   325  C  CB  . HIS A 1 69  ? -6.559  -2.777  11.093  1.00 8.55  ? 69  HIS X CB  1 
ATOM   326  C  CG  . HIS A 1 69  ? -6.336  -4.291  11.259  1.00 10.38 ? 69  HIS X CG  1 
ATOM   327  N  ND1 . HIS A 1 69  ? -7.421  -5.142  11.126  1.00 12.00 ? 69  HIS X ND1 1 
ATOM   328  C  CD2 . HIS A 1 69  ? -5.240  -5.116  11.477  1.00 10.20 ? 69  HIS X CD2 1 
ATOM   329  C  CE1 . HIS A 1 69  ? -7.014  -6.394  11.230  1.00 8.75  ? 69  HIS X CE1 1 
ATOM   330  N  NE2 . HIS A 1 69  ? -5.721  -6.414  11.527  1.00 10.68 ? 69  HIS X NE2 1 
ATOM   331  N  N   . LEU A 1 70  ? -4.247  -1.880  8.949   1.00 10.72 ? 70  LEU X N   1 
ATOM   332  C  CA  . LEU A 1 70  ? -3.016  -2.204  8.240   1.00 11.25 ? 70  LEU X CA  1 
ATOM   333  C  C   . LEU A 1 70  ? -1.834  -2.518  9.140   1.00 11.04 ? 70  LEU X C   1 
ATOM   334  O  O   . LEU A 1 70  ? -0.823  -2.880  8.634   1.00 11.10 ? 70  LEU X O   1 
ATOM   335  C  CB  . LEU A 1 70  ? -2.647  -1.059  7.220   1.00 10.95 ? 70  LEU X CB  1 
ATOM   336  C  CG  . LEU A 1 70  ? -3.672  -0.862  6.074   1.00 10.76 ? 70  LEU X CG  1 
ATOM   337  C  CD1 . LEU A 1 70  ? -3.226  0.362   5.278   1.00 8.90  ? 70  LEU X CD1 1 
ATOM   338  C  CD2 . LEU A 1 70  ? -3.699  -2.139  5.203   1.00 12.11 ? 70  LEU X CD2 1 
ATOM   339  N  N   . ASN A 1 71  ? -2.049  -2.517  10.481  1.00 11.21 ? 71  ASN X N   1 
ATOM   340  C  CA  . ASN A 1 71  ? -0.975  -2.947  11.324  1.00 11.37 ? 71  ASN X CA  1 
ATOM   341  C  C   . ASN A 1 71  ? -0.932  -4.437  11.085  1.00 10.17 ? 71  ASN X C   1 
ATOM   342  O  O   . ASN A 1 71  ? -1.952  -5.143  11.085  1.00 10.93 ? 71  ASN X O   1 
ATOM   343  C  CB  . ASN A 1 71  ? -1.255  -2.662  12.799  1.00 11.03 ? 71  ASN X CB  1 
ATOM   344  C  CG  . ASN A 1 71  ? -2.605  -3.090  13.227  1.00 13.03 ? 71  ASN X CG  1 
ATOM   345  O  OD1 . ASN A 1 71  ? -3.582  -2.553  12.807  1.00 10.56 ? 71  ASN X OD1 1 
ATOM   346  N  ND2 . ASN A 1 71  ? -2.659  -4.003  14.226  1.00 17.21 ? 71  ASN X ND2 1 
ATOM   347  N  N   . GLY A 1 72  ? 0.264   -4.908  10.761  1.00 9.35  ? 72  GLY X N   1 
ATOM   348  C  CA  . GLY A 1 72  ? 0.641   -6.311  10.399  1.00 10.66 ? 72  GLY X CA  1 
ATOM   349  C  C   . GLY A 1 72  ? 0.275   -6.678  8.959   1.00 12.57 ? 72  GLY X C   1 
ATOM   350  O  O   . GLY A 1 72  ? 0.351   -7.886  8.568   1.00 11.91 ? 72  GLY X O   1 
ATOM   351  N  N   . VAL A 1 73  ? 0.054   -5.709  8.109   1.00 10.40 ? 73  VAL X N   1 
ATOM   352  C  CA  . VAL A 1 73  ? -0.220  -6.027  6.698   1.00 10.56 ? 73  VAL X CA  1 
ATOM   353  C  C   . VAL A 1 73  ? 0.985   -6.656  5.963   1.00 10.48 ? 73  VAL X C   1 
ATOM   354  O  O   . VAL A 1 73  ? 0.768   -7.440  4.993   1.00 11.35 ? 73  VAL X O   1 
ATOM   355  C  CB  . VAL A 1 73  ? -0.832  -4.854  5.898   1.00 11.21 ? 73  VAL X CB  1 
ATOM   356  C  CG1 . VAL A 1 73  ? 0.242   -3.764  5.642   1.00 10.81 ? 73  VAL X CG1 1 
ATOM   357  C  CG2 . VAL A 1 73  ? -1.440  -5.294  4.558   1.00 10.98 ? 73  VAL X CG2 1 
ATOM   358  N  N   . VAL A 1 74  ? 2.203   -6.242  6.299   1.00 10.28 ? 74  VAL X N   1 
ATOM   359  C  CA  . VAL A 1 74  ? 3.355   -6.743  5.540   1.00 11.34 ? 74  VAL X CA  1 
ATOM   360  C  C   . VAL A 1 74  ? 3.515   -8.241  5.810   1.00 13.84 ? 74  VAL X C   1 
ATOM   361  O  O   . VAL A 1 74  ? 3.661   -8.657  6.997   1.00 13.77 ? 74  VAL X O   1 
ATOM   362  C  CB  . VAL A 1 74  ? 4.628   -5.944  5.837   1.00 11.40 ? 74  VAL X CB  1 
ATOM   363  C  CG1 . VAL A 1 74  ? 5.736   -6.477  4.908   1.00 14.63 ? 74  VAL X CG1 1 
ATOM   364  C  CG2 . VAL A 1 74  ? 4.396   -4.408  5.703   1.00 12.47 ? 74  VAL X CG2 1 
ATOM   365  N  N   . GLY A 1 75  ? 3.356   -9.044  4.748   1.00 13.85 ? 75  GLY X N   1 
ATOM   366  C  CA  . GLY A 1 75  ? 3.299   -10.482 4.861   1.00 14.41 ? 75  GLY X CA  1 
ATOM   367  C  C   . GLY A 1 75  ? 1.958   -11.088 5.065   1.00 13.83 ? 75  GLY X C   1 
ATOM   368  O  O   . GLY A 1 75  ? 1.864   -12.296 5.096   1.00 17.55 ? 75  GLY X O   1 
ATOM   369  N  N   . ARG A 1 76  ? 0.907   -10.288 5.254   1.00 11.42 ? 76  ARG X N   1 
ATOM   370  C  CA  . ARG A 1 76  ? -0.401  -10.847 5.526   1.00 9.90  ? 76  ARG X CA  1 
ATOM   371  C  C   . ARG A 1 76  ? -1.051  -11.396 4.295   1.00 11.32 ? 76  ARG X C   1 
ATOM   372  O  O   . ARG A 1 76  ? -0.872  -10.896 3.188   1.00 11.30 ? 76  ARG X O   1 
ATOM   373  C  CB  . ARG A 1 76  ? -1.278  -9.719  6.097   1.00 11.49 ? 76  ARG X CB  1 
ATOM   374  C  CG  . ARG A 1 76  ? -2.529  -10.145 6.797   1.00 12.02 ? 76  ARG X CG  1 
ATOM   375  C  CD  . ARG A 1 76  ? -3.215  -8.994  7.551   1.00 10.76 ? 76  ARG X CD  1 
ATOM   376  N  NE  . ARG A 1 76  ? -3.721  -7.942  6.675   1.00 8.67  ? 76  ARG X NE  1 
ATOM   377  C  CZ  . ARG A 1 76  ? -4.086  -6.729  7.123   1.00 9.76  ? 76  ARG X CZ  1 
ATOM   378  N  NH1 . ARG A 1 76  ? -3.839  -6.407  8.431   1.00 10.29 ? 76  ARG X NH1 1 
ATOM   379  N  NH2 . ARG A 1 76  ? -4.685  -5.875  6.306   1.00 10.34 ? 76  ARG X NH2 1 
ATOM   380  N  N   . THR A 1 77  ? -1.861  -12.445 4.412   1.00 12.47 ? 77  THR X N   1 
ATOM   381  C  CA  . THR A 1 77  ? -2.699  -12.889 3.284   1.00 15.09 ? 77  THR X CA  1 
ATOM   382  C  C   . THR A 1 77  ? -3.483  -11.741 2.666   1.00 12.91 ? 77  THR X C   1 
ATOM   383  O  O   . THR A 1 77  ? -4.172  -10.978 3.399   1.00 14.22 ? 77  THR X O   1 
ATOM   384  C  CB  . THR A 1 77  ? -3.749  -13.899 3.821   1.00 18.57 ? 77  THR X CB  1 
ATOM   385  O  OG1 . THR A 1 77  ? -3.040  -14.863 4.597   1.00 22.17 ? 77  THR X OG1 1 
ATOM   386  C  CG2 . THR A 1 77  ? -4.423  -14.596 2.587   1.00 21.25 ? 77  THR X CG2 1 
ATOM   387  N  N   . VAL A 1 78  ? -3.534  -11.648 1.314   1.00 10.14 ? 78  VAL X N   1 
ATOM   388  C  CA  . VAL A 1 78  ? -4.348  -10.645 0.665   1.00 11.07 ? 78  VAL X CA  1 
ATOM   389  C  C   . VAL A 1 78  ? -5.758  -11.011 0.997   1.00 10.91 ? 78  VAL X C   1 
ATOM   390  O  O   . VAL A 1 78  ? -6.167  -12.208 0.884   1.00 11.26 ? 78  VAL X O   1 
ATOM   391  C  CB  . VAL A 1 78  ? -4.085  -10.698 -0.899  1.00 10.12 ? 78  VAL X CB  1 
ATOM   392  C  CG1 . VAL A 1 78  ? -5.034  -9.641  -1.616  1.00 10.70 ? 78  VAL X CG1 1 
ATOM   393  C  CG2 . VAL A 1 78  ? -2.526  -10.401 -1.178  1.00 11.54 ? 78  VAL X CG2 1 
ATOM   394  N  N   . ALA A 1 79  ? -6.532  -9.986  1.310   1.00 10.06 ? 79  ALA X N   1 
ATOM   395  C  CA  . ALA A 1 79  ? -8.012  -10.002 1.622   1.00 9.50  ? 79  ALA X CA  1 
ATOM   396  C  C   . ALA A 1 79  ? -8.290  -10.905 2.811   1.00 9.80  ? 79  ALA X C   1 
ATOM   397  O  O   . ALA A 1 79  ? -9.289  -11.658 2.774   1.00 13.13 ? 79  ALA X O   1 
ATOM   398  C  CB  . ALA A 1 79  ? -8.763  -10.505 0.360   1.00 12.20 ? 79  ALA X CB  1 
ATOM   399  N  N   . GLY A 1 80  ? -7.502  -10.754 3.875   1.00 10.26 ? 80  GLY X N   1 
ATOM   400  C  CA  . GLY A 1 80  ? -7.439  -11.773 4.985   1.00 11.72 ? 80  GLY X CA  1 
ATOM   401  C  C   . GLY A 1 80  ? -8.123  -11.213 6.219   1.00 12.81 ? 80  GLY X C   1 
ATOM   402  O  O   . GLY A 1 80  ? -8.442  -11.976 7.157   1.00 15.14 ? 80  GLY X O   1 
ATOM   403  N  N   . VAL A 1 81  ? -8.406  -9.909  6.347   1.00 12.44 ? 81  VAL X N   1 
ATOM   404  C  CA  . VAL A 1 81  ? -8.843  -9.366  7.685   1.00 11.65 ? 81  VAL X CA  1 
ATOM   405  C  C   . VAL A 1 81  ? -10.270 -9.886  7.956   1.00 12.65 ? 81  VAL X C   1 
ATOM   406  O  O   . VAL A 1 81  ? -11.229 -9.615  7.229   1.00 13.27 ? 81  VAL X O   1 
ATOM   407  C  CB  . VAL A 1 81  ? -8.858  -7.861  7.677   1.00 14.44 ? 81  VAL X CB  1 
ATOM   408  C  CG1 . VAL A 1 81  ? -9.569  -7.368  8.912   1.00 11.67 ? 81  VAL X CG1 1 
ATOM   409  C  CG2 . VAL A 1 81  ? -7.346  -7.445  7.738   1.00 13.05 ? 81  VAL X CG2 1 
ATOM   410  N  N   . ASP A 1 82  ? -10.388 -10.526 9.115   1.00 10.96 ? 82  ASP X N   1 
ATOM   411  C  CA  . ASP A 1 82  ? -11.740 -11.057 9.441   1.00 10.43 ? 82  ASP X CA  1 
ATOM   412  C  C   . ASP A 1 82  ? -12.804 -9.968  9.499   1.00 9.97  ? 82  ASP X C   1 
ATOM   413  O  O   . ASP A 1 82  ? -12.625 -8.863  10.082  1.00 12.88 ? 82  ASP X O   1 
ATOM   414  C  CB  . ASP A 1 82  ? -11.732 -11.617 10.898  1.00 10.70 ? 82  ASP X CB  1 
ATOM   415  C  CG  . ASP A 1 82  ? -10.605 -12.623 11.205  1.00 12.47 ? 82  ASP X CG  1 
ATOM   416  O  OD1 . ASP A 1 82  ? -9.771  -12.881 10.326  1.00 13.37 ? 82  ASP X OD1 1 
ATOM   417  O  OD2 . ASP A 1 82  ? -10.609 -13.258 12.345  1.00 12.10 ? 82  ASP X OD2 1 
ATOM   418  N  N   . GLY A 1 83  ? -13.956 -10.262 8.897   1.00 10.43 ? 83  GLY X N   1 
ATOM   419  C  CA  . GLY A 1 83  ? -15.066 -9.389  8.954   1.00 10.62 ? 83  GLY X CA  1 
ATOM   420  C  C   . GLY A 1 83  ? -15.116 -8.242  7.953   1.00 11.56 ? 83  GLY X C   1 
ATOM   421  O  O   . GLY A 1 83  ? -16.102 -7.521  7.844   1.00 13.77 ? 83  GLY X O   1 
ATOM   422  N  N   . PHE A 1 84  ? -13.984 -8.031  7.235   1.00 11.82 ? 84  PHE X N   1 
ATOM   423  C  CA  . PHE A 1 84  ? -13.968 -6.937  6.287   1.00 11.64 ? 84  PHE X CA  1 
ATOM   424  C  C   . PHE A 1 84  ? -14.491 -7.409  4.894   1.00 12.02 ? 84  PHE X C   1 
ATOM   425  O  O   . PHE A 1 84  ? -14.093 -8.397  4.370   1.00 13.25 ? 84  PHE X O   1 
ATOM   426  C  CB  . PHE A 1 84  ? -12.548 -6.349  6.095   1.00 12.49 ? 84  PHE X CB  1 
ATOM   427  C  CG  . PHE A 1 84  ? -12.547 -5.154  5.168   1.00 9.41  ? 84  PHE X CG  1 
ATOM   428  C  CD1 . PHE A 1 84  ? -12.921 -3.918  5.661   1.00 10.95 ? 84  PHE X CD1 1 
ATOM   429  C  CD2 . PHE A 1 84  ? -12.383 -5.300  3.827   1.00 10.34 ? 84  PHE X CD2 1 
ATOM   430  C  CE1 . PHE A 1 84  ? -13.010 -2.871  4.785   1.00 11.02 ? 84  PHE X CE1 1 
ATOM   431  C  CE2 . PHE A 1 84  ? -12.488 -4.210  2.932   1.00 11.23 ? 84  PHE X CE2 1 
ATOM   432  C  CZ  . PHE A 1 84  ? -12.825 -2.957  3.453   1.00 9.59  ? 84  PHE X CZ  1 
ATOM   433  N  N   . ASN A 1 85  ? -15.401 -6.651  4.315   1.00 11.41 ? 85  ASN X N   1 
ATOM   434  C  CA  . ASN A 1 85  ? -15.995 -7.036  3.039   1.00 12.07 ? 85  ASN X CA  1 
ATOM   435  C  C   . ASN A 1 85  ? -15.198 -6.567  1.830   1.00 11.93 ? 85  ASN X C   1 
ATOM   436  O  O   . ASN A 1 85  ? -15.384 -5.561  1.285   1.00 14.64 ? 85  ASN X O   1 
ATOM   437  C  CB  . ASN A 1 85  ? -17.414 -6.476  2.918   1.00 13.69 ? 85  ASN X CB  1 
ATOM   438  C  CG  . ASN A 1 85  ? -18.280 -7.319  1.912   1.00 18.59 ? 85  ASN X CG  1 
ATOM   439  O  OD1 . ASN A 1 85  ? -17.824 -8.297  1.333   1.00 23.33 ? 85  ASN X OD1 1 
ATOM   440  N  ND2 . ASN A 1 85  ? -19.522 -6.902  1.738   1.00 25.33 ? 85  ASN X ND2 1 
ATOM   441  N  N   . TYR A 1 86  ? -14.255 -7.412  1.438   1.00 10.26 ? 86  TYR X N   1 
ATOM   442  C  CA  . TYR A 1 86  ? -13.426 -7.090  0.262   1.00 11.12 ? 86  TYR X CA  1 
ATOM   443  C  C   . TYR A 1 86  ? -14.158 -7.241  -1.080  1.00 10.96 ? 86  TYR X C   1 
ATOM   444  O  O   . TYR A 1 86  ? -15.041 -8.086  -1.240  1.00 11.53 ? 86  TYR X O   1 
ATOM   445  C  CB  . TYR A 1 86  ? -12.258 -8.118  0.224   1.00 8.90  ? 86  TYR X CB  1 
ATOM   446  C  CG  . TYR A 1 86  ? -11.226 -7.939  1.384   1.00 10.30 ? 86  TYR X CG  1 
ATOM   447  C  CD1 . TYR A 1 86  ? -10.219 -6.979  1.295   1.00 10.83 ? 86  TYR X CD1 1 
ATOM   448  C  CD2 . TYR A 1 86  ? -11.301 -8.731  2.539   1.00 6.66  ? 86  TYR X CD2 1 
ATOM   449  C  CE1 . TYR A 1 86  ? -9.328  -6.818  2.319   1.00 10.81 ? 86  TYR X CE1 1 
ATOM   450  C  CE2 . TYR A 1 86  ? -10.441 -8.516  3.596   1.00 9.74  ? 86  TYR X CE2 1 
ATOM   451  C  CZ  . TYR A 1 86  ? -9.402  -7.596  3.496   1.00 9.87  ? 86  TYR X CZ  1 
ATOM   452  O  OH  . TYR A 1 86  ? -8.484  -7.475  4.488   1.00 11.51 ? 86  TYR X OH  1 
ATOM   453  N  N   . SER A 1 87  ? -13.671 -6.525  -2.066  1.00 10.90 ? 87  SER X N   1 
ATOM   454  C  CA  . SER A 1 87  ? -14.128 -6.657  -3.442  1.00 10.69 ? 87  SER X CA  1 
ATOM   455  C  C   . SER A 1 87  ? -13.890 -8.091  -3.971  1.00 9.86  ? 87  SER X C   1 
ATOM   456  O  O   . SER A 1 87  ? -12.937 -8.841  -3.548  1.00 9.85  ? 87  SER X O   1 
ATOM   457  C  CB  . SER A 1 87  ? -13.467 -5.546  -4.313  1.00 10.09 ? 87  SER X CB  1 
ATOM   458  O  OG  . SER A 1 87  ? -12.085 -5.996  -4.517  1.00 9.89  ? 87  SER X OG  1 
ATOM   459  N  N   . ASP A 1 88  ? -14.603 -8.479  -5.065  1.00 12.05 ? 88  ASP X N   1 
ATOM   460  C  CA  . ASP A 1 88  ? -14.290 -9.768  -5.689  1.00 12.65 ? 88  ASP X CA  1 
ATOM   461  C  C   . ASP A 1 88  ? -12.877 -9.891  -6.166  1.00 12.13 ? 88  ASP X C   1 
ATOM   462  O  O   . ASP A 1 88  ? -12.267 -10.926 -5.960  1.00 10.36 ? 88  ASP X O   1 
ATOM   463  C  CB  . ASP A 1 88  ? -15.255 -10.007 -6.876  1.00 12.62 ? 88  ASP X CB  1 
ATOM   464  C  CG  . ASP A 1 88  ? -16.623 -10.495 -6.463  1.00 13.79 ? 88  ASP X CG  1 
ATOM   465  O  OD1 . ASP A 1 88  ? -17.352 -10.680 -7.404  1.00 12.66 ? 88  ASP X OD1 1 
ATOM   466  O  OD2 . ASP A 1 88  ? -16.991 -10.649 -5.284  1.00 14.60 ? 88  ASP X OD2 1 
ATOM   467  N  N   . PRO A 1 89  ? -12.279 -8.846  -6.833  1.00 11.20 ? 89  PRO X N   1 
ATOM   468  C  CA  . PRO A 1 89  ? -10.878 -9.183  -7.318  1.00 13.30 ? 89  PRO X CA  1 
ATOM   469  C  C   . PRO A 1 89  ? -9.864  -9.289  -6.207  1.00 12.81 ? 89  PRO X C   1 
ATOM   470  O  O   . PRO A 1 89  ? -8.898  -10.034 -6.313  1.00 12.75 ? 89  PRO X O   1 
ATOM   471  C  CB  . PRO A 1 89  ? -10.523 -7.918  -8.194  1.00 11.34 ? 89  PRO X CB  1 
ATOM   472  C  CG  . PRO A 1 89  ? -11.642 -6.917  -7.933  1.00 16.63 ? 89  PRO X CG  1 
ATOM   473  C  CD  . PRO A 1 89  ? -12.890 -7.606  -7.330  1.00 13.74 ? 89  PRO X CD  1 
ATOM   474  N  N   . MET A 1 90  ? -10.116 -8.550  -5.115  1.00 11.31 ? 90  MET X N   1 
ATOM   475  C  CA  . MET A 1 90  ? -9.238  -8.654  -3.970  1.00 14.59 ? 90  MET X CA  1 
ATOM   476  C  C   . MET A 1 90  ? -9.355  -10.083 -3.333  1.00 13.15 ? 90  MET X C   1 
ATOM   477  O  O   . MET A 1 90  ? -8.415  -10.740 -3.050  1.00 13.62 ? 90  MET X O   1 
ATOM   478  C  CB  . MET A 1 90  ? -9.474  -7.577  -2.944  1.00 15.72 ? 90  MET X CB  1 
ATOM   479  C  CG  . MET A 1 90  ? -8.252  -7.318  -2.101  1.00 21.75 ? 90  MET X CG  1 
ATOM   480  S  SD  . MET A 1 90  ? -6.844  -6.610  -2.980  1.00 14.52 ? 90  MET X SD  1 
ATOM   481  C  CE  . MET A 1 90  ? -6.914  -4.776  -2.850  1.00 15.27 ? 90  MET X CE  1 
ATOM   482  N  N   . LYS A 1 91  ? -10.593 -10.578 -3.136  1.00 12.36 ? 91  LYS X N   1 
ATOM   483  C  CA  . LYS A 1 91  ? -10.833 -11.903 -2.506  1.00 12.59 ? 91  LYS X CA  1 
ATOM   484  C  C   . LYS A 1 91  ? -10.226 -13.085 -3.337  1.00 10.85 ? 91  LYS X C   1 
ATOM   485  O  O   . LYS A 1 91  ? -9.711  -14.061 -2.839  1.00 14.77 ? 91  LYS X O   1 
ATOM   486  C  CB  . LYS A 1 91  ? -12.366 -12.109 -2.407  1.00 16.52 ? 91  LYS X CB  1 
ATOM   487  C  CG  . LYS A 1 91  ? -12.757 -13.452 -1.867  1.00 22.03 ? 91  LYS X CG  1 
ATOM   488  C  CD  . LYS A 1 91  ? -14.335 -13.531 -1.795  1.00 26.39 ? 91  LYS X CD  1 
ATOM   489  C  CE  . LYS A 1 91  ? -14.860 -12.492 -0.857  1.00 24.84 ? 91  LYS X CE  1 
ATOM   490  N  NZ  . LYS A 1 91  ? -16.376 -12.572 -0.606  1.00 18.78 ? 91  LYS X NZ  1 
ATOM   491  N  N   . ALA A 1 92  ? -10.270 -12.897 -4.674  1.00 11.99 ? 92  ALA X N   1 
ATOM   492  C  CA  . ALA A 1 92  ? -9.905  -13.893 -5.569  1.00 11.35 ? 92  ALA X CA  1 
ATOM   493  C  C   . ALA A 1 92  ? -8.410  -13.835 -5.847  1.00 11.14 ? 92  ALA X C   1 
ATOM   494  O  O   . ALA A 1 92  ? -7.834  -14.721 -6.473  1.00 13.56 ? 92  ALA X O   1 
ATOM   495  C  CB  . ALA A 1 92  ? -10.623 -13.804 -6.856  1.00 12.21 ? 92  ALA X CB  1 
ATOM   496  N  N   . HIS A 1 93  ? -7.721  -12.838 -5.327  1.00 10.94 ? 93  HIS X N   1 
ATOM   497  C  CA  . HIS A 1 93  ? -6.299  -12.660 -5.764  1.00 11.53 ? 93  HIS X CA  1 
ATOM   498  C  C   . HIS A 1 93  ? -5.385  -13.745 -5.268  1.00 10.81 ? 93  HIS X C   1 
ATOM   499  O  O   . HIS A 1 93  ? -4.550  -14.265 -6.090  1.00 15.81 ? 93  HIS X O   1 
ATOM   500  C  CB  . HIS A 1 93  ? -5.781  -11.229 -5.294  1.00 12.88 ? 93  HIS X CB  1 
ATOM   501  C  CG  . HIS A 1 93  ? -4.489  -10.838 -5.979  1.00 9.24  ? 93  HIS X CG  1 
ATOM   502  N  ND1 . HIS A 1 93  ? -3.244  -11.467 -5.746  1.00 10.68 ? 93  HIS X ND1 1 
ATOM   503  C  CD2 . HIS A 1 93  ? -4.307  -10.054 -7.085  1.00 13.26 ? 93  HIS X CD2 1 
ATOM   504  C  CE1 . HIS A 1 93  ? -2.364  -10.986 -6.607  1.00 13.15 ? 93  HIS X CE1 1 
ATOM   505  N  NE2 . HIS A 1 93  ? -2.971  -10.088 -7.386  1.00 10.54 ? 93  HIS X NE2 1 
ATOM   506  N  N   . GLY A 1 94  ? -5.430  -14.030 -3.978  1.00 10.12 ? 94  GLY X N   1 
ATOM   507  C  CA  . GLY A 1 94  ? -4.386  -15.039 -3.528  1.00 12.07 ? 94  GLY X CA  1 
ATOM   508  C  C   . GLY A 1 94  ? -3.078  -14.346 -3.222  1.00 15.44 ? 94  GLY X C   1 
ATOM   509  O  O   . GLY A 1 94  ? -2.836  -13.184 -3.561  1.00 15.93 ? 94  GLY X O   1 
ATOM   510  N  N   . GLY A 1 95  ? -2.175  -15.109 -2.591  1.00 14.53 ? 95  GLY X N   1 
ATOM   511  C  CA  . GLY A 1 95  ? -0.830  -14.582 -2.209  1.00 15.22 ? 95  GLY X CA  1 
ATOM   512  C  C   . GLY A 1 95  ? -0.897  -13.697 -0.954  1.00 13.18 ? 95  GLY X C   1 
ATOM   513  O  O   . GLY A 1 95  ? -1.898  -13.614 -0.271  1.00 14.00 ? 95  GLY X O   1 
ATOM   514  N  N   . ASP A 1 96  ? 0.217   -12.988 -0.710  1.00 13.25 ? 96  ASP X N   1 
ATOM   515  C  CA  . ASP A 1 96  ? 0.446   -12.256 0.513   1.00 15.17 ? 96  ASP X CA  1 
ATOM   516  C  C   . ASP A 1 96  ? 0.962   -10.893 0.145   1.00 14.23 ? 96  ASP X C   1 
ATOM   517  O  O   . ASP A 1 96  ? 1.543   -10.689 -0.964  1.00 14.21 ? 96  ASP X O   1 
ATOM   518  C  CB  . ASP A 1 96  ? 1.646   -12.869 1.245   1.00 15.10 ? 96  ASP X CB  1 
ATOM   519  C  CG  . ASP A 1 96  ? 1.364   -14.275 1.757   1.00 19.93 ? 96  ASP X CG  1 
ATOM   520  O  OD1 . ASP A 1 96  ? 0.223   -14.575 2.144   1.00 18.68 ? 96  ASP X OD1 1 
ATOM   521  O  OD2 . ASP A 1 96  ? 2.348   -15.075 1.752   1.00 25.55 ? 96  ASP X OD2 1 
ATOM   522  N  N   . TRP A 1 97  ? 0.816   -9.978  1.072   1.00 12.12 ? 97  TRP X N   1 
ATOM   523  C  CA  . TRP A 1 97  ? 1.326   -8.618  0.860   1.00 10.05 ? 97  TRP X CA  1 
ATOM   524  C  C   . TRP A 1 97  ? 2.790   -8.495  1.132   1.00 12.29 ? 97  TRP X C   1 
ATOM   525  O  O   . TRP A 1 97  ? 3.223   -7.952  2.165   1.00 12.96 ? 97  TRP X O   1 
ATOM   526  C  CB  . TRP A 1 97  ? 0.509   -7.672  1.675   1.00 10.17 ? 97  TRP X CB  1 
ATOM   527  C  CG  . TRP A 1 97  ? -0.908  -7.359  1.148   1.00 9.89  ? 97  TRP X CG  1 
ATOM   528  C  CD1 . TRP A 1 97  ? -2.117  -7.714  1.705   1.00 11.41 ? 97  TRP X CD1 1 
ATOM   529  C  CD2 . TRP A 1 97  ? -1.208  -6.764  -0.085  1.00 7.78  ? 97  TRP X CD2 1 
ATOM   530  N  NE1 . TRP A 1 97  ? -3.166  -7.239  0.959   1.00 8.93  ? 97  TRP X NE1 1 
ATOM   531  C  CE2 . TRP A 1 97  ? -2.648  -6.607  -0.160  1.00 8.94  ? 97  TRP X CE2 1 
ATOM   532  C  CE3 . TRP A 1 97  ? -0.429  -6.136  -1.059  1.00 11.53 ? 97  TRP X CE3 1 
ATOM   533  C  CZ2 . TRP A 1 97  ? -3.275  -6.030  -1.217  1.00 9.36  ? 97  TRP X CZ2 1 
ATOM   534  C  CZ3 . TRP A 1 97  ? -1.081  -5.491  -2.094  1.00 12.66 ? 97  TRP X CZ3 1 
ATOM   535  C  CH2 . TRP A 1 97  ? -2.506  -5.376  -2.151  1.00 9.42  ? 97  TRP X CH2 1 
ATOM   536  N  N   . THR A 1 98  ? 3.583   -9.024  0.229   1.00 11.60 ? 98  THR X N   1 
ATOM   537  C  CA  . THR A 1 98  ? 5.019   -8.760  0.344   1.00 12.24 ? 98  THR X CA  1 
ATOM   538  C  C   . THR A 1 98  ? 5.309   -7.292  0.035   1.00 12.01 ? 98  THR X C   1 
ATOM   539  O  O   . THR A 1 98  ? 4.408   -6.548  -0.484  1.00 10.57 ? 98  THR X O   1 
ATOM   540  C  CB  . THR A 1 98  ? 5.816   -9.556  -0.730  1.00 12.24 ? 98  THR X CB  1 
ATOM   541  O  OG1 . THR A 1 98  ? 5.382   -9.137  -2.044  1.00 12.87 ? 98  THR X OG1 1 
ATOM   542  C  CG2 . THR A 1 98  ? 5.664   -11.141 -0.570  1.00 15.49 ? 98  THR X CG2 1 
ATOM   543  N  N   . PRO A 1 99  ? 6.503   -6.780  0.371   1.00 10.99 ? 99  PRO X N   1 
ATOM   544  C  CA  . PRO A 1 99  ? 6.799   -5.382  0.006   1.00 10.07 ? 99  PRO X CA  1 
ATOM   545  C  C   . PRO A 1 99  ? 6.660   -5.078  -1.485  1.00 7.72  ? 99  PRO X C   1 
ATOM   546  O  O   . PRO A 1 99  ? 6.051   -4.026  -1.844  1.00 9.77  ? 99  PRO X O   1 
ATOM   547  C  CB  . PRO A 1 99  ? 8.215   -5.169  0.469   1.00 11.06 ? 99  PRO X CB  1 
ATOM   548  C  CG  . PRO A 1 99  ? 8.368   -6.131  1.784   1.00 11.67 ? 99  PRO X CG  1 
ATOM   549  C  CD  . PRO A 1 99  ? 7.446   -7.379  1.361   1.00 9.91  ? 99  PRO X CD  1 
ATOM   550  N  N   . GLU A 1 100 ? 7.014   -6.020  -2.340  1.00 10.81 ? 100 GLU X N   1 
ATOM   551  C  CA  . GLU A 1 100 ? 6.818   -5.814  -3.812  1.00 8.84  ? 100 GLU X CA  1 
ATOM   552  C  C   . GLU A 1 100 ? 5.347   -5.716  -4.108  1.00 11.41 ? 100 GLU X C   1 
ATOM   553  O  O   . GLU A 1 100 ? 4.985   -4.898  -4.922  1.00 10.30 ? 100 GLU X O   1 
ATOM   554  C  CB  . GLU A 1 100 ? 7.548   -6.972  -4.553  1.00 11.52 ? 100 GLU X CB  1 
ATOM   555  C  CG  . GLU A 1 100 ? 7.386   -6.886  -6.151  1.00 11.24 ? 100 GLU X CG  1 
ATOM   556  C  CD  . GLU A 1 100 ? 7.992   -5.592  -6.762  1.00 14.03 ? 100 GLU X CD  1 
ATOM   557  O  OE1 . GLU A 1 100 ? 8.779   -4.886  -6.094  1.00 11.55 ? 100 GLU X OE1 1 
ATOM   558  O  OE2 . GLU A 1 100 ? 7.784   -5.301  -7.983  1.00 11.75 ? 100 GLU X OE2 1 
ATOM   559  N  N   . ALA A 1 101 ? 4.543   -6.647  -3.635  1.00 11.15 ? 101 ALA X N   1 
ATOM   560  C  CA  . ALA A 1 101 ? 3.138   -6.542  -3.861  1.00 9.99  ? 101 ALA X CA  1 
ATOM   561  C  C   . ALA A 1 101 ? 2.464   -5.259  -3.412  1.00 8.21  ? 101 ALA X C   1 
ATOM   562  O  O   . ALA A 1 101 ? 1.709   -4.580  -4.123  1.00 9.88  ? 101 ALA X O   1 
ATOM   563  C  CB  . ALA A 1 101 ? 2.397   -7.731  -3.208  1.00 10.59 ? 101 ALA X CB  1 
ATOM   564  N  N   . LEU A 1 102 ? 2.932   -4.849  -2.207  1.00 7.38  ? 102 LEU X N   1 
ATOM   565  C  CA  . LEU A 1 102 ? 2.388   -3.601  -1.656  1.00 6.83  ? 102 LEU X CA  1 
ATOM   566  C  C   . LEU A 1 102 ? 2.828   -2.499  -2.583  1.00 9.08  ? 102 LEU X C   1 
ATOM   567  O  O   . LEU A 1 102 ? 1.974   -1.602  -2.825  1.00 8.59  ? 102 LEU X O   1 
ATOM   568  C  CB  . LEU A 1 102 ? 2.850   -3.324  -0.227  1.00 8.82  ? 102 LEU X CB  1 
ATOM   569  C  CG  . LEU A 1 102 ? 2.267   -4.243  0.885   1.00 8.33  ? 102 LEU X CG  1 
ATOM   570  C  CD1 . LEU A 1 102 ? 3.051   -4.149  2.125   1.00 9.50  ? 102 LEU X CD1 1 
ATOM   571  C  CD2 . LEU A 1 102 ? 0.809   -3.692  1.224   1.00 7.02  ? 102 LEU X CD2 1 
ATOM   572  N  N   . GLN A 1 103 ? 4.043   -2.308  -2.973  1.00 9.77  ? 103 GLN X N   1 
ATOM   573  C  CA  . GLN A 1 103 ? 4.368   -1.154  -3.773  1.00 8.25  ? 103 GLN X CA  1 
ATOM   574  C  C   . GLN A 1 103 ? 3.821   -1.264  -5.178  1.00 9.76  ? 103 GLN X C   1 
ATOM   575  O  O   . GLN A 1 103 ? 3.384   -0.171  -5.667  1.00 9.94  ? 103 GLN X O   1 
ATOM   576  C  CB  . GLN A 1 103 ? 5.908   -1.007  -3.871  1.00 7.96  ? 103 GLN X CB  1 
ATOM   577  C  CG  . GLN A 1 103 ? 6.713   -2.014  -4.742  1.00 7.84  ? 103 GLN X CG  1 
ATOM   578  C  CD  . GLN A 1 103 ? 6.860   -1.503  -6.160  1.00 10.68 ? 103 GLN X CD  1 
ATOM   579  O  OE1 . GLN A 1 103 ? 6.455   -0.415  -6.480  1.00 11.63 ? 103 GLN X OE1 1 
ATOM   580  N  NE2 . GLN A 1 103 ? 7.464   -2.254  -6.992  1.00 12.22 ? 103 GLN X NE2 1 
ATOM   581  N  N   . GLU A 1 104 ? 3.537   -2.434  -5.708  1.00 7.68  ? 104 GLU X N   1 
ATOM   582  C  CA  . GLU A 1 104 ? 2.897   -2.480  -7.011  1.00 7.17  ? 104 GLU X CA  1 
ATOM   583  C  C   . GLU A 1 104 ? 1.487   -1.977  -6.871  1.00 7.41  ? 104 GLU X C   1 
ATOM   584  O  O   . GLU A 1 104 ? 1.054   -1.133  -7.651  1.00 9.66  ? 104 GLU X O   1 
ATOM   585  C  CB  . GLU A 1 104 ? 2.749   -3.952  -7.452  1.00 8.87  ? 104 GLU X CB  1 
ATOM   586  C  CG  . GLU A 1 104 ? 4.086   -4.604  -7.911  1.00 9.50  ? 104 GLU X CG  1 
ATOM   587  C  CD  . GLU A 1 104 ? 3.988   -6.086  -7.901  1.00 15.52 ? 104 GLU X CD  1 
ATOM   588  O  OE1 . GLU A 1 104 ? 4.884   -6.714  -8.440  1.00 12.24 ? 104 GLU X OE1 1 
ATOM   589  O  OE2 . GLU A 1 104 ? 3.084   -6.740  -7.333  1.00 13.34 ? 104 GLU X OE2 1 
ATOM   590  N  N   . PHE A 1 105 ? 0.761   -2.488  -5.887  1.00 8.25  ? 105 PHE X N   1 
ATOM   591  C  CA  . PHE A 1 105 ? -0.651  -2.026  -5.731  1.00 7.86  ? 105 PHE X CA  1 
ATOM   592  C  C   . PHE A 1 105 ? -0.729  -0.506  -5.474  1.00 10.11 ? 105 PHE X C   1 
ATOM   593  O  O   . PHE A 1 105 ? -1.549  0.218   -6.102  1.00 9.30  ? 105 PHE X O   1 
ATOM   594  C  CB  . PHE A 1 105 ? -1.268  -2.727  -4.459  1.00 7.23  ? 105 PHE X CB  1 
ATOM   595  C  CG  . PHE A 1 105 ? -2.675  -2.261  -4.130  1.00 8.86  ? 105 PHE X CG  1 
ATOM   596  C  CD1 . PHE A 1 105 ? -3.659  -2.454  -5.085  1.00 11.36 ? 105 PHE X CD1 1 
ATOM   597  C  CD2 . PHE A 1 105 ? -3.060  -1.907  -2.805  1.00 8.29  ? 105 PHE X CD2 1 
ATOM   598  C  CE1 . PHE A 1 105 ? -4.991  -2.021  -4.801  1.00 8.45  ? 105 PHE X CE1 1 
ATOM   599  C  CE2 . PHE A 1 105 ? -4.401  -1.454  -2.504  1.00 7.43  ? 105 PHE X CE2 1 
ATOM   600  C  CZ  . PHE A 1 105 ? -5.350  -1.666  -3.496  1.00 9.01  ? 105 PHE X CZ  1 
ATOM   601  N  N   . LEU A 1 106 ? 0.135   0.077   -4.611  1.00 9.70  ? 106 LEU X N   1 
ATOM   602  C  CA  . LEU A 1 106 ? 0.078   1.489   -4.283  1.00 9.66  ? 106 LEU X CA  1 
ATOM   603  C  C   . LEU A 1 106 ? 0.506   2.387   -5.433  1.00 11.76 ? 106 LEU X C   1 
ATOM   604  O  O   . LEU A 1 106 ? 0.128   3.605   -5.370  1.00 12.00 ? 106 LEU X O   1 
ATOM   605  C  CB  . LEU A 1 106 ? 0.889   1.779   -2.974  1.00 10.20 ? 106 LEU X CB  1 
ATOM   606  C  CG  . LEU A 1 106 ? 0.409   1.000   -1.776  1.00 10.10 ? 106 LEU X CG  1 
ATOM   607  C  CD1 . LEU A 1 106 ? 1.388   1.135   -0.630  1.00 10.86 ? 106 LEU X CD1 1 
ATOM   608  C  CD2 . LEU A 1 106 ? -0.904  1.732   -1.468  1.00 13.19 ? 106 LEU X CD2 1 
ATOM   609  N  N   . THR A 1 107 ? 1.199   1.843   -6.444  1.00 9.05  ? 107 THR X N   1 
ATOM   610  C  CA  . THR A 1 107 ? 1.541   2.641   -7.645  1.00 11.36 ? 107 THR X CA  1 
ATOM   611  C  C   . THR A 1 107 ? 0.273   3.192   -8.270  1.00 13.38 ? 107 THR X C   1 
ATOM   612  O  O   . THR A 1 107 ? 0.229   4.409   -8.637  1.00 13.51 ? 107 THR X O   1 
ATOM   613  C  CB  . THR A 1 107 ? 2.287   1.828   -8.619  1.00 12.94 ? 107 THR X CB  1 
ATOM   614  O  OG1 . THR A 1 107 ? 3.474   1.331   -8.076  1.00 11.85 ? 107 THR X OG1 1 
ATOM   615  C  CG2 . THR A 1 107 ? 2.639   2.732   -9.875  1.00 10.39 ? 107 THR X CG2 1 
ATOM   616  N  N   . ASN A 1 108 ? -0.753  2.342   -8.452  1.00 10.68 ? 108 ASN X N   1 
ATOM   617  C  CA  . ASN A 1 108 ? -2.034  2.880   -8.978  1.00 10.10 ? 108 ASN X CA  1 
ATOM   618  C  C   . ASN A 1 108 ? -3.104  1.802   -8.759  1.00 13.01 ? 108 ASN X C   1 
ATOM   619  O  O   . ASN A 1 108 ? -3.252  0.844   -9.570  1.00 10.62 ? 108 ASN X O   1 
ATOM   620  C  CB  . ASN A 1 108 ? -1.857  2.994   -10.529 1.00 11.35 ? 108 ASN X CB  1 
ATOM   621  C  CG  . ASN A 1 108 ? -3.073  3.661   -11.173 1.00 10.74 ? 108 ASN X CG  1 
ATOM   622  O  OD1 . ASN A 1 108 ? -4.061  4.035   -10.526 1.00 16.32 ? 108 ASN X OD1 1 
ATOM   623  N  ND2 . ASN A 1 108 ? -3.027  3.820   -12.527 1.00 13.99 ? 108 ASN X ND2 1 
ATOM   624  N  N   . PRO A 1 109 ? -3.757  1.885   -7.585  1.00 10.50 ? 109 PRO X N   1 
ATOM   625  C  CA  . PRO A 1 109 ? -4.649  0.834   -7.129  1.00 11.72 ? 109 PRO X CA  1 
ATOM   626  C  C   . PRO A 1 109 ? -5.674  0.433   -8.211  1.00 12.32 ? 109 PRO X C   1 
ATOM   627  O  O   . PRO A 1 109 ? -5.881  -0.753  -8.452  1.00 12.02 ? 109 PRO X O   1 
ATOM   628  C  CB  . PRO A 1 109 ? -5.313  1.501   -5.894  1.00 9.71  ? 109 PRO X CB  1 
ATOM   629  C  CG  . PRO A 1 109 ? -4.174  2.322   -5.340  1.00 8.93  ? 109 PRO X CG  1 
ATOM   630  C  CD  . PRO A 1 109 ? -3.531  2.917   -6.558  1.00 10.93 ? 109 PRO X CD  1 
ATOM   631  N  N   . LYS A 1 110 ? -6.332  1.425   -8.796  1.00 11.98 ? 110 LYS X N   1 
ATOM   632  C  CA  . LYS A 1 110 ? -7.373  1.097   -9.767  1.00 13.23 ? 110 LYS X CA  1 
ATOM   633  C  C   . LYS A 1 110 ? -6.933  0.377   -11.019 1.00 9.93  ? 110 LYS X C   1 
ATOM   634  O  O   . LYS A 1 110 ? -7.801  -0.299  -11.614 1.00 12.25 ? 110 LYS X O   1 
ATOM   635  C  CB  . LYS A 1 110 ? -8.112  2.347   -10.189 1.00 16.68 ? 110 LYS X CB  1 
ATOM   636  C  CG  . LYS A 1 110 ? -8.875  3.035   -9.114  1.00 28.82 ? 110 LYS X CG  1 
ATOM   637  C  CD  . LYS A 1 110 ? -9.162  2.197   -7.871  1.00 32.60 ? 110 LYS X CD  1 
ATOM   638  C  CE  . LYS A 1 110 ? -10.044 2.961   -6.953  1.00 35.24 ? 110 LYS X CE  1 
ATOM   639  N  NZ  . LYS A 1 110 ? -11.531 2.937   -7.282  1.00 45.06 ? 110 LYS X NZ  1 
ATOM   640  N  N   . ALA A 1 111 ? -5.655  0.529   -11.395 1.00 13.10 ? 111 ALA X N   1 
ATOM   641  C  CA  . ALA A 1 111 ? -5.084  -0.321  -12.505 1.00 11.54 ? 111 ALA X CA  1 
ATOM   642  C  C   . ALA A 1 111 ? -4.580  -1.660  -12.134 1.00 11.44 ? 111 ALA X C   1 
ATOM   643  O  O   . ALA A 1 111 ? -4.565  -2.660  -12.882 1.00 13.42 ? 111 ALA X O   1 
ATOM   644  C  CB  . ALA A 1 111 ? -3.920  0.459   -13.206 1.00 10.72 ? 111 ALA X CB  1 
ATOM   645  N  N   . VAL A 1 112 ? -4.040  -1.641  -10.906 1.00 10.46 ? 112 VAL X N   1 
ATOM   646  C  CA  . VAL A 1 112 ? -3.311  -2.828  -10.480 1.00 9.89  ? 112 VAL X CA  1 
ATOM   647  C  C   . VAL A 1 112 ? -4.288  -3.902  -9.951  1.00 12.16 ? 112 VAL X C   1 
ATOM   648  O  O   . VAL A 1 112 ? -4.034  -5.097  -10.146 1.00 11.45 ? 112 VAL X O   1 
ATOM   649  C  CB  . VAL A 1 112 ? -2.195  -2.481  -9.409  1.00 10.98 ? 112 VAL X CB  1 
ATOM   650  C  CG1 . VAL A 1 112 ? -1.526  -3.726  -8.934  1.00 13.57 ? 112 VAL X CG1 1 
ATOM   651  C  CG2 . VAL A 1 112 ? -1.095  -1.675  -10.120 1.00 13.07 ? 112 VAL X CG2 1 
ATOM   652  N  N   . VAL A 1 113 ? -5.381  -3.514  -9.334  1.00 10.71 ? 113 VAL X N   1 
ATOM   653  C  CA  . VAL A 1 113 ? -6.437  -4.515  -9.044  1.00 11.02 ? 113 VAL X CA  1 
ATOM   654  C  C   . VAL A 1 113 ? -7.678  -3.926  -9.623  1.00 11.44 ? 113 VAL X C   1 
ATOM   655  O  O   . VAL A 1 113 ? -8.382  -3.094  -9.008  1.00 12.52 ? 113 VAL X O   1 
ATOM   656  C  CB  . VAL A 1 113 ? -6.607  -4.738  -7.506  1.00 12.22 ? 113 VAL X CB  1 
ATOM   657  C  CG1 . VAL A 1 113 ? -7.812  -5.741  -7.299  1.00 13.90 ? 113 VAL X CG1 1 
ATOM   658  C  CG2 . VAL A 1 113 ? -5.309  -5.348  -6.883  1.00 14.53 ? 113 VAL X CG2 1 
ATOM   659  N  N   . LYS A 1 114 ? -7.971  -4.302  -10.917 1.00 12.47 ? 114 LYS X N   1 
ATOM   660  C  CA  . LYS A 1 114 ? -9.127  -3.674  -11.567 1.00 14.55 ? 114 LYS X CA  1 
ATOM   661  C  C   . LYS A 1 114 ? -10.370 -4.096  -10.789 1.00 14.48 ? 114 LYS X C   1 
ATOM   662  O  O   . LYS A 1 114 ? -10.587 -5.305  -10.612 1.00 15.73 ? 114 LYS X O   1 
ATOM   663  C  CB  . LYS A 1 114 ? -9.151  -4.217  -13.053 1.00 17.10 ? 114 LYS X CB  1 
ATOM   664  C  CG  . LYS A 1 114 ? -8.124  -3.507  -14.002 1.00 19.06 ? 114 LYS X CG  1 
ATOM   665  C  CD  . LYS A 1 114 ? -8.013  -4.077  -15.467 1.00 31.00 ? 114 LYS X CD  1 
ATOM   666  C  CE  . LYS A 1 114 ? -9.400  -4.172  -16.323 1.00 36.63 ? 114 LYS X CE  1 
ATOM   667  N  NZ  . LYS A 1 114 ? -9.442  -4.370  -17.919 1.00 23.83 ? 114 LYS X NZ  1 
ATOM   668  N  N   . GLY A 1 115 ? -11.216 -3.109  -10.526 1.00 12.77 ? 115 GLY X N   1 
ATOM   669  C  CA  . GLY A 1 115 ? -12.422 -3.223  -9.717  1.00 12.88 ? 115 GLY X CA  1 
ATOM   670  C  C   . GLY A 1 115 ? -12.173 -3.247  -8.237  1.00 13.54 ? 115 GLY X C   1 
ATOM   671  O  O   . GLY A 1 115 ? -13.136 -3.479  -7.482  1.00 15.10 ? 115 GLY X O   1 
ATOM   672  N  N   . THR A 1 116 ? -10.940 -2.891  -7.773  1.00 11.46 ? 116 THR X N   1 
ATOM   673  C  CA  . THR A 1 116 ? -10.832 -2.618  -6.293  1.00 10.21 ? 116 THR X CA  1 
ATOM   674  C  C   . THR A 1 116 ? -11.868 -1.528  -5.811  1.00 9.66  ? 116 THR X C   1 
ATOM   675  O  O   . THR A 1 116 ? -12.120 -0.549  -6.547  1.00 13.83 ? 116 THR X O   1 
ATOM   676  C  CB  . THR A 1 116 ? -9.386  -2.186  -5.909  1.00 10.10 ? 116 THR X CB  1 
ATOM   677  O  OG1 . THR A 1 116 ? -9.366  -2.063  -4.492  1.00 9.88  ? 116 THR X OG1 1 
ATOM   678  C  CG2 . THR A 1 116 ? -8.920  -0.926  -6.469  1.00 10.34 ? 116 THR X CG2 1 
ATOM   679  N  N   . LYS A 1 117 ? -12.293 -1.666  -4.526  1.00 9.46  ? 117 LYS X N   1 
ATOM   680  C  CA  . LYS A 1 117 ? -13.186 -0.636  -3.930  1.00 12.16 ? 117 LYS X CA  1 
ATOM   681  C  C   . LYS A 1 117 ? -12.363 0.467   -3.193  1.00 11.63 ? 117 LYS X C   1 
ATOM   682  O  O   . LYS A 1 117 ? -12.931 1.407   -2.663  1.00 13.11 ? 117 LYS X O   1 
ATOM   683  C  CB  . LYS A 1 117 ? -14.097 -1.249  -2.920  1.00 15.74 ? 117 LYS X CB  1 
ATOM   684  C  CG  . LYS A 1 117 ? -15.075 -2.202  -3.545  1.00 25.92 ? 117 LYS X CG  1 
ATOM   685  C  CD  . LYS A 1 117 ? -15.927 -2.735  -2.387  1.00 35.79 ? 117 LYS X CD  1 
ATOM   686  C  CE  . LYS A 1 117 ? -15.113 -3.629  -1.433  1.00 34.55 ? 117 LYS X CE  1 
ATOM   687  N  NZ  . LYS A 1 117 ? -14.473 -3.075  -0.185  1.00 28.97 ? 117 LYS X NZ  1 
ATOM   688  N  N   . MET A 1 118 ? -11.042 0.362   -3.232  1.00 10.21 ? 118 MET X N   1 
ATOM   689  C  CA  . MET A 1 118 ? -10.158 1.442   -2.619  1.00 9.30  ? 118 MET X CA  1 
ATOM   690  C  C   . MET A 1 118 ? -10.007 2.635   -3.532  1.00 12.24 ? 118 MET X C   1 
ATOM   691  O  O   . MET A 1 118 ? -9.403  2.561   -4.586  1.00 13.70 ? 118 MET X O   1 
ATOM   692  C  CB  . MET A 1 118 ? -8.757  0.828   -2.382  1.00 7.26  ? 118 MET X CB  1 
ATOM   693  C  CG  . MET A 1 118 ? -7.718  1.897   -1.786  1.00 7.21  ? 118 MET X CG  1 
ATOM   694  S  SD  . MET A 1 118 ? -6.325  0.988   -1.135  1.00 9.62  ? 118 MET X SD  1 
ATOM   695  C  CE  . MET A 1 118 ? -4.921  2.073   -1.686  1.00 12.75 ? 118 MET X CE  1 
ATOM   696  N  N   . ALA A 1 119 ? -10.653 3.702   -3.096  1.00 11.95 ? 119 ALA X N   1 
ATOM   697  C  CA  . ALA A 1 119 ? -10.646 4.909   -3.881  1.00 11.63 ? 119 ALA X CA  1 
ATOM   698  C  C   . ALA A 1 119 ? -9.474  5.782   -3.525  1.00 12.60 ? 119 ALA X C   1 
ATOM   699  O  O   . ALA A 1 119 ? -9.510  6.621   -2.611  1.00 18.05 ? 119 ALA X O   1 
ATOM   700  C  CB  . ALA A 1 119 ? -11.975 5.645   -3.645  1.00 14.00 ? 119 ALA X CB  1 
ATOM   701  N  N   . PHE A 1 120 ? -8.320  5.375   -4.095  1.00 11.53 ? 120 PHE X N   1 
ATOM   702  C  CA  . PHE A 1 120 ? -7.117  6.176   -3.742  1.00 11.66 ? 120 PHE X CA  1 
ATOM   703  C  C   . PHE A 1 120 ? -6.323  6.211   -5.051  1.00 13.19 ? 120 PHE X C   1 
ATOM   704  O  O   . PHE A 1 120 ? -6.115  5.174   -5.679  1.00 13.54 ? 120 PHE X O   1 
ATOM   705  C  CB  . PHE A 1 120 ? -6.321  5.469   -2.613  1.00 10.82 ? 120 PHE X CB  1 
ATOM   706  C  CG  . PHE A 1 120 ? -5.083  6.171   -2.295  1.00 9.87  ? 120 PHE X CG  1 
ATOM   707  C  CD1 . PHE A 1 120 ? -3.847  5.576   -2.667  1.00 10.20 ? 120 PHE X CD1 1 
ATOM   708  C  CD2 . PHE A 1 120 ? -5.088  7.343   -1.646  1.00 12.93 ? 120 PHE X CD2 1 
ATOM   709  C  CE1 . PHE A 1 120 ? -2.589  6.201   -2.370  1.00 15.38 ? 120 PHE X CE1 1 
ATOM   710  C  CE2 . PHE A 1 120 ? -3.817  8.052   -1.385  1.00 15.50 ? 120 PHE X CE2 1 
ATOM   711  C  CZ  . PHE A 1 120 ? -2.622  7.445   -1.747  1.00 13.64 ? 120 PHE X CZ  1 
ATOM   712  N  N   . ALA A 1 121 ? -5.803  7.385   -5.424  1.00 12.96 ? 121 ALA X N   1 
ATOM   713  C  CA  . ALA A 1 121 ? -5.199  7.547   -6.689  1.00 12.64 ? 121 ALA X CA  1 
ATOM   714  C  C   . ALA A 1 121 ? -3.870  6.795   -6.814  1.00 12.11 ? 121 ALA X C   1 
ATOM   715  O  O   . ALA A 1 121 ? -3.559  6.400   -7.941  1.00 13.65 ? 121 ALA X O   1 
ATOM   716  C  CB  . ALA A 1 121 ? -5.016  9.079   -6.984  1.00 14.72 ? 121 ALA X CB  1 
ATOM   717  N  N   . GLY A 1 122 ? -3.082  6.692   -5.752  1.00 11.28 ? 122 GLY X N   1 
ATOM   718  C  CA  . GLY A 1 122 ? -1.816  6.011   -5.842  1.00 12.45 ? 122 GLY X CA  1 
ATOM   719  C  C   . GLY A 1 122 ? -0.725  6.917   -5.298  1.00 12.06 ? 122 GLY X C   1 
ATOM   720  O  O   . GLY A 1 122 ? -0.900  8.133   -5.055  1.00 14.49 ? 122 GLY X O   1 
ATOM   721  N  N   . LEU A 1 123 ? 0.443   6.296   -5.132  1.00 10.36 ? 123 LEU X N   1 
ATOM   722  C  CA  . LEU A 1 123 ? 1.681   6.983   -4.708  1.00 12.46 ? 123 LEU X CA  1 
ATOM   723  C  C   . LEU A 1 123 ? 2.636   6.823   -5.842  1.00 11.92 ? 123 LEU X C   1 
ATOM   724  O  O   . LEU A 1 123 ? 3.444   5.833   -5.903  1.00 11.81 ? 123 LEU X O   1 
ATOM   725  C  CB  . LEU A 1 123 ? 2.270   6.291   -3.466  1.00 12.16 ? 123 LEU X CB  1 
ATOM   726  C  CG  . LEU A 1 123 ? 1.443   6.490   -2.165  1.00 12.48 ? 123 LEU X CG  1 
ATOM   727  C  CD1 . LEU A 1 123 ? 2.017   5.614   -1.065  1.00 13.45 ? 123 LEU X CD1 1 
ATOM   728  C  CD2 . LEU A 1 123 ? 1.132   7.995   -1.689  1.00 13.04 ? 123 LEU X CD2 1 
ATOM   729  N  N   . PRO A 1 124 ? 2.628   7.810   -6.781  1.00 14.05 ? 124 PRO X N   1 
ATOM   730  C  CA  . PRO A 1 124 ? 3.572   7.675   -7.927  1.00 14.81 ? 124 PRO X CA  1 
ATOM   731  C  C   . PRO A 1 124 ? 5.073   7.834   -7.562  1.00 12.78 ? 124 PRO X C   1 
ATOM   732  O  O   . PRO A 1 124 ? 5.917   7.280   -8.322  1.00 15.79 ? 124 PRO X O   1 
ATOM   733  C  CB  . PRO A 1 124 ? 3.103   8.814   -8.870  1.00 16.20 ? 124 PRO X CB  1 
ATOM   734  C  CG  . PRO A 1 124 ? 2.498   9.852   -8.007  1.00 16.28 ? 124 PRO X CG  1 
ATOM   735  C  CD  . PRO A 1 124 ? 1.746   8.967   -6.851  1.00 14.75 ? 124 PRO X CD  1 
ATOM   736  N  N   . LYS A 1 125 ? 5.454   8.457   -6.448  1.00 13.15 ? 125 LYS X N   1 
ATOM   737  C  CA  . LYS A 1 125 ? 6.838   8.603   -6.098  1.00 11.79 ? 125 LYS X CA  1 
ATOM   738  C  C   . LYS A 1 125 ? 7.288   7.287   -5.500  1.00 11.56 ? 125 LYS X C   1 
ATOM   739  O  O   . LYS A 1 125 ? 6.788   6.807   -4.472  1.00 10.70 ? 125 LYS X O   1 
ATOM   740  C  CB  . LYS A 1 125 ? 7.070   9.695   -5.082  1.00 12.89 ? 125 LYS X CB  1 
ATOM   741  C  CG  . LYS A 1 125 ? 6.563   11.146  -5.545  1.00 14.41 ? 125 LYS X CG  1 
ATOM   742  C  CD  . LYS A 1 125 ? 6.497   12.112  -4.398  1.00 20.91 ? 125 LYS X CD  1 
ATOM   743  C  CE  . LYS A 1 125 ? 7.110   13.454  -4.514  1.00 29.86 ? 125 LYS X CE  1 
ATOM   744  N  NZ  . LYS A 1 125 ? 8.588   13.398  -4.536  1.00 22.64 ? 125 LYS X NZ  1 
ATOM   745  N  N   . ILE A 1 126 ? 8.323   6.693   -6.056  1.00 11.32 ? 126 ILE X N   1 
ATOM   746  C  CA  . ILE A 1 126 ? 8.880   5.344   -5.683  1.00 12.97 ? 126 ILE X CA  1 
ATOM   747  C  C   . ILE A 1 126 ? 9.369   5.416   -4.226  1.00 10.50 ? 126 ILE X C   1 
ATOM   748  O  O   . ILE A 1 126 ? 9.133   4.512   -3.412  1.00 11.64 ? 126 ILE X O   1 
ATOM   749  C  CB  . ILE A 1 126 ? 9.968   4.759   -6.601  1.00 12.92 ? 126 ILE X CB  1 
ATOM   750  C  CG1 . ILE A 1 126 ? 10.108  3.270   -6.307  1.00 13.50 ? 126 ILE X CG1 1 
ATOM   751  C  CG2 . ILE A 1 126 ? 11.167  5.622   -6.477  1.00 12.30 ? 126 ILE X CG2 1 
ATOM   752  C  CD1 . ILE A 1 126 ? 11.024  2.556   -7.273  1.00 17.44 ? 126 ILE X CD1 1 
ATOM   753  N  N   . GLU A 1 127 ? 9.977   6.583   -3.838  1.00 11.12 ? 127 GLU X N   1 
ATOM   754  C  CA  . GLU A 1 127 ? 10.398  6.671   -2.429  1.00 11.50 ? 127 GLU X CA  1 
ATOM   755  C  C   . GLU A 1 127 ? 9.212   6.770   -1.503  1.00 10.94 ? 127 GLU X C   1 
ATOM   756  O  O   . GLU A 1 127 ? 9.337   6.408   -0.330  1.00 12.90 ? 127 GLU X O   1 
ATOM   757  C  CB  . GLU A 1 127 ? 11.445  7.864   -2.235  1.00 13.37 ? 127 GLU X CB  1 
ATOM   758  C  CG  . GLU A 1 127 ? 10.808  9.284   -2.286  1.00 13.68 ? 127 GLU X CG  1 
ATOM   759  C  CD  . GLU A 1 127 ? 10.684  9.871   -3.686  1.00 17.50 ? 127 GLU X CD  1 
ATOM   760  O  OE1 . GLU A 1 127 ? 10.703  9.148   -4.699  1.00 12.63 ? 127 GLU X OE1 1 
ATOM   761  O  OE2 . GLU A 1 127 ? 10.485  11.108  -3.763  1.00 16.74 ? 127 GLU X OE2 1 
ATOM   762  N  N   . ASP A 1 128 ? 8.048   7.357   -1.889  1.00 11.48 ? 128 ASP X N   1 
ATOM   763  C  CA  . ASP A 1 128 ? 6.951   7.414   -0.966  1.00 10.48 ? 128 ASP X CA  1 
ATOM   764  C  C   . ASP A 1 128 ? 6.485   5.958   -0.697  1.00 10.72 ? 128 ASP X C   1 
ATOM   765  O  O   . ASP A 1 128 ? 6.100   5.629   0.444   1.00 10.79 ? 128 ASP X O   1 
ATOM   766  C  CB  . ASP A 1 128 ? 5.765   8.205   -1.508  1.00 12.23 ? 128 ASP X CB  1 
ATOM   767  C  CG  . ASP A 1 128 ? 5.932   9.732   -1.419  1.00 15.53 ? 128 ASP X CG  1 
ATOM   768  O  OD1 . ASP A 1 128 ? 4.976   10.475  -1.865  1.00 18.13 ? 128 ASP X OD1 1 
ATOM   769  O  OD2 . ASP A 1 128 ? 6.908   10.214  -0.842  1.00 14.97 ? 128 ASP X OD2 1 
ATOM   770  N  N   . ARG A 1 129 ? 6.345   5.182   -1.750  1.00 9.67  ? 129 ARG X N   1 
ATOM   771  C  CA  . ARG A 1 129 ? 5.985   3.721   -1.547  1.00 10.37 ? 129 ARG X CA  1 
ATOM   772  C  C   . ARG A 1 129 ? 6.993   3.022   -0.634  1.00 10.84 ? 129 ARG X C   1 
ATOM   773  O  O   . ARG A 1 129 ? 6.626   2.348   0.291   1.00 10.02 ? 129 ARG X O   1 
ATOM   774  C  CB  . ARG A 1 129 ? 5.941   3.005   -2.907  1.00 9.41  ? 129 ARG X CB  1 
ATOM   775  C  CG  . ARG A 1 129 ? 4.870   3.724   -3.732  1.00 8.78  ? 129 ARG X CG  1 
ATOM   776  C  CD  . ARG A 1 129 ? 4.398   2.888   -4.945  1.00 10.28 ? 129 ARG X CD  1 
ATOM   777  N  NE  . ARG A 1 129 ? 5.384   2.269   -5.857  1.00 11.32 ? 129 ARG X NE  1 
ATOM   778  C  CZ  . ARG A 1 129 ? 5.877   2.891   -6.922  1.00 12.07 ? 129 ARG X CZ  1 
ATOM   779  N  NH1 . ARG A 1 129 ? 6.675   2.276   -7.720  1.00 13.20 ? 129 ARG X NH1 1 
ATOM   780  N  NH2 . ARG A 1 129 ? 5.517   4.163   -7.128  1.00 12.79 ? 129 ARG X NH2 1 
ATOM   781  N  N   . ALA A 1 130 ? 8.297   3.165   -0.916  1.00 8.95  ? 130 ALA X N   1 
ATOM   782  C  CA  . ALA A 1 130 ? 9.284   2.446   -0.119  1.00 10.45 ? 130 ALA X CA  1 
ATOM   783  C  C   . ALA A 1 130 ? 9.307   2.971   1.324   1.00 10.67 ? 130 ALA X C   1 
ATOM   784  O  O   . ALA A 1 130 ? 9.370   2.206   2.276   1.00 10.11 ? 130 ALA X O   1 
ATOM   785  C  CB  . ALA A 1 130 ? 10.757  2.588   -0.685  1.00 11.86 ? 130 ALA X CB  1 
ATOM   786  N  N   . ASN A 1 131 ? 9.183   4.298   1.491   1.00 10.69 ? 131 ASN X N   1 
ATOM   787  C  CA  . ASN A 1 131 ? 9.222   4.813   2.851   1.00 10.01 ? 131 ASN X CA  1 
ATOM   788  C  C   . ASN A 1 131 ? 7.965   4.396   3.632   1.00 7.16  ? 131 ASN X C   1 
ATOM   789  O  O   . ASN A 1 131 ? 8.083   4.046   4.832   1.00 8.43  ? 131 ASN X O   1 
ATOM   790  C  CB  . ASN A 1 131 ? 9.230   6.328   2.843   1.00 10.79 ? 131 ASN X CB  1 
ATOM   791  C  CG  . ASN A 1 131 ? 10.563  6.949   2.318   1.00 11.91 ? 131 ASN X CG  1 
ATOM   792  O  OD1 . ASN A 1 131 ? 11.594  6.259   2.274   1.00 10.91 ? 131 ASN X OD1 1 
ATOM   793  N  ND2 . ASN A 1 131 ? 10.526  8.236   1.968   1.00 11.94 ? 131 ASN X ND2 1 
ATOM   794  N  N   . LEU A 1 132 ? 6.772   4.438   2.977   1.00 9.30  ? 132 LEU X N   1 
ATOM   795  C  CA  . LEU A 1 132 ? 5.542   3.970   3.610   1.00 10.51 ? 132 LEU X CA  1 
ATOM   796  C  C   . LEU A 1 132 ? 5.629   2.507   3.959   1.00 7.62  ? 132 LEU X C   1 
ATOM   797  O  O   . LEU A 1 132 ? 5.250   2.156   5.116   1.00 8.56  ? 132 LEU X O   1 
ATOM   798  C  CB  . LEU A 1 132 ? 4.396   4.214   2.673   1.00 13.98 ? 132 LEU X CB  1 
ATOM   799  C  CG  . LEU A 1 132 ? 3.056   3.595   3.039   1.00 16.70 ? 132 LEU X CG  1 
ATOM   800  C  CD1 . LEU A 1 132 ? 2.588   4.122   4.318   1.00 18.24 ? 132 LEU X CD1 1 
ATOM   801  C  CD2 . LEU A 1 132 ? 2.028   3.898   2.060   1.00 19.32 ? 132 LEU X CD2 1 
ATOM   802  N  N   . ILE A 1 133 ? 6.175   1.658   3.092   1.00 11.03 ? 133 ILE X N   1 
ATOM   803  C  CA  . ILE A 1 133 ? 6.345   0.213   3.403   1.00 10.77 ? 133 ILE X CA  1 
ATOM   804  C  C   . ILE A 1 133 ? 7.311   -0.008  4.535   1.00 8.21  ? 133 ILE X C   1 
ATOM   805  O  O   . ILE A 1 133 ? 7.035   -0.786  5.478   1.00 10.12 ? 133 ILE X O   1 
ATOM   806  C  CB  . ILE A 1 133 ? 6.698   -0.569  2.109   1.00 10.65 ? 133 ILE X CB  1 
ATOM   807  C  CG1 . ILE A 1 133 ? 5.432   -0.572  1.294   1.00 12.55 ? 133 ILE X CG1 1 
ATOM   808  C  CG2 . ILE A 1 133 ? 6.999   -1.978  2.449   1.00 12.66 ? 133 ILE X CG2 1 
ATOM   809  C  CD1 . ILE A 1 133 ? 5.674   -0.863  -0.208  1.00 11.53 ? 133 ILE X CD1 1 
ATOM   810  N  N   . ALA A 1 134 ? 8.359   0.814   4.601   1.00 7.37  ? 134 ALA X N   1 
ATOM   811  C  CA  . ALA A 1 134 ? 9.311   0.621   5.706   1.00 11.06 ? 134 ALA X CA  1 
ATOM   812  C  C   . ALA A 1 134 ? 8.557   0.993   7.032   1.00 9.65  ? 134 ALA X C   1 
ATOM   813  O  O   . ALA A 1 134 ? 8.783   0.276   8.072   1.00 10.99 ? 134 ALA X O   1 
ATOM   814  C  CB  . ALA A 1 134 ? 10.543  1.619   5.546   1.00 9.73  ? 134 ALA X CB  1 
ATOM   815  N  N   . TYR A 1 135 ? 7.730   2.071   7.055   1.00 9.52  ? 135 TYR X N   1 
ATOM   816  C  CA  . TYR A 1 135 ? 7.019   2.365   8.265   1.00 10.93 ? 135 TYR X CA  1 
ATOM   817  C  C   . TYR A 1 135 ? 6.032   1.220   8.606   1.00 8.56  ? 135 TYR X C   1 
ATOM   818  O  O   . TYR A 1 135 ? 5.969   0.816   9.777   1.00 9.99  ? 135 TYR X O   1 
ATOM   819  C  CB  . TYR A 1 135 ? 6.287   3.669   7.993   1.00 10.35 ? 135 TYR X CB  1 
ATOM   820  C  CG  . TYR A 1 135 ? 5.312   4.093   9.033   1.00 10.08 ? 135 TYR X CG  1 
ATOM   821  C  CD1 . TYR A 1 135 ? 5.756   4.466   10.322  1.00 11.42 ? 135 TYR X CD1 1 
ATOM   822  C  CD2 . TYR A 1 135 ? 3.952   4.061   8.781   1.00 9.24  ? 135 TYR X CD2 1 
ATOM   823  C  CE1 . TYR A 1 135 ? 4.800   4.886   11.299  1.00 11.16 ? 135 TYR X CE1 1 
ATOM   824  C  CE2 . TYR A 1 135 ? 2.991   4.528   9.710   1.00 11.49 ? 135 TYR X CE2 1 
ATOM   825  C  CZ  . TYR A 1 135 ? 3.475   4.817   11.005  1.00 10.45 ? 135 TYR X CZ  1 
ATOM   826  O  OH  . TYR A 1 135 ? 2.525   5.274   11.929  1.00 12.22 ? 135 TYR X OH  1 
ATOM   827  N  N   . LEU A 1 136 ? 5.327   0.705   7.599   1.00 9.54  ? 136 LEU X N   1 
ATOM   828  C  CA  . LEU A 1 136 ? 4.331   -0.333  7.929   1.00 10.46 ? 136 LEU X CA  1 
ATOM   829  C  C   . LEU A 1 136 ? 5.070   -1.592  8.472   1.00 12.27 ? 136 LEU X C   1 
ATOM   830  O  O   . LEU A 1 136 ? 4.540   -2.314  9.340   1.00 13.00 ? 136 LEU X O   1 
ATOM   831  C  CB  . LEU A 1 136 ? 3.437   -0.663  6.799   1.00 8.79  ? 136 LEU X CB  1 
ATOM   832  C  CG  . LEU A 1 136 ? 2.464   0.377   6.345   1.00 10.75 ? 136 LEU X CG  1 
ATOM   833  C  CD1 . LEU A 1 136 ? 1.844   -0.170  4.982   1.00 15.50 ? 136 LEU X CD1 1 
ATOM   834  C  CD2 . LEU A 1 136 ? 1.542   0.712   7.477   1.00 16.44 ? 136 LEU X CD2 1 
ATOM   835  N  N   . GLU A 1 137 ? 6.291   -1.917  8.031   1.00 11.10 ? 137 GLU X N   1 
ATOM   836  C  CA  . GLU A 1 137 ? 7.050   -3.005  8.595   1.00 13.31 ? 137 GLU X CA  1 
ATOM   837  C  C   . GLU A 1 137 ? 7.224   -2.911  10.115  1.00 13.36 ? 137 GLU X C   1 
ATOM   838  O  O   . GLU A 1 137 ? 7.419   -3.995  10.731  1.00 16.19 ? 137 GLU X O   1 
ATOM   839  C  CB  . GLU A 1 137 ? 8.442   -3.178  7.965   1.00 14.44 ? 137 GLU X CB  1 
ATOM   840  C  CG  . GLU A 1 137 ? 8.365   -3.692  6.525   1.00 16.43 ? 137 GLU X CG  1 
ATOM   841  C  CD  . GLU A 1 137 ? 9.713   -4.129  5.973   1.00 20.95 ? 137 GLU X CD  1 
ATOM   842  O  OE1 . GLU A 1 137 ? 10.795  -3.879  6.627   1.00 17.92 ? 137 GLU X OE1 1 
ATOM   843  O  OE2 . GLU A 1 137 ? 9.712   -4.707  4.870   1.00 22.87 ? 137 GLU X OE2 1 
ATOM   844  N  N   . GLY A 1 138 ? 7.204   -1.697  10.681  1.00 14.44 ? 138 GLY X N   1 
ATOM   845  C  CA  . GLY A 1 138 ? 7.444   -1.523  12.117  1.00 15.83 ? 138 GLY X CA  1 
ATOM   846  C  C   . GLY A 1 138 ? 6.111   -1.386  12.817  1.00 17.82 ? 138 GLY X C   1 
ATOM   847  O  O   . GLY A 1 138 ? 6.083   -1.270  14.049  1.00 17.23 ? 138 GLY X O   1 
ATOM   848  N  N   . GLN A 1 139 ? 5.014   -1.508  12.089  1.00 16.40 ? 139 GLN X N   1 
ATOM   849  C  CA  . GLN A 1 139 ? 3.691   -1.472  12.701  1.00 20.37 ? 139 GLN X CA  1 
ATOM   850  C  C   . GLN A 1 139 ? 3.077   -2.864  12.614  1.00 23.53 ? 139 GLN X C   1 
ATOM   851  O  O   . GLN A 1 139 ? 2.095   -3.071  11.895  1.00 25.22 ? 139 GLN X O   1 
ATOM   852  C  CB  . GLN A 1 139 ? 2.733   -0.517  11.958  1.00 19.05 ? 139 GLN X CB  1 
ATOM   853  C  CG  . GLN A 1 139 ? 3.195   0.925   11.948  1.00 17.56 ? 139 GLN X CG  1 
ATOM   854  C  CD  . GLN A 1 139 ? 3.070   1.503   13.328  1.00 21.07 ? 139 GLN X CD  1 
ATOM   855  O  OE1 . GLN A 1 139 ? 2.069   1.281   13.984  1.00 25.35 ? 139 GLN X OE1 1 
ATOM   856  N  NE2 . GLN A 1 139 ? 4.026   2.284   13.743  1.00 21.82 ? 139 GLN X NE2 1 
ATOM   857  N  N   . GLN A 1 140 ? 3.646   -3.815  13.324  1.00 30.26 ? 140 GLN X N   1 
ATOM   858  C  CA  . GLN A 1 140 ? 3.075   -5.169  13.254  1.00 34.90 ? 140 GLN X CA  1 
ATOM   859  C  C   . GLN A 1 140 ? 2.143   -5.220  14.462  1.00 35.86 ? 140 GLN X C   1 
ATOM   860  O  O   . GLN A 1 140 ? 0.911   -4.877  14.531  1.00 36.18 ? 140 GLN X O   1 
ATOM   861  C  CB  . GLN A 1 140 ? 4.145   -6.228  13.335  1.00 36.16 ? 140 GLN X CB  1 
ATOM   862  C  CG  . GLN A 1 140 ? 5.524   -5.767  12.993  1.00 42.02 ? 140 GLN X CG  1 
ATOM   863  C  CD  . GLN A 1 140 ? 6.551   -6.833  13.313  1.00 51.56 ? 140 GLN X CD  1 
ATOM   864  O  OE1 . GLN A 1 140 ? 6.460   -7.966  12.812  1.00 54.92 ? 140 GLN X OE1 1 
ATOM   865  N  NE2 . GLN A 1 140 ? 7.541   -6.488  14.145  1.00 53.87 ? 140 GLN X NE2 1 
ATOM   866  O  OXT . GLN A 1 140 ? 2.719   -5.530  15.515  1.00 38.21 ? 140 GLN X OXT 1 
HETATM 867  FE FE  . HEC B 2 .   ? -6.488  1.166   1.182   1.00 8.41  ? 141 HEC X FE  1 
HETATM 868  C  CHA . HEC B 2 .   ? -7.336  -2.151  0.841   1.00 8.96  ? 141 HEC X CHA 1 
HETATM 869  C  CHB . HEC B 2 .   ? -3.295  0.114   1.548   1.00 6.04  ? 141 HEC X CHB 1 
HETATM 870  C  CHC . HEC B 2 .   ? -5.495  4.419   1.334   1.00 8.27  ? 141 HEC X CHC 1 
HETATM 871  C  CHD . HEC B 2 .   ? -9.700  2.235   1.198   1.00 9.78  ? 141 HEC X CHD 1 
HETATM 872  N  NA  . HEC B 2 .   ? -5.575  -0.314  1.236   1.00 5.06  ? 141 HEC X NA  1 
HETATM 873  C  C1A . HEC B 2 .   ? -6.035  -1.723  1.106   1.00 7.75  ? 141 HEC X C1A 1 
HETATM 874  C  C2A . HEC B 2 .   ? -5.052  -2.895  1.070   1.00 5.65  ? 141 HEC X C2A 1 
HETATM 875  C  C3A . HEC B 2 .   ? -3.856  -2.301  1.290   1.00 8.16  ? 141 HEC X C3A 1 
HETATM 876  C  C4A . HEC B 2 .   ? -4.182  -0.854  1.385   1.00 4.58  ? 141 HEC X C4A 1 
HETATM 877  C  CMA . HEC B 2 .   ? -2.502  -2.985  1.352   1.00 10.13 ? 141 HEC X CMA 1 
HETATM 878  C  CAA . HEC B 2 .   ? -5.385  -4.419  1.012   1.00 11.45 ? 141 HEC X CAA 1 
HETATM 879  C  CBA . HEC B 2 .   ? -5.522  -4.841  2.503   1.00 10.42 ? 141 HEC X CBA 1 
HETATM 880  C  CGA . HEC B 2 .   ? -5.820  -6.335  2.652   1.00 10.16 ? 141 HEC X CGA 1 
HETATM 881  O  O1A . HEC B 2 .   ? -5.904  -7.075  1.707   1.00 9.90  ? 141 HEC X O1A 1 
HETATM 882  O  O2A . HEC B 2 .   ? -6.117  -6.640  3.868   1.00 9.79  ? 141 HEC X O2A 1 
HETATM 883  N  NB  . HEC B 2 .   ? -4.739  2.116   1.387   1.00 9.42  ? 141 HEC X NB  1 
HETATM 884  C  C1B . HEC B 2 .   ? -3.506  1.523   1.609   1.00 6.45  ? 141 HEC X C1B 1 
HETATM 885  C  C2B . HEC B 2 .   ? -2.527  2.543   1.836   1.00 7.02  ? 141 HEC X C2B 1 
HETATM 886  C  C3B . HEC B 2 .   ? -3.159  3.722   1.749   1.00 8.51  ? 141 HEC X C3B 1 
HETATM 887  C  C4B . HEC B 2 .   ? -4.482  3.446   1.464   1.00 7.15  ? 141 HEC X C4B 1 
HETATM 888  C  CMB . HEC B 2 .   ? -1.061  2.126   2.286   1.00 9.32  ? 141 HEC X CMB 1 
HETATM 889  C  CAB . HEC B 2 .   ? -2.496  5.091   1.905   1.00 8.80  ? 141 HEC X CAB 1 
HETATM 890  C  CBB . HEC B 2 .   ? -1.322  5.295   0.938   1.00 10.85 ? 141 HEC X CBB 1 
HETATM 891  N  NC  . HEC B 2 .   ? -7.426  2.623   1.233   1.00 4.61  ? 141 HEC X NC  1 
HETATM 892  C  C1C . HEC B 2 .   ? -6.920  4.092   1.258   1.00 8.11  ? 141 HEC X C1C 1 
HETATM 893  C  C2C . HEC B 2 .   ? -7.888  5.291   1.251   1.00 6.81  ? 141 HEC X C2C 1 
HETATM 894  C  C3C . HEC B 2 .   ? -9.029  4.684   1.230   1.00 12.19 ? 141 HEC X C3C 1 
HETATM 895  C  C4C . HEC B 2 .   ? -8.781  3.282   1.248   1.00 5.93  ? 141 HEC X C4C 1 
HETATM 896  C  CMC . HEC B 2 .   ? -7.474  6.729   1.308   1.00 12.52 ? 141 HEC X CMC 1 
HETATM 897  C  CAC . HEC B 2 .   ? -10.459 5.064   1.216   1.00 18.40 ? 141 HEC X CAC 1 
HETATM 898  C  CBC . HEC B 2 .   ? -10.961 6.328   0.532   1.00 12.99 ? 141 HEC X CBC 1 
HETATM 899  N  ND  . HEC B 2 .   ? -8.278  0.209   1.047   1.00 9.71  ? 141 HEC X ND  1 
HETATM 900  C  C1D . HEC B 2 .   ? -9.507  0.832   1.093   1.00 9.53  ? 141 HEC X C1D 1 
HETATM 901  C  C2D . HEC B 2 .   ? -10.506 -0.205  0.811   1.00 7.23  ? 141 HEC X C2D 1 
HETATM 902  C  C3D . HEC B 2 .   ? -9.778  -1.423  0.642   1.00 8.71  ? 141 HEC X C3D 1 
HETATM 903  C  C4D . HEC B 2 .   ? -8.365  -1.203  0.855   1.00 7.79  ? 141 HEC X C4D 1 
HETATM 904  C  CMD . HEC B 2 .   ? -12.017 0.110   0.664   1.00 12.60 ? 141 HEC X CMD 1 
HETATM 905  C  CAD . HEC B 2 .   ? -10.436 -2.780  0.291   1.00 10.98 ? 141 HEC X CAD 1 
HETATM 906  C  CBD . HEC B 2 .   ? -10.299 -2.799  -1.240  1.00 10.60 ? 141 HEC X CBD 1 
HETATM 907  C  CGD . HEC B 2 .   ? -10.962 -3.979  -1.945  1.00 13.09 ? 141 HEC X CGD 1 
HETATM 908  O  O1D . HEC B 2 .   ? -11.573 -4.813  -1.221  1.00 14.55 ? 141 HEC X O1D 1 
HETATM 909  O  O2D . HEC B 2 .   ? -10.839 -4.028  -3.215  1.00 10.99 ? 141 HEC X O2D 1 
HETATM 910  ZN ZN  . ZN  C 3 .   ? -4.682  -8.042  12.020  1.00 15.58 ? 142 ZN  X ZN  1 
HETATM 911  ZN ZN  . ZN  D 3 .   ? -9.341  -14.568 12.714  1.00 13.98 ? 143 ZN  X ZN  1 
HETATM 912  ZN ZN  . ZN  E 3 .   ? -19.246 -11.278 -7.052  1.00 13.14 ? 144 ZN  X ZN  1 
HETATM 913  ZN ZN  . ZN  F 3 .   ? -2.230  -9.044  -8.944  1.00 12.62 ? 145 ZN  X ZN  1 
HETATM 914  O  O   . HOH G 4 .   ? -3.796  11.163  -3.211  1.00 36.84 ? 146 HOH X O   1 
HETATM 915  O  O   . HOH G 4 .   ? -4.734  15.879  -20.303 1.00 43.54 ? 147 HOH X O   1 
HETATM 916  O  O   . HOH G 4 .   ? -13.544 8.246   -0.816  1.00 42.27 ? 148 HOH X O   1 
HETATM 917  O  O   . HOH G 4 .   ? 13.553  16.599  7.302   1.00 50.21 ? 149 HOH X O   1 
HETATM 918  O  O   . HOH G 4 .   ? -9.827  9.027   -1.595  1.00 35.38 ? 150 HOH X O   1 
HETATM 919  O  O   . HOH G 4 .   ? -4.261  -16.387 6.733   1.00 35.18 ? 151 HOH X O   1 
HETATM 920  O  O   . HOH G 4 .   ? -1.624  -16.557 2.787   1.00 49.48 ? 152 HOH X O   1 
HETATM 921  O  O   . HOH G 4 .   ? 5.202   6.973   -13.874 1.00 33.13 ? 153 HOH X O   1 
HETATM 922  O  O   . HOH G 4 .   ? -12.823 -8.935  13.507  1.00 25.62 ? 154 HOH X O   1 
HETATM 923  O  O   . HOH G 4 .   ? 0.605   10.814  -15.163 1.00 31.65 ? 155 HOH X O   1 
HETATM 924  O  O   . HOH G 4 .   ? -2.046  20.018  -20.319 1.00 54.28 ? 156 HOH X O   1 
HETATM 925  O  O   . HOH G 4 .   ? -13.298 2.539   -10.065 1.00 42.85 ? 157 HOH X O   1 
HETATM 926  O  O   . HOH G 4 .   ? 17.321  4.457   -5.216  1.00 42.24 ? 158 HOH X O   1 
HETATM 927  O  O   . HOH G 4 .   ? -9.035  5.289   -7.401  1.00 36.87 ? 159 HOH X O   1 
HETATM 928  O  O   . HOH G 4 .   ? 15.206  -6.908  -6.558  1.00 37.69 ? 160 HOH X O   1 
HETATM 929  O  O   . HOH G 4 .   ? 18.208  -5.786  -3.483  1.00 57.84 ? 161 HOH X O   1 
HETATM 930  O  O   . HOH G 4 .   ? 8.933   13.475  4.825   1.00 32.91 ? 162 HOH X O   1 
HETATM 931  O  O   . HOH G 4 .   ? 8.257   6.218   -9.830  1.00 60.31 ? 163 HOH X O   1 
HETATM 932  O  O   . HOH G 4 .   ? -15.658 -2.679  12.466  1.00 41.66 ? 164 HOH X O   1 
HETATM 933  O  O   . HOH G 4 .   ? -7.721  11.000  2.933   1.00 47.41 ? 165 HOH X O   1 
HETATM 934  O  O   . HOH G 4 .   ? 6.746   -6.667  9.648   1.00 36.64 ? 166 HOH X O   1 
HETATM 935  O  O   . HOH G 4 .   ? -12.266 8.923   8.084   1.00 41.35 ? 167 HOH X O   1 
HETATM 936  O  O   . HOH G 4 .   ? -9.694  0.696   20.052  1.00 42.82 ? 168 HOH X O   1 
HETATM 937  O  O   . HOH G 4 .   ? 4.026   -13.995 5.127   1.00 40.79 ? 169 HOH X O   1 
HETATM 938  O  O   . HOH G 4 .   ? -18.620 -3.002  -3.451  1.00 64.94 ? 170 HOH X O   1 
HETATM 939  O  O   . HOH G 4 .   ? -15.275 6.919   8.056   1.00 64.65 ? 171 HOH X O   1 
HETATM 940  O  O   . HOH G 4 .   ? -3.570  12.116  -7.079  1.00 45.24 ? 172 HOH X O   1 
HETATM 941  O  O   . HOH G 4 .   ? 17.456  6.778   -11.127 1.00 42.30 ? 173 HOH X O   1 
HETATM 942  O  O   . HOH G 4 .   ? 9.255   16.057  5.510   1.00 41.70 ? 174 HOH X O   1 
HETATM 943  O  O   . HOH G 4 .   ? -1.226  -16.880 7.149   1.00 43.53 ? 175 HOH X O   1 
HETATM 944  O  O   . HOH G 4 .   ? 17.788  0.671   -8.805  1.00 40.53 ? 176 HOH X O   1 
HETATM 945  O  O   . HOH G 4 .   ? 9.142   3.227   12.059  1.00 45.82 ? 177 HOH X O   1 
HETATM 946  O  O   . HOH G 4 .   ? 19.952  1.341   -9.828  1.00 59.40 ? 178 HOH X O   1 
HETATM 947  O  O   . HOH G 4 .   ? -9.361  13.386  0.589   1.00 53.46 ? 179 HOH X O   1 
HETATM 948  O  O   . HOH G 4 .   ? -3.463  13.285  -24.724 1.00 44.61 ? 180 HOH X O   1 
HETATM 949  O  O   . HOH G 4 .   ? -18.702 -8.683  8.468   1.00 45.67 ? 181 HOH X O   1 
HETATM 950  O  O   . HOH G 4 .   ? 8.856   6.169   12.251  1.00 44.41 ? 182 HOH X O   1 
HETATM 951  O  O   . HOH G 4 .   ? 15.506  13.833  6.282   1.00 52.01 ? 183 HOH X O   1 
HETATM 952  O  O   . HOH G 4 .   ? 1.635   17.281  -2.555  1.00 45.61 ? 184 HOH X O   1 
HETATM 953  O  O   . HOH G 4 .   ? -15.851 9.678   -0.177  1.00 51.54 ? 185 HOH X O   1 
HETATM 954  O  O   . HOH G 4 .   ? 10.893  -2.237  11.061  1.00 24.88 ? 186 HOH X O   1 
HETATM 955  O  O   . HOH G 4 .   ? 13.132  -6.214  -0.531  1.00 17.62 ? 187 HOH X O   1 
HETATM 956  O  O   . HOH G 4 .   ? 4.249   13.266  -7.439  1.00 19.25 ? 188 HOH X O   1 
HETATM 957  O  O   . HOH G 4 .   ? 2.566   -4.878  -10.882 1.00 24.52 ? 189 HOH X O   1 
HETATM 958  O  O   . HOH G 4 .   ? -3.836  11.921  -0.603  1.00 37.05 ? 190 HOH X O   1 
HETATM 959  O  O   . HOH G 4 .   ? -4.832  -11.965 -10.053 1.00 31.17 ? 191 HOH X O   1 
HETATM 960  O  O   . HOH G 4 .   ? 10.889  -1.406  -9.188  1.00 26.10 ? 192 HOH X O   1 
HETATM 961  O  O   . HOH G 4 .   ? -10.127 -7.578  -14.704 1.00 29.69 ? 193 HOH X O   1 
HETATM 962  O  O   . HOH G 4 .   ? -5.143  -3.418  -17.629 1.00 19.73 ? 194 HOH X O   1 
HETATM 963  O  O   . HOH G 4 .   ? 5.477   12.960  2.479   1.00 38.72 ? 195 HOH X O   1 
HETATM 964  O  O   . HOH G 4 .   ? -1.788  10.256  -17.802 1.00 48.24 ? 196 HOH X O   1 
HETATM 965  O  O   . HOH G 4 .   ? -9.196  -9.822  12.179  1.00 31.00 ? 197 HOH X O   1 
HETATM 966  O  O   . HOH G 4 .   ? -12.218 -10.972 -9.760  1.00 20.35 ? 198 HOH X O   1 
HETATM 967  O  O   . HOH G 4 .   ? -3.431  -7.579  13.780  1.00 21.34 ? 199 HOH X O   1 
HETATM 968  O  O   . HOH G 4 .   ? -2.996  15.026  -6.416  1.00 51.18 ? 200 HOH X O   1 
HETATM 969  O  O   . HOH G 4 .   ? -18.399 -11.143 9.700   1.00 31.93 ? 201 HOH X O   1 
HETATM 970  O  O   . HOH G 4 .   ? -13.448 7.766   4.283   1.00 45.59 ? 202 HOH X O   1 
HETATM 971  O  O   . HOH G 4 .   ? 13.452  -1.027  -10.091 1.00 34.34 ? 203 HOH X O   1 
HETATM 972  O  O   . HOH G 4 .   ? -15.408 -9.265  12.646  1.00 25.93 ? 204 HOH X O   1 
HETATM 973  O  O   . HOH G 4 .   ? -9.271  9.860   1.972   1.00 42.24 ? 205 HOH X O   1 
HETATM 974  O  O   . HOH G 4 .   ? 3.784   -13.813 7.703   1.00 48.07 ? 206 HOH X O   1 
HETATM 975  O  O   . HOH G 4 .   ? -4.230  11.766  -9.623  1.00 40.83 ? 207 HOH X O   1 
HETATM 976  O  O   . HOH G 4 .   ? -4.351  -17.991 3.000   1.00 37.66 ? 208 HOH X O   1 
HETATM 977  O  O   . HOH G 4 .   ? -13.561 0.305   14.104  1.00 38.52 ? 209 HOH X O   1 
HETATM 978  O  O   . HOH G 4 .   ? -11.662 5.366   -9.442  1.00 59.05 ? 210 HOH X O   1 
HETATM 979  O  O   . HOH G 4 .   ? 3.895   -16.846 5.259   1.00 57.15 ? 211 HOH X O   1 
HETATM 980  O  O   . HOH G 4 .   ? 12.156  14.824  -2.521  1.00 42.42 ? 212 HOH X O   1 
HETATM 981  O  O   . HOH G 4 .   ? -15.584 9.990   -2.843  1.00 57.06 ? 213 HOH X O   1 
HETATM 982  O  O   . HOH G 4 .   ? -5.245  14.023  4.659   1.00 58.04 ? 214 HOH X O   1 
HETATM 983  O  O   . HOH G 4 .   ? -0.546  -7.623  13.712  1.00 35.51 ? 215 HOH X O   1 
HETATM 984  O  O   . HOH G 4 .   ? 11.855  3.602   13.003  1.00 41.40 ? 216 HOH X O   1 
HETATM 985  O  O   . HOH G 4 .   ? 17.018  -7.963  -3.045  1.00 45.68 ? 217 HOH X O   1 
HETATM 986  O  O   . HOH G 4 .   ? 16.730  -9.662  -7.069  1.00 45.41 ? 218 HOH X O   1 
HETATM 987  O  O   . HOH G 4 .   ? -11.100 3.643   18.809  1.00 39.50 ? 219 HOH X O   1 
HETATM 988  O  O   . HOH G 4 .   ? -10.940 13.070  -1.741  1.00 45.87 ? 220 HOH X O   1 
HETATM 989  O  O   . HOH G 4 .   ? -11.185 5.676   -13.415 1.00 47.05 ? 221 HOH X O   1 
HETATM 990  O  O   . HOH G 4 .   ? -15.369 6.883   -4.465  1.00 42.33 ? 222 HOH X O   1 
HETATM 991  O  O   . HOH G 4 .   ? -12.273 9.279   2.539   1.00 43.66 ? 223 HOH X O   1 
HETATM 992  O  O   . HOH G 4 .   ? 14.965  14.783  -3.497  1.00 29.96 ? 224 HOH X O   1 
HETATM 993  O  O   . HOH G 4 .   ? -9.352  7.607   -13.840 1.00 47.24 ? 225 HOH X O   1 
HETATM 994  O  O   . HOH G 4 .   ? -13.609 6.400   -14.066 1.00 54.72 ? 226 HOH X O   1 
HETATM 995  O  O   . HOH G 4 .   ? 16.816  15.130  -2.088  1.00 66.78 ? 227 HOH X O   1 
HETATM 996  O  O   . HOH G 4 .   ? 4.068   -7.171  9.433   1.00 24.26 ? 228 HOH X O   1 
HETATM 997  O  O   . HOH G 4 .   ? 9.100   -8.130  -1.696  1.00 14.74 ? 229 HOH X O   1 
HETATM 998  O  O   . HOH G 4 .   ? 3.610   6.340   14.075  1.00 16.06 ? 230 HOH X O   1 
HETATM 999  O  O   . HOH G 4 .   ? 2.383   8.680   15.031  1.00 13.15 ? 231 HOH X O   1 
HETATM 1000 O  O   . HOH G 4 .   ? 2.513   -13.875 -2.327  1.00 24.63 ? 232 HOH X O   1 
HETATM 1001 O  O   . HOH G 4 .   ? 1.445   7.632   10.683  1.00 12.94 ? 233 HOH X O   1 
HETATM 1002 O  O   . HOH G 4 .   ? -12.408 3.518   -0.748  1.00 16.90 ? 234 HOH X O   1 
HETATM 1003 O  O   . HOH G 4 .   ? -8.935  0.418   9.370   1.00 13.21 ? 235 HOH X O   1 
HETATM 1004 O  O   . HOH G 4 .   ? 7.368   3.844   -10.161 1.00 38.05 ? 236 HOH X O   1 
HETATM 1005 O  O   . HOH G 4 .   ? -16.098 -11.013 -9.994  1.00 18.76 ? 237 HOH X O   1 
HETATM 1006 O  O   . HOH G 4 .   ? -3.946  12.258  8.077   1.00 15.43 ? 238 HOH X O   1 
HETATM 1007 O  O   . HOH G 4 .   ? -10.510 -0.435  -10.991 1.00 17.26 ? 239 HOH X O   1 
HETATM 1008 O  O   . HOH G 4 .   ? -16.480 -4.294  5.611   1.00 20.56 ? 240 HOH X O   1 
HETATM 1009 O  O   . HOH G 4 .   ? 7.538   14.164  -13.738 1.00 12.15 ? 241 HOH X O   1 
HETATM 1010 O  O   . HOH G 4 .   ? 19.882  0.702   -0.781  1.00 17.37 ? 242 HOH X O   1 
HETATM 1011 O  O   . HOH G 4 .   ? -16.618 -6.755  -6.143  1.00 16.94 ? 243 HOH X O   1 
HETATM 1012 O  O   . HOH G 4 .   ? -3.888  -7.926  -9.302  1.00 13.37 ? 244 HOH X O   1 
HETATM 1013 O  O   . HOH G 4 .   ? 11.836  -1.257  6.678   1.00 14.21 ? 245 HOH X O   1 
HETATM 1014 O  O   . HOH G 4 .   ? 17.485  17.205  -8.233  1.00 15.34 ? 246 HOH X O   1 
HETATM 1015 O  O   . HOH G 4 .   ? 8.197   10.081  1.466   1.00 17.19 ? 247 HOH X O   1 
HETATM 1016 O  O   . HOH G 4 .   ? -10.769 2.955   9.721   1.00 19.85 ? 248 HOH X O   1 
HETATM 1017 O  O   . HOH G 4 .   ? -7.093  -12.933 -1.965  1.00 17.52 ? 249 HOH X O   1 
HETATM 1018 O  O   . HOH G 4 .   ? 0.947   10.883  9.474   1.00 20.08 ? 250 HOH X O   1 
HETATM 1019 O  O   . HOH G 4 .   ? -6.412  9.779   -3.941  1.00 17.92 ? 251 HOH X O   1 
HETATM 1020 O  O   . HOH G 4 .   ? 11.031  -5.806  -4.878  1.00 21.59 ? 252 HOH X O   1 
HETATM 1021 O  O   . HOH G 4 .   ? 12.168  -5.479  3.896   1.00 20.30 ? 253 HOH X O   1 
HETATM 1022 O  O   . HOH G 4 .   ? -1.394  10.264  -6.693  1.00 29.34 ? 254 HOH X O   1 
HETATM 1023 O  O   . HOH G 4 .   ? -5.103  -8.891  4.435   1.00 19.75 ? 255 HOH X O   1 
HETATM 1024 O  O   . HOH G 4 .   ? 7.571   10.152  -9.484  1.00 18.91 ? 256 HOH X O   1 
HETATM 1025 O  O   . HOH G 4 .   ? -7.833  -6.558  14.620  1.00 24.45 ? 257 HOH X O   1 
HETATM 1026 O  O   . HOH G 4 .   ? -12.401 4.345   8.171   1.00 16.65 ? 258 HOH X O   1 
HETATM 1027 O  O   . HOH G 4 .   ? 4.656   -0.462  -9.894  1.00 14.90 ? 259 HOH X O   1 
HETATM 1028 O  O   . HOH G 4 .   ? -13.759 -6.313  10.210  1.00 20.30 ? 260 HOH X O   1 
HETATM 1029 O  O   . HOH G 4 .   ? 19.669  5.842   -10.181 1.00 35.01 ? 261 HOH X O   1 
HETATM 1030 O  O   . HOH G 4 .   ? -4.684  -14.552 -0.383  1.00 25.41 ? 262 HOH X O   1 
HETATM 1031 O  O   . HOH G 4 .   ? 4.920   11.907  13.783  1.00 22.43 ? 263 HOH X O   1 
HETATM 1032 O  O   . HOH G 4 .   ? 15.545  4.881   -0.534  1.00 20.69 ? 264 HOH X O   1 
HETATM 1033 O  O   . HOH G 4 .   ? 0.832   13.307  7.087   1.00 18.78 ? 265 HOH X O   1 
HETATM 1034 O  O   . HOH G 4 .   ? 8.912   -10.227 -3.635  1.00 31.61 ? 266 HOH X O   1 
HETATM 1035 O  O   . HOH G 4 .   ? 10.870  -6.007  -2.186  1.00 20.63 ? 267 HOH X O   1 
HETATM 1036 O  O   . HOH G 4 .   ? 13.692  6.861   0.611   1.00 29.02 ? 268 HOH X O   1 
HETATM 1037 O  O   . HOH G 4 .   ? 3.041   -8.887  11.677  1.00 39.57 ? 269 HOH X O   1 
HETATM 1038 O  O   . HOH G 4 .   ? 6.139   12.373  -11.822 1.00 15.79 ? 270 HOH X O   1 
HETATM 1039 O  O   . HOH G 4 .   ? 13.102  9.693   1.120   1.00 21.99 ? 271 HOH X O   1 
HETATM 1040 O  O   . HOH G 4 .   ? -17.004 -9.646  -2.636  1.00 24.36 ? 272 HOH X O   1 
HETATM 1041 O  O   . HOH G 4 .   ? 3.665   9.641   -4.254  1.00 13.97 ? 273 HOH X O   1 
HETATM 1042 O  O   . HOH G 4 .   ? 19.219  15.109  -8.661  1.00 24.91 ? 274 HOH X O   1 
HETATM 1043 O  O   . HOH G 4 .   ? 14.257  -3.737  3.167   1.00 14.29 ? 275 HOH X O   1 
HETATM 1044 O  O   . HOH G 4 .   ? -15.407 -2.401  7.667   1.00 29.94 ? 276 HOH X O   1 
HETATM 1045 O  O   . HOH G 4 .   ? -6.239  -6.297  -12.422 1.00 21.66 ? 277 HOH X O   1 
HETATM 1046 O  O   . HOH G 4 .   ? 2.848   -2.354  -11.029 1.00 21.32 ? 278 HOH X O   1 
HETATM 1047 O  O   . HOH G 4 .   ? 0.215   -14.773 6.071   1.00 31.27 ? 279 HOH X O   1 
HETATM 1048 O  O   . HOH G 4 .   ? 2.792   12.152  -5.162  1.00 19.11 ? 280 HOH X O   1 
HETATM 1049 O  O   . HOH G 4 .   ? -5.831  10.255  0.794   1.00 28.03 ? 281 HOH X O   1 
HETATM 1050 O  O   . HOH G 4 .   ? -3.642  7.216   -10.296 1.00 33.46 ? 282 HOH X O   1 
HETATM 1051 O  O   . HOH G 4 .   ? -15.892 -10.071 0.521   1.00 17.79 ? 283 HOH X O   1 
HETATM 1052 O  O   . HOH G 4 .   ? 5.284   -9.400  -7.111  1.00 24.99 ? 284 HOH X O   1 
HETATM 1053 O  O   . HOH G 4 .   ? 20.814  -2.152  -1.073  1.00 26.40 ? 285 HOH X O   1 
HETATM 1054 O  O   . HOH G 4 .   ? -6.162  9.986   5.081   1.00 19.84 ? 286 HOH X O   1 
HETATM 1055 O  O   . HOH G 4 .   ? 13.208  -5.150  -6.398  1.00 23.69 ? 287 HOH X O   1 
HETATM 1056 O  O   . HOH G 4 .   ? -11.344 0.799   -8.723  1.00 22.98 ? 288 HOH X O   1 
HETATM 1057 O  O   . HOH G 4 .   ? -1.385  10.461  -3.482  1.00 31.57 ? 289 HOH X O   1 
HETATM 1058 O  O   . HOH G 4 .   ? -3.647  13.077  -20.761 1.00 36.71 ? 290 HOH X O   1 
HETATM 1059 O  O   . HOH G 4 .   ? 12.478  12.146  7.720   1.00 37.23 ? 291 HOH X O   1 
HETATM 1060 O  O   . HOH G 4 .   ? 6.745   1.790   12.271  1.00 21.83 ? 292 HOH X O   1 
HETATM 1061 O  O   . HOH G 4 .   ? -7.059  -5.345  -17.545 1.00 20.40 ? 293 HOH X O   1 
HETATM 1062 O  O   . HOH G 4 .   ? -17.788 -5.262  -1.324  1.00 42.69 ? 294 HOH X O   1 
HETATM 1063 O  O   . HOH G 4 .   ? -14.263 5.537   -0.392  1.00 27.70 ? 295 HOH X O   1 
HETATM 1064 O  O   . HOH G 4 .   ? 17.563  13.382  -6.017  1.00 34.67 ? 296 HOH X O   1 
HETATM 1065 O  O   . HOH G 4 .   ? 14.178  10.688  3.664   1.00 35.08 ? 297 HOH X O   1 
HETATM 1066 O  O   . HOH G 4 .   ? -3.861  -2.918  -15.420 1.00 26.15 ? 298 HOH X O   1 
HETATM 1067 O  O   . HOH G 4 .   ? 6.280   8.172   -11.366 1.00 32.01 ? 299 HOH X O   1 
HETATM 1068 O  O   . HOH G 4 .   ? -15.498 -0.227  2.528   1.00 24.53 ? 300 HOH X O   1 
HETATM 1069 O  O   . HOH G 4 .   ? -15.217 -5.152  -8.033  1.00 27.19 ? 301 HOH X O   1 
HETATM 1070 O  O   . HOH G 4 .   ? 14.063  10.889  -1.552  1.00 41.25 ? 302 HOH X O   1 
HETATM 1071 O  O   . HOH G 4 .   ? 0.491   10.765  -17.972 1.00 21.38 ? 303 HOH X O   1 
HETATM 1072 O  O   . HOH G 4 .   ? -10.740 -7.728  12.153  1.00 24.57 ? 304 HOH X O   1 
HETATM 1073 O  O   . HOH G 4 .   ? -12.961 -2.699  14.080  1.00 25.37 ? 305 HOH X O   1 
HETATM 1074 O  O   . HOH G 4 .   ? -14.961 -8.687  -10.768 1.00 35.62 ? 306 HOH X O   1 
HETATM 1075 O  O   . HOH G 4 .   ? -7.769  -10.941 -8.610  1.00 22.57 ? 307 HOH X O   1 
HETATM 1076 O  O   . HOH G 4 .   ? -12.104 2.509   12.230  1.00 25.75 ? 308 HOH X O   1 
HETATM 1077 O  O   . HOH G 4 .   ? -2.184  -16.738 0.375   1.00 46.34 ? 309 HOH X O   1 
HETATM 1078 O  O   . HOH G 4 .   ? -0.034  -11.099 -3.788  1.00 30.18 ? 310 HOH X O   1 
HETATM 1079 O  O   . HOH G 4 .   ? 9.980   0.441   10.464  1.00 18.41 ? 311 HOH X O   1 
HETATM 1080 O  O   . HOH G 4 .   ? 14.854  -5.007  -10.667 1.00 51.97 ? 312 HOH X O   1 
HETATM 1081 O  O   . HOH G 4 .   ? -6.547  -8.722  -9.912  1.00 25.51 ? 313 HOH X O   1 
HETATM 1082 O  O   . HOH G 4 .   ? 18.099  4.985   -2.275  1.00 32.17 ? 314 HOH X O   1 
HETATM 1083 O  O   . HOH G 4 .   ? 7.072   11.859  3.561   1.00 19.91 ? 315 HOH X O   1 
HETATM 1084 O  O   . HOH G 4 .   ? 3.414   11.600  -10.977 1.00 28.78 ? 316 HOH X O   1 
HETATM 1085 O  O   . HOH G 4 .   ? -11.180 3.652   14.517  1.00 25.55 ? 317 HOH X O   1 
HETATM 1086 O  O   . HOH G 4 .   ? -12.599 -9.196  -11.358 1.00 32.28 ? 318 HOH X O   1 
HETATM 1087 O  O   . HOH G 4 .   ? -9.320  -7.684  -11.378 1.00 32.14 ? 319 HOH X O   1 
HETATM 1088 O  O   . HOH G 4 .   ? 10.336  -9.013  0.571   1.00 25.34 ? 320 HOH X O   1 
HETATM 1089 O  O   . HOH G 4 .   ? -3.050  17.641  -22.793 1.00 42.95 ? 321 HOH X O   1 
HETATM 1090 O  O   . HOH G 4 .   ? 7.331   11.333  10.920  1.00 22.04 ? 322 HOH X O   1 
HETATM 1091 O  O   . HOH G 4 .   ? -4.551  -5.857  15.663  1.00 25.01 ? 323 HOH X O   1 
HETATM 1092 O  O   . HOH G 4 .   ? -6.026  4.250   -8.379  1.00 17.47 ? 324 HOH X O   1 
HETATM 1093 O  O   . HOH G 4 .   ? -16.349 -2.968  2.815   1.00 29.54 ? 325 HOH X O   1 
HETATM 1094 O  O   . HOH G 4 .   ? -7.399  9.760   -1.265  1.00 35.20 ? 326 HOH X O   1 
HETATM 1095 O  O   . HOH G 4 .   ? -3.263  -6.072  -12.471 1.00 27.70 ? 327 HOH X O   1 
HETATM 1096 O  O   . HOH G 4 .   ? -20.224 -4.425  3.692   1.00 39.31 ? 328 HOH X O   1 
HETATM 1097 O  O   . HOH G 4 .   ? 5.594   -10.623 -4.293  1.00 32.96 ? 329 HOH X O   1 
HETATM 1098 O  O   . HOH G 4 .   ? -4.913  -14.241 -8.948  1.00 27.65 ? 330 HOH X O   1 
HETATM 1099 O  O   . HOH G 4 .   ? -2.040  -13.756 7.161   1.00 23.77 ? 331 HOH X O   1 
HETATM 1100 O  O   . HOH G 4 .   ? 9.783   -3.906  -9.176  1.00 25.95 ? 332 HOH X O   1 
HETATM 1101 O  O   . HOH G 4 .   ? -1.255  9.473   -9.316  1.00 34.97 ? 333 HOH X O   1 
HETATM 1102 O  O   . HOH G 4 .   ? -6.198  -8.509  13.728  1.00 22.83 ? 334 HOH X O   1 
HETATM 1103 O  O   . HOH G 4 .   ? 0.696   -0.676  14.919  1.00 25.51 ? 335 HOH X O   1 
HETATM 1104 O  O   . HOH G 4 .   ? 18.978  -4.742  -1.350  1.00 28.47 ? 336 HOH X O   1 
HETATM 1105 O  O   . HOH G 4 .   ? -15.399 2.049   -2.724  1.00 34.96 ? 337 HOH X O   1 
HETATM 1106 O  O   . HOH G 4 .   ? 18.728  3.633   -3.559  1.00 41.99 ? 338 HOH X O   1 
HETATM 1107 O  O   . HOH G 4 .   ? -15.270 -4.733  8.668   1.00 28.06 ? 339 HOH X O   1 
HETATM 1108 O  O   . HOH G 4 .   ? 9.509   -10.185 12.768  1.00 38.24 ? 340 HOH X O   1 
HETATM 1109 O  O   . HOH G 4 .   ? 18.083  8.975   -5.577  1.00 50.11 ? 341 HOH X O   1 
HETATM 1110 O  O   . HOH G 4 .   ? -0.958  -12.344 9.492   1.00 33.82 ? 342 HOH X O   1 
HETATM 1111 O  O   . HOH G 4 .   ? -15.155 6.684   1.859   1.00 52.59 ? 343 HOH X O   1 
HETATM 1112 O  O   . HOH G 4 .   ? 1.880   -8.664  16.181  1.00 40.14 ? 344 HOH X O   1 
HETATM 1113 O  O   . HOH G 4 .   ? -11.091 6.661   14.267  1.00 41.92 ? 345 HOH X O   1 
HETATM 1114 O  O   . HOH G 4 .   ? 9.274   13.026  12.055  1.00 35.90 ? 346 HOH X O   1 
HETATM 1115 O  O   . HOH G 4 .   ? 17.214  2.452   -12.095 1.00 32.87 ? 347 HOH X O   1 
HETATM 1116 O  O   . HOH G 4 .   ? 9.120   -9.213  15.502  1.00 43.94 ? 348 HOH X O   1 
HETATM 1117 O  O   . HOH G 4 .   ? 6.226   8.769   16.227  1.00 28.77 ? 349 HOH X O   1 
HETATM 1118 O  O   . HOH G 4 .   ? 8.654   -3.950  14.285  1.00 62.82 ? 350 HOH X O   1 
HETATM 1119 O  O   . HOH G 4 .   ? 12.432  -4.120  -8.497  1.00 26.48 ? 351 HOH X O   1 
HETATM 1120 O  O   . HOH G 4 .   ? 3.288   10.439  -21.829 1.00 28.24 ? 352 HOH X O   1 
HETATM 1121 O  O   . HOH G 4 .   ? 12.949  14.714  5.911   1.00 62.48 ? 353 HOH X O   1 
HETATM 1122 O  O   . HOH G 4 .   ? 14.118  14.431  9.319   1.00 56.96 ? 354 HOH X O   1 
HETATM 1123 O  O   . HOH G 4 .   ? 10.881  11.710  0.902   1.00 31.26 ? 355 HOH X O   1 
HETATM 1124 O  O   . HOH G 4 .   ? -7.134  -6.060  17.211  1.00 35.74 ? 356 HOH X O   1 
HETATM 1125 O  O   . HOH G 4 .   ? -2.549  17.630  -19.002 1.00 44.50 ? 357 HOH X O   1 
HETATM 1126 O  O   . HOH G 4 .   ? -14.640 1.773   12.442  1.00 43.41 ? 358 HOH X O   1 
HETATM 1127 O  O   . HOH G 4 .   ? -13.327 -4.640  13.610  1.00 42.03 ? 359 HOH X O   1 
HETATM 1128 O  O   . HOH G 4 .   ? 1.116   14.706  -2.380  1.00 54.61 ? 360 HOH X O   1 
HETATM 1129 O  O   . HOH G 4 .   ? 5.506   11.416  -8.928  1.00 22.82 ? 361 HOH X O   1 
HETATM 1130 O  O   . HOH G 4 .   ? 0.353   15.749  -13.431 1.00 29.66 ? 362 HOH X O   1 
HETATM 1131 O  O   . HOH G 4 .   ? 15.975  8.303   7.131   1.00 33.12 ? 363 HOH X O   1 
HETATM 1132 O  O   . HOH G 4 .   ? -1.375  7.192   -12.431 1.00 39.07 ? 364 HOH X O   1 
HETATM 1133 O  O   . HOH G 4 .   ? -0.070  12.338  -6.023  1.00 29.15 ? 365 HOH X O   1 
HETATM 1134 O  O   . HOH G 4 .   ? 9.957   -8.871  10.237  1.00 47.39 ? 366 HOH X O   1 
HETATM 1135 O  O   . HOH G 4 .   ? 11.692  12.560  -1.890  1.00 36.71 ? 367 HOH X O   1 
HETATM 1136 O  O   . HOH G 4 .   ? 0.383   12.115  -13.234 1.00 49.91 ? 368 HOH X O   1 
HETATM 1137 O  O   . HOH G 4 .   ? -1.791  0.670   17.832  1.00 43.45 ? 369 HOH X O   1 
HETATM 1138 O  O   . HOH G 4 .   ? -19.048 -4.482  6.110   1.00 38.70 ? 370 HOH X O   1 
HETATM 1139 O  O   . HOH G 4 .   ? 20.115  6.800   -7.342  1.00 46.30 ? 371 HOH X O   1 
HETATM 1140 O  O   . HOH G 4 .   ? -1.405  -2.023  17.123  1.00 39.55 ? 372 HOH X O   1 
# 
loop_
_pdbx_poly_seq_scheme.asym_id 
_pdbx_poly_seq_scheme.entity_id 
_pdbx_poly_seq_scheme.seq_id 
_pdbx_poly_seq_scheme.mon_id 
_pdbx_poly_seq_scheme.ndb_seq_num 
_pdbx_poly_seq_scheme.pdb_seq_num 
_pdbx_poly_seq_scheme.auth_seq_num 
_pdbx_poly_seq_scheme.pdb_mon_id 
_pdbx_poly_seq_scheme.auth_mon_id 
_pdbx_poly_seq_scheme.pdb_strand_id 
_pdbx_poly_seq_scheme.pdb_ins_code 
_pdbx_poly_seq_scheme.hetero 
A 1 1   MET 1   1   1   MET MET X . n 
A 1 2   GLY 2   2   2   GLY GLY X . n 
A 1 3   HIS 3   3   3   HIS HIS X . n 
A 1 4   GLY 4   4   4   GLY GLY X . n 
A 1 5   ALA 5   5   5   ALA ALA X . n 
A 1 6   GLU 6   6   6   GLU GLU X . n 
A 1 7   GLY 7   7   7   GLY GLY X . n 
A 1 8   GLU 8   8   8   GLU GLU X . n 
A 1 9   GLU 9   9   9   GLU GLU X . n 
A 1 10  HIS 10  10  10  HIS HIS X . n 
A 1 11  ALA 11  11  11  ALA ALA X . n 
A 1 12  GLN 12  12  ?   ?   ?   X . n 
A 1 13  ALA 13  13  ?   ?   ?   X . n 
A 1 14  TYR 14  14  ?   ?   ?   X . n 
A 1 15  THR 15  15  ?   ?   ?   X . n 
A 1 16  TYR 16  16  ?   ?   ?   X . n 
A 1 17  PRO 17  17  ?   ?   ?   X . n 
A 1 18  VAL 18  18  ?   ?   ?   X . n 
A 1 19  GLU 19  19  ?   ?   ?   X . n 
A 1 20  SER 20  20  ?   ?   ?   X . n 
A 1 21  ALA 21  21  ?   ?   ?   X . n 
A 1 22  GLY 22  22  ?   ?   ?   X . n 
A 1 23  GLY 23  23  ?   ?   ?   X . n 
A 1 24  ALA 24  24  ?   ?   ?   X . n 
A 1 25  GLU 25  25  ?   ?   ?   X . n 
A 1 26  GLY 26  26  ?   ?   ?   X . n 
A 1 27  GLU 27  27  ?   ?   ?   X . n 
A 1 28  ALA 28  28  ?   ?   ?   X . n 
A 1 29  VAL 29  29  ?   ?   ?   X . n 
A 1 30  ASP 30  30  ?   ?   ?   X . n 
A 1 31  GLU 31  31  ?   ?   ?   X . n 
A 1 32  GLY 32  32  ?   ?   ?   X . n 
A 1 33  PRO 33  33  ?   ?   ?   X . n 
A 1 34  ASP 34  34  34  ASP ASP X . n 
A 1 35  PHE 35  35  35  PHE PHE X . n 
A 1 36  ALA 36  36  36  ALA ALA X . n 
A 1 37  THR 37  37  37  THR THR X . n 
A 1 38  VAL 38  38  38  VAL VAL X . n 
A 1 39  LEU 39  39  39  LEU LEU X . n 
A 1 40  ALA 40  40  40  ALA ALA X . n 
A 1 41  SER 41  41  41  SER SER X . n 
A 1 42  ALA 42  42  42  ALA ALA X . n 
A 1 43  ASP 43  43  43  ASP ASP X . n 
A 1 44  PRO 44  44  44  PRO PRO X . n 
A 1 45  ALA 45  45  45  ALA ALA X . n 
A 1 46  ALA 46  46  46  ALA ALA X . n 
A 1 47  GLY 47  47  47  GLY GLY X . n 
A 1 48  GLU 48  48  48  GLU GLU X . n 
A 1 49  LYS 49  49  49  LYS LYS X . n 
A 1 50  VAL 50  50  50  VAL VAL X . n 
A 1 51  PHE 51  51  51  PHE PHE X . n 
A 1 52  GLY 52  52  52  GLY GLY X . n 
A 1 53  LYS 53  53  53  LYS LYS X . n 
A 1 54  CYS 54  54  54  CYS CYS X . n 
A 1 55  LYS 55  55  55  LYS LYS X . n 
A 1 56  ALA 56  56  56  ALA ALA X . n 
A 1 57  CYS 57  57  57  CYS CYS X . n 
A 1 58  HIS 58  58  58  HIS HIS X . n 
A 1 59  LYS 59  59  59  LYS LYS X . n 
A 1 60  LEU 60  60  60  LEU LEU X . n 
A 1 61  ASP 61  61  61  ASP ASP X . n 
A 1 62  GLY 62  62  62  GLY GLY X . n 
A 1 63  ASN 63  63  63  ASN ASN X . n 
A 1 64  ASP 64  64  64  ASP ASP X . n 
A 1 65  GLY 65  65  65  GLY GLY X . n 
A 1 66  VAL 66  66  66  VAL VAL X . n 
A 1 67  GLY 67  67  67  GLY GLY X . n 
A 1 68  PRO 68  68  68  PRO PRO X . n 
A 1 69  HIS 69  69  69  HIS HIS X . n 
A 1 70  LEU 70  70  70  LEU LEU X . n 
A 1 71  ASN 71  71  71  ASN ASN X . n 
A 1 72  GLY 72  72  72  GLY GLY X . n 
A 1 73  VAL 73  73  73  VAL VAL X . n 
A 1 74  VAL 74  74  74  VAL VAL X . n 
A 1 75  GLY 75  75  75  GLY GLY X . n 
A 1 76  ARG 76  76  76  ARG ARG X . n 
A 1 77  THR 77  77  77  THR THR X . n 
A 1 78  VAL 78  78  78  VAL VAL X . n 
A 1 79  ALA 79  79  79  ALA ALA X . n 
A 1 80  GLY 80  80  80  GLY GLY X . n 
A 1 81  VAL 81  81  81  VAL VAL X . n 
A 1 82  ASP 82  82  82  ASP ASP X . n 
A 1 83  GLY 83  83  83  GLY GLY X . n 
A 1 84  PHE 84  84  84  PHE PHE X . n 
A 1 85  ASN 85  85  85  ASN ASN X . n 
A 1 86  TYR 86  86  86  TYR TYR X . n 
A 1 87  SER 87  87  87  SER SER X . n 
A 1 88  ASP 88  88  88  ASP ASP X . n 
A 1 89  PRO 89  89  89  PRO PRO X . n 
A 1 90  MET 90  90  90  MET MET X . n 
A 1 91  LYS 91  91  91  LYS LYS X . n 
A 1 92  ALA 92  92  92  ALA ALA X . n 
A 1 93  HIS 93  93  93  HIS HIS X . n 
A 1 94  GLY 94  94  94  GLY GLY X . n 
A 1 95  GLY 95  95  95  GLY GLY X . n 
A 1 96  ASP 96  96  96  ASP ASP X . n 
A 1 97  TRP 97  97  97  TRP TRP X . n 
A 1 98  THR 98  98  98  THR THR X . n 
A 1 99  PRO 99  99  99  PRO PRO X . n 
A 1 100 GLU 100 100 100 GLU GLU X . n 
A 1 101 ALA 101 101 101 ALA ALA X . n 
A 1 102 LEU 102 102 102 LEU LEU X . n 
A 1 103 GLN 103 103 103 GLN GLN X . n 
A 1 104 GLU 104 104 104 GLU GLU X . n 
A 1 105 PHE 105 105 105 PHE PHE X . n 
A 1 106 LEU 106 106 106 LEU LEU X . n 
A 1 107 THR 107 107 107 THR THR X . n 
A 1 108 ASN 108 108 108 ASN ASN X . n 
A 1 109 PRO 109 109 109 PRO PRO X . n 
A 1 110 LYS 110 110 110 LYS LYS X . n 
A 1 111 ALA 111 111 111 ALA ALA X . n 
A 1 112 VAL 112 112 112 VAL VAL X . n 
A 1 113 VAL 113 113 113 VAL VAL X . n 
A 1 114 LYS 114 114 114 LYS LYS X . n 
A 1 115 GLY 115 115 115 GLY GLY X . n 
A 1 116 THR 116 116 116 THR THR X . n 
A 1 117 LYS 117 117 117 LYS LYS X . n 
A 1 118 MET 118 118 118 MET MET X . n 
A 1 119 ALA 119 119 119 ALA ALA X . n 
A 1 120 PHE 120 120 120 PHE PHE X . n 
A 1 121 ALA 121 121 121 ALA ALA X . n 
A 1 122 GLY 122 122 122 GLY GLY X . n 
A 1 123 LEU 123 123 123 LEU LEU X . n 
A 1 124 PRO 124 124 124 PRO PRO X . n 
A 1 125 LYS 125 125 125 LYS LYS X . n 
A 1 126 ILE 126 126 126 ILE ILE X . n 
A 1 127 GLU 127 127 127 GLU GLU X . n 
A 1 128 ASP 128 128 128 ASP ASP X . n 
A 1 129 ARG 129 129 129 ARG ARG X . n 
A 1 130 ALA 130 130 130 ALA ALA X . n 
A 1 131 ASN 131 131 131 ASN ASN X . n 
A 1 132 LEU 132 132 132 LEU LEU X . n 
A 1 133 ILE 133 133 133 ILE ILE X . n 
A 1 134 ALA 134 134 134 ALA ALA X . n 
A 1 135 TYR 135 135 135 TYR TYR X . n 
A 1 136 LEU 136 136 136 LEU LEU X . n 
A 1 137 GLU 137 137 137 GLU GLU X . n 
A 1 138 GLY 138 138 138 GLY GLY X . n 
A 1 139 GLN 139 139 139 GLN GLN X . n 
A 1 140 GLN 140 140 140 GLN GLN X . n 
# 
loop_
_pdbx_nonpoly_scheme.asym_id 
_pdbx_nonpoly_scheme.entity_id 
_pdbx_nonpoly_scheme.mon_id 
_pdbx_nonpoly_scheme.ndb_seq_num 
_pdbx_nonpoly_scheme.pdb_seq_num 
_pdbx_nonpoly_scheme.auth_seq_num 
_pdbx_nonpoly_scheme.pdb_mon_id 
_pdbx_nonpoly_scheme.auth_mon_id 
_pdbx_nonpoly_scheme.pdb_strand_id 
_pdbx_nonpoly_scheme.pdb_ins_code 
B 2 HEC 1   141 141 HEC HEC X . 
C 3 ZN  1   142 5   ZN  ZN  X . 
D 3 ZN  1   143 6   ZN  ZN  X . 
E 3 ZN  1   144 7   ZN  ZN  X . 
F 3 ZN  1   145 8   ZN  ZN  X . 
G 4 HOH 1   146 146 HOH HOH X . 
G 4 HOH 2   147 147 HOH HOH X . 
G 4 HOH 3   148 148 HOH HOH X . 
G 4 HOH 4   149 149 HOH HOH X . 
G 4 HOH 5   150 150 HOH HOH X . 
G 4 HOH 6   151 151 HOH HOH X . 
G 4 HOH 7   152 152 HOH HOH X . 
G 4 HOH 8   153 153 HOH HOH X . 
G 4 HOH 9   154 154 HOH HOH X . 
G 4 HOH 10  155 155 HOH HOH X . 
G 4 HOH 11  156 156 HOH HOH X . 
G 4 HOH 12  157 157 HOH HOH X . 
G 4 HOH 13  158 158 HOH HOH X . 
G 4 HOH 14  159 159 HOH HOH X . 
G 4 HOH 15  160 160 HOH HOH X . 
G 4 HOH 16  161 161 HOH HOH X . 
G 4 HOH 17  162 162 HOH HOH X . 
G 4 HOH 18  163 163 HOH HOH X . 
G 4 HOH 19  164 164 HOH HOH X . 
G 4 HOH 20  165 165 HOH HOH X . 
G 4 HOH 21  166 166 HOH HOH X . 
G 4 HOH 22  167 167 HOH HOH X . 
G 4 HOH 23  168 168 HOH HOH X . 
G 4 HOH 24  169 169 HOH HOH X . 
G 4 HOH 25  170 170 HOH HOH X . 
G 4 HOH 26  171 171 HOH HOH X . 
G 4 HOH 27  172 172 HOH HOH X . 
G 4 HOH 28  173 173 HOH HOH X . 
G 4 HOH 29  174 174 HOH HOH X . 
G 4 HOH 30  175 175 HOH HOH X . 
G 4 HOH 31  176 176 HOH HOH X . 
G 4 HOH 32  177 177 HOH HOH X . 
G 4 HOH 33  178 178 HOH HOH X . 
G 4 HOH 34  179 179 HOH HOH X . 
G 4 HOH 35  180 180 HOH HOH X . 
G 4 HOH 36  181 181 HOH HOH X . 
G 4 HOH 37  182 182 HOH HOH X . 
G 4 HOH 38  183 183 HOH HOH X . 
G 4 HOH 39  184 184 HOH HOH X . 
G 4 HOH 40  185 185 HOH HOH X . 
G 4 HOH 41  186 186 HOH HOH X . 
G 4 HOH 42  187 187 HOH HOH X . 
G 4 HOH 43  188 188 HOH HOH X . 
G 4 HOH 44  189 189 HOH HOH X . 
G 4 HOH 45  190 190 HOH HOH X . 
G 4 HOH 46  191 191 HOH HOH X . 
G 4 HOH 47  192 192 HOH HOH X . 
G 4 HOH 48  193 193 HOH HOH X . 
G 4 HOH 49  194 194 HOH HOH X . 
G 4 HOH 50  195 195 HOH HOH X . 
G 4 HOH 51  196 196 HOH HOH X . 
G 4 HOH 52  197 197 HOH HOH X . 
G 4 HOH 53  198 198 HOH HOH X . 
G 4 HOH 54  199 199 HOH HOH X . 
G 4 HOH 55  200 200 HOH HOH X . 
G 4 HOH 56  201 201 HOH HOH X . 
G 4 HOH 57  202 202 HOH HOH X . 
G 4 HOH 58  203 203 HOH HOH X . 
G 4 HOH 59  204 204 HOH HOH X . 
G 4 HOH 60  205 205 HOH HOH X . 
G 4 HOH 61  206 206 HOH HOH X . 
G 4 HOH 62  207 207 HOH HOH X . 
G 4 HOH 63  208 208 HOH HOH X . 
G 4 HOH 64  209 209 HOH HOH X . 
G 4 HOH 65  210 210 HOH HOH X . 
G 4 HOH 66  211 211 HOH HOH X . 
G 4 HOH 67  212 212 HOH HOH X . 
G 4 HOH 68  213 213 HOH HOH X . 
G 4 HOH 69  214 214 HOH HOH X . 
G 4 HOH 70  215 215 HOH HOH X . 
G 4 HOH 71  216 216 HOH HOH X . 
G 4 HOH 72  217 217 HOH HOH X . 
G 4 HOH 73  218 218 HOH HOH X . 
G 4 HOH 74  219 219 HOH HOH X . 
G 4 HOH 75  220 220 HOH HOH X . 
G 4 HOH 76  221 221 HOH HOH X . 
G 4 HOH 77  222 222 HOH HOH X . 
G 4 HOH 78  223 223 HOH HOH X . 
G 4 HOH 79  224 224 HOH HOH X . 
G 4 HOH 80  225 225 HOH HOH X . 
G 4 HOH 81  226 226 HOH HOH X . 
G 4 HOH 82  227 227 HOH HOH X . 
G 4 HOH 83  228 1   HOH HOH X . 
G 4 HOH 84  229 2   HOH HOH X . 
G 4 HOH 85  230 3   HOH HOH X . 
G 4 HOH 86  231 4   HOH HOH X . 
G 4 HOH 87  232 5   HOH HOH X . 
G 4 HOH 88  233 6   HOH HOH X . 
G 4 HOH 89  234 7   HOH HOH X . 
G 4 HOH 90  235 8   HOH HOH X . 
G 4 HOH 91  236 9   HOH HOH X . 
G 4 HOH 92  237 10  HOH HOH X . 
G 4 HOH 93  238 11  HOH HOH X . 
G 4 HOH 94  239 12  HOH HOH X . 
G 4 HOH 95  240 13  HOH HOH X . 
G 4 HOH 96  241 14  HOH HOH X . 
G 4 HOH 97  242 15  HOH HOH X . 
G 4 HOH 98  243 16  HOH HOH X . 
G 4 HOH 99  244 17  HOH HOH X . 
G 4 HOH 100 245 18  HOH HOH X . 
G 4 HOH 101 246 19  HOH HOH X . 
G 4 HOH 102 247 20  HOH HOH X . 
G 4 HOH 103 248 21  HOH HOH X . 
G 4 HOH 104 249 22  HOH HOH X . 
G 4 HOH 105 250 23  HOH HOH X . 
G 4 HOH 106 251 24  HOH HOH X . 
G 4 HOH 107 252 25  HOH HOH X . 
G 4 HOH 108 253 26  HOH HOH X . 
G 4 HOH 109 254 27  HOH HOH X . 
G 4 HOH 110 255 28  HOH HOH X . 
G 4 HOH 111 256 29  HOH HOH X . 
G 4 HOH 112 257 30  HOH HOH X . 
G 4 HOH 113 258 31  HOH HOH X . 
G 4 HOH 114 259 32  HOH HOH X . 
G 4 HOH 115 260 33  HOH HOH X . 
G 4 HOH 116 261 34  HOH HOH X . 
G 4 HOH 117 262 35  HOH HOH X . 
G 4 HOH 118 263 36  HOH HOH X . 
G 4 HOH 119 264 37  HOH HOH X . 
G 4 HOH 120 265 38  HOH HOH X . 
G 4 HOH 121 266 39  HOH HOH X . 
G 4 HOH 122 267 40  HOH HOH X . 
G 4 HOH 123 268 41  HOH HOH X . 
G 4 HOH 124 269 42  HOH HOH X . 
G 4 HOH 125 270 43  HOH HOH X . 
G 4 HOH 126 271 44  HOH HOH X . 
G 4 HOH 127 272 45  HOH HOH X . 
G 4 HOH 128 273 46  HOH HOH X . 
G 4 HOH 129 274 47  HOH HOH X . 
G 4 HOH 130 275 48  HOH HOH X . 
G 4 HOH 131 276 49  HOH HOH X . 
G 4 HOH 132 277 50  HOH HOH X . 
G 4 HOH 133 278 51  HOH HOH X . 
G 4 HOH 134 279 52  HOH HOH X . 
G 4 HOH 135 280 53  HOH HOH X . 
G 4 HOH 136 281 54  HOH HOH X . 
G 4 HOH 137 282 55  HOH HOH X . 
G 4 HOH 138 283 56  HOH HOH X . 
G 4 HOH 139 284 57  HOH HOH X . 
G 4 HOH 140 285 58  HOH HOH X . 
G 4 HOH 141 286 59  HOH HOH X . 
G 4 HOH 142 287 60  HOH HOH X . 
G 4 HOH 143 288 61  HOH HOH X . 
G 4 HOH 144 289 62  HOH HOH X . 
G 4 HOH 145 290 63  HOH HOH X . 
G 4 HOH 146 291 64  HOH HOH X . 
G 4 HOH 147 292 65  HOH HOH X . 
G 4 HOH 148 293 66  HOH HOH X . 
G 4 HOH 149 294 67  HOH HOH X . 
G 4 HOH 150 295 68  HOH HOH X . 
G 4 HOH 151 296 69  HOH HOH X . 
G 4 HOH 152 297 70  HOH HOH X . 
G 4 HOH 153 298 71  HOH HOH X . 
G 4 HOH 154 299 72  HOH HOH X . 
G 4 HOH 155 300 73  HOH HOH X . 
G 4 HOH 156 301 74  HOH HOH X . 
G 4 HOH 157 302 75  HOH HOH X . 
G 4 HOH 158 303 76  HOH HOH X . 
G 4 HOH 159 304 77  HOH HOH X . 
G 4 HOH 160 305 78  HOH HOH X . 
G 4 HOH 161 306 79  HOH HOH X . 
G 4 HOH 162 307 80  HOH HOH X . 
G 4 HOH 163 308 81  HOH HOH X . 
G 4 HOH 164 309 82  HOH HOH X . 
G 4 HOH 165 310 83  HOH HOH X . 
G 4 HOH 166 311 84  HOH HOH X . 
G 4 HOH 167 312 85  HOH HOH X . 
G 4 HOH 168 313 86  HOH HOH X . 
G 4 HOH 169 314 87  HOH HOH X . 
G 4 HOH 170 315 88  HOH HOH X . 
G 4 HOH 171 316 89  HOH HOH X . 
G 4 HOH 172 317 90  HOH HOH X . 
G 4 HOH 173 318 91  HOH HOH X . 
G 4 HOH 174 319 92  HOH HOH X . 
G 4 HOH 175 320 93  HOH HOH X . 
G 4 HOH 176 321 94  HOH HOH X . 
G 4 HOH 177 322 95  HOH HOH X . 
G 4 HOH 178 323 96  HOH HOH X . 
G 4 HOH 179 324 97  HOH HOH X . 
G 4 HOH 180 325 98  HOH HOH X . 
G 4 HOH 181 326 99  HOH HOH X . 
G 4 HOH 182 327 100 HOH HOH X . 
G 4 HOH 183 328 101 HOH HOH X . 
G 4 HOH 184 329 102 HOH HOH X . 
G 4 HOH 185 330 103 HOH HOH X . 
G 4 HOH 186 331 104 HOH HOH X . 
G 4 HOH 187 332 105 HOH HOH X . 
G 4 HOH 188 333 106 HOH HOH X . 
G 4 HOH 189 334 107 HOH HOH X . 
G 4 HOH 190 335 108 HOH HOH X . 
G 4 HOH 191 336 109 HOH HOH X . 
G 4 HOH 192 337 110 HOH HOH X . 
G 4 HOH 193 338 111 HOH HOH X . 
G 4 HOH 194 339 112 HOH HOH X . 
G 4 HOH 195 340 113 HOH HOH X . 
G 4 HOH 196 341 114 HOH HOH X . 
G 4 HOH 197 342 115 HOH HOH X . 
G 4 HOH 198 343 116 HOH HOH X . 
G 4 HOH 199 344 117 HOH HOH X . 
G 4 HOH 200 345 118 HOH HOH X . 
G 4 HOH 201 346 119 HOH HOH X . 
G 4 HOH 202 347 120 HOH HOH X . 
G 4 HOH 203 348 121 HOH HOH X . 
G 4 HOH 204 349 122 HOH HOH X . 
G 4 HOH 205 350 123 HOH HOH X . 
G 4 HOH 206 351 124 HOH HOH X . 
G 4 HOH 207 352 125 HOH HOH X . 
G 4 HOH 208 353 126 HOH HOH X . 
G 4 HOH 209 354 127 HOH HOH X . 
G 4 HOH 210 355 128 HOH HOH X . 
G 4 HOH 211 356 129 HOH HOH X . 
G 4 HOH 212 357 130 HOH HOH X . 
G 4 HOH 213 358 131 HOH HOH X . 
G 4 HOH 214 359 132 HOH HOH X . 
G 4 HOH 215 360 133 HOH HOH X . 
G 4 HOH 216 361 134 HOH HOH X . 
G 4 HOH 217 362 135 HOH HOH X . 
G 4 HOH 218 363 136 HOH HOH X . 
G 4 HOH 219 364 137 HOH HOH X . 
G 4 HOH 220 365 138 HOH HOH X . 
G 4 HOH 221 366 139 HOH HOH X . 
G 4 HOH 222 367 140 HOH HOH X . 
G 4 HOH 223 368 141 HOH HOH X . 
G 4 HOH 224 369 142 HOH HOH X . 
G 4 HOH 225 370 143 HOH HOH X . 
G 4 HOH 226 371 144 HOH HOH X . 
G 4 HOH 227 372 145 HOH HOH X . 
# 
_pdbx_struct_assembly.id                   1 
_pdbx_struct_assembly.details              author_and_software_defined_assembly 
_pdbx_struct_assembly.method_details       PISA 
_pdbx_struct_assembly.oligomeric_details   monomeric 
_pdbx_struct_assembly.oligomeric_count     1 
# 
_pdbx_struct_assembly_gen.assembly_id       1 
_pdbx_struct_assembly_gen.oper_expression   1 
_pdbx_struct_assembly_gen.asym_id_list      A,B,C,D,E,F,G 
# 
_pdbx_struct_oper_list.id                   1 
_pdbx_struct_oper_list.type                 'identity operation' 
_pdbx_struct_oper_list.name                 1_555 
_pdbx_struct_oper_list.symmetry_operation   x,y,z 
_pdbx_struct_oper_list.matrix[1][1]         1.0000000000 
_pdbx_struct_oper_list.matrix[1][2]         0.0000000000 
_pdbx_struct_oper_list.matrix[1][3]         0.0000000000 
_pdbx_struct_oper_list.vector[1]            0.0000000000 
_pdbx_struct_oper_list.matrix[2][1]         0.0000000000 
_pdbx_struct_oper_list.matrix[2][2]         1.0000000000 
_pdbx_struct_oper_list.matrix[2][3]         0.0000000000 
_pdbx_struct_oper_list.vector[2]            0.0000000000 
_pdbx_struct_oper_list.matrix[3][1]         0.0000000000 
_pdbx_struct_oper_list.matrix[3][2]         0.0000000000 
_pdbx_struct_oper_list.matrix[3][3]         1.0000000000 
_pdbx_struct_oper_list.vector[3]            0.0000000000 
# 
loop_
_pdbx_struct_conn_angle.id 
_pdbx_struct_conn_angle.ptnr1_label_atom_id 
_pdbx_struct_conn_angle.ptnr1_label_alt_id 
_pdbx_struct_conn_angle.ptnr1_label_asym_id 
_pdbx_struct_conn_angle.ptnr1_label_comp_id 
_pdbx_struct_conn_angle.ptnr1_label_seq_id 
_pdbx_struct_conn_angle.ptnr1_auth_atom_id 
_pdbx_struct_conn_angle.ptnr1_auth_asym_id 
_pdbx_struct_conn_angle.ptnr1_auth_comp_id 
_pdbx_struct_conn_angle.ptnr1_auth_seq_id 
_pdbx_struct_conn_angle.ptnr1_PDB_ins_code 
_pdbx_struct_conn_angle.ptnr1_symmetry 
_pdbx_struct_conn_angle.ptnr2_label_atom_id 
_pdbx_struct_conn_angle.ptnr2_label_alt_id 
_pdbx_struct_conn_angle.ptnr2_label_asym_id 
_pdbx_struct_conn_angle.ptnr2_label_comp_id 
_pdbx_struct_conn_angle.ptnr2_label_seq_id 
_pdbx_struct_conn_angle.ptnr2_auth_atom_id 
_pdbx_struct_conn_angle.ptnr2_auth_asym_id 
_pdbx_struct_conn_angle.ptnr2_auth_comp_id 
_pdbx_struct_conn_angle.ptnr2_auth_seq_id 
_pdbx_struct_conn_angle.ptnr2_PDB_ins_code 
_pdbx_struct_conn_angle.ptnr2_symmetry 
_pdbx_struct_conn_angle.ptnr3_label_atom_id 
_pdbx_struct_conn_angle.ptnr3_label_alt_id 
_pdbx_struct_conn_angle.ptnr3_label_asym_id 
_pdbx_struct_conn_angle.ptnr3_label_comp_id 
_pdbx_struct_conn_angle.ptnr3_label_seq_id 
_pdbx_struct_conn_angle.ptnr3_auth_atom_id 
_pdbx_struct_conn_angle.ptnr3_auth_asym_id 
_pdbx_struct_conn_angle.ptnr3_auth_comp_id 
_pdbx_struct_conn_angle.ptnr3_auth_seq_id 
_pdbx_struct_conn_angle.ptnr3_PDB_ins_code 
_pdbx_struct_conn_angle.ptnr3_symmetry 
_pdbx_struct_conn_angle.value 
_pdbx_struct_conn_angle.value_esd 
1  NE2 ? A HIS 58 ? X HIS 58  ? 1_555 FE ? B HEC . ? X HEC 141 ? 1_555 NA ? B HEC .   ? X HEC 141 ? 1_555 89.8  ? 
2  NE2 ? A HIS 58 ? X HIS 58  ? 1_555 FE ? B HEC . ? X HEC 141 ? 1_555 NB ? B HEC .   ? X HEC 141 ? 1_555 89.5  ? 
3  NA  ? B HEC .  ? X HEC 141 ? 1_555 FE ? B HEC . ? X HEC 141 ? 1_555 NB ? B HEC .   ? X HEC 141 ? 1_555 86.7  ? 
4  NE2 ? A HIS 58 ? X HIS 58  ? 1_555 FE ? B HEC . ? X HEC 141 ? 1_555 NC ? B HEC .   ? X HEC 141 ? 1_555 86.7  ? 
5  NA  ? B HEC .  ? X HEC 141 ? 1_555 FE ? B HEC . ? X HEC 141 ? 1_555 NC ? B HEC .   ? X HEC 141 ? 1_555 176.4 ? 
6  NB  ? B HEC .  ? X HEC 141 ? 1_555 FE ? B HEC . ? X HEC 141 ? 1_555 NC ? B HEC .   ? X HEC 141 ? 1_555 94.0  ? 
7  NE2 ? A HIS 58 ? X HIS 58  ? 1_555 FE ? B HEC . ? X HEC 141 ? 1_555 ND ? B HEC .   ? X HEC 141 ? 1_555 88.4  ? 
8  NA  ? B HEC .  ? X HEC 141 ? 1_555 FE ? B HEC . ? X HEC 141 ? 1_555 ND ? B HEC .   ? X HEC 141 ? 1_555 93.7  ? 
9  NB  ? B HEC .  ? X HEC 141 ? 1_555 FE ? B HEC . ? X HEC 141 ? 1_555 ND ? B HEC .   ? X HEC 141 ? 1_555 177.9 ? 
10 NC  ? B HEC .  ? X HEC 141 ? 1_555 FE ? B HEC . ? X HEC 141 ? 1_555 ND ? B HEC .   ? X HEC 141 ? 1_555 85.5  ? 
11 NE2 ? A HIS 58 ? X HIS 58  ? 1_555 FE ? B HEC . ? X HEC 141 ? 1_555 SD ? A MET 118 ? X MET 118 ? 1_555 174.0 ? 
12 NA  ? B HEC .  ? X HEC 141 ? 1_555 FE ? B HEC . ? X HEC 141 ? 1_555 SD ? A MET 118 ? X MET 118 ? 1_555 86.0  ? 
13 NB  ? B HEC .  ? X HEC 141 ? 1_555 FE ? B HEC . ? X HEC 141 ? 1_555 SD ? A MET 118 ? X MET 118 ? 1_555 94.4  ? 
14 NC  ? B HEC .  ? X HEC 141 ? 1_555 FE ? B HEC . ? X HEC 141 ? 1_555 SD ? A MET 118 ? X MET 118 ? 1_555 97.5  ? 
15 ND  ? B HEC .  ? X HEC 141 ? 1_555 FE ? B HEC . ? X HEC 141 ? 1_555 SD ? A MET 118 ? X MET 118 ? 1_555 87.7  ? 
16 NE2 ? A HIS 69 ? X HIS 69  ? 1_555 ZN ? C ZN  . ? X ZN  142 ? 1_555 O  ? G HOH .   ? X HOH 199 ? 1_555 108.7 ? 
17 NE2 ? A HIS 69 ? X HIS 69  ? 1_555 ZN ? C ZN  . ? X ZN  142 ? 1_555 O  ? G HOH .   ? X HOH 334 ? 1_555 90.3  ? 
18 O   ? G HOH .  ? X HOH 199 ? 1_555 ZN ? C ZN  . ? X ZN  142 ? 1_555 O  ? G HOH .   ? X HOH 334 ? 1_555 80.0  ? 
19 NE2 ? A HIS 93 ? X HIS 93  ? 1_555 ZN ? F ZN  . ? X ZN  145 ? 1_555 O  ? G HOH .   ? X HOH 244 ? 1_555 96.9  ? 
# 
loop_
_pdbx_audit_revision_history.ordinal 
_pdbx_audit_revision_history.data_content_type 
_pdbx_audit_revision_history.major_revision 
_pdbx_audit_revision_history.minor_revision 
_pdbx_audit_revision_history.revision_date 
1 'Structure model' 1 0 2010-07-21 
2 'Structure model' 1 1 2011-07-13 
3 'Structure model' 1 2 2023-09-06 
# 
_pdbx_audit_revision_details.ordinal             1 
_pdbx_audit_revision_details.revision_ordinal    1 
_pdbx_audit_revision_details.data_content_type   'Structure model' 
_pdbx_audit_revision_details.provider            repository 
_pdbx_audit_revision_details.type                'Initial release' 
_pdbx_audit_revision_details.description         ? 
_pdbx_audit_revision_details.details             ? 
# 
loop_
_pdbx_audit_revision_group.ordinal 
_pdbx_audit_revision_group.revision_ordinal 
_pdbx_audit_revision_group.data_content_type 
_pdbx_audit_revision_group.group 
1 2 'Structure model' 'Version format compliance' 
2 3 'Structure model' 'Data collection'           
3 3 'Structure model' 'Database references'       
4 3 'Structure model' 'Derived calculations'      
5 3 'Structure model' 'Refinement description'    
# 
loop_
_pdbx_audit_revision_category.ordinal 
_pdbx_audit_revision_category.revision_ordinal 
_pdbx_audit_revision_category.data_content_type 
_pdbx_audit_revision_category.category 
1 3 'Structure model' chem_comp_atom                
2 3 'Structure model' chem_comp_bond                
3 3 'Structure model' database_2                    
4 3 'Structure model' pdbx_initial_refinement_model 
5 3 'Structure model' struct_conn                   
6 3 'Structure model' struct_ref_seq_dif            
7 3 'Structure model' struct_site                   
# 
loop_
_pdbx_audit_revision_item.ordinal 
_pdbx_audit_revision_item.revision_ordinal 
_pdbx_audit_revision_item.data_content_type 
_pdbx_audit_revision_item.item 
1  3 'Structure model' '_database_2.pdbx_DOI'                
2  3 'Structure model' '_database_2.pdbx_database_accession' 
3  3 'Structure model' '_struct_conn.pdbx_dist_value'        
4  3 'Structure model' '_struct_conn.ptnr1_auth_comp_id'     
5  3 'Structure model' '_struct_conn.ptnr1_auth_seq_id'      
6  3 'Structure model' '_struct_conn.ptnr1_label_asym_id'    
7  3 'Structure model' '_struct_conn.ptnr1_label_atom_id'    
8  3 'Structure model' '_struct_conn.ptnr1_label_comp_id'    
9  3 'Structure model' '_struct_conn.ptnr1_label_seq_id'     
10 3 'Structure model' '_struct_conn.ptnr2_auth_comp_id'     
11 3 'Structure model' '_struct_conn.ptnr2_auth_seq_id'      
12 3 'Structure model' '_struct_conn.ptnr2_label_asym_id'    
13 3 'Structure model' '_struct_conn.ptnr2_label_atom_id'    
14 3 'Structure model' '_struct_conn.ptnr2_label_comp_id'    
15 3 'Structure model' '_struct_ref_seq_dif.details'         
16 3 'Structure model' '_struct_site.pdbx_auth_asym_id'      
17 3 'Structure model' '_struct_site.pdbx_auth_comp_id'      
18 3 'Structure model' '_struct_site.pdbx_auth_seq_id'       
# 
loop_
_software.pdbx_ordinal 
_software.name 
_software.version 
_software.date 
_software.type 
_software.contact_author 
_software.contact_author_email 
_software.classification 
_software.location 
_software.language 
_software.citation_id 
1 REFMAC      5.5.0072 ?               program 'Garib N. Murshudov' garib@ysbl.york.ac.uk refinement        
http://www.ccp4.ac.uk/dist/html/refmac5.html Fortran_77 ? 
2 PDB_EXTRACT 3.100    'Jan. 22, 2010' package PDB                  help@deposit.rcsb.org 'data extraction' 
http://sw-tools.pdb.org/apps/PDB_EXTRACT/    C++        ? 
3 XDS         .        ?               ?       ?                    ?                     'data reduction'  ? ?          ? 
4 SCALA       .        ?               ?       ?                    ?                     'data scaling'    ? ?          ? 
5 EPMR        .        ?               ?       ?                    ?                     phasing           ? ?          ? 
# 
loop_
_pdbx_validate_close_contact.id 
_pdbx_validate_close_contact.PDB_model_num 
_pdbx_validate_close_contact.auth_atom_id_1 
_pdbx_validate_close_contact.auth_asym_id_1 
_pdbx_validate_close_contact.auth_comp_id_1 
_pdbx_validate_close_contact.auth_seq_id_1 
_pdbx_validate_close_contact.PDB_ins_code_1 
_pdbx_validate_close_contact.label_alt_id_1 
_pdbx_validate_close_contact.auth_atom_id_2 
_pdbx_validate_close_contact.auth_asym_id_2 
_pdbx_validate_close_contact.auth_comp_id_2 
_pdbx_validate_close_contact.auth_seq_id_2 
_pdbx_validate_close_contact.PDB_ins_code_2 
_pdbx_validate_close_contact.label_alt_id_2 
_pdbx_validate_close_contact.dist 
1 1 SG X CYS 54  ? ? CAB X HEC 141 ? ? 1.88 
2 1 O  X HOH 314 ? ? O   X HOH 338 ? ? 1.97 
3 1 O  X HOH 305 ? ? O   X HOH 359 ? ? 2.03 
4 1 N  X ASP 34  ? ? O   X HOH 203 ? ? 2.09 
5 1 O  X HOH 165 ? ? O   X HOH 205 ? ? 2.15 
# 
loop_
_pdbx_validate_rmsd_angle.id 
_pdbx_validate_rmsd_angle.PDB_model_num 
_pdbx_validate_rmsd_angle.auth_atom_id_1 
_pdbx_validate_rmsd_angle.auth_asym_id_1 
_pdbx_validate_rmsd_angle.auth_comp_id_1 
_pdbx_validate_rmsd_angle.auth_seq_id_1 
_pdbx_validate_rmsd_angle.PDB_ins_code_1 
_pdbx_validate_rmsd_angle.label_alt_id_1 
_pdbx_validate_rmsd_angle.auth_atom_id_2 
_pdbx_validate_rmsd_angle.auth_asym_id_2 
_pdbx_validate_rmsd_angle.auth_comp_id_2 
_pdbx_validate_rmsd_angle.auth_seq_id_2 
_pdbx_validate_rmsd_angle.PDB_ins_code_2 
_pdbx_validate_rmsd_angle.label_alt_id_2 
_pdbx_validate_rmsd_angle.auth_atom_id_3 
_pdbx_validate_rmsd_angle.auth_asym_id_3 
_pdbx_validate_rmsd_angle.auth_comp_id_3 
_pdbx_validate_rmsd_angle.auth_seq_id_3 
_pdbx_validate_rmsd_angle.PDB_ins_code_3 
_pdbx_validate_rmsd_angle.label_alt_id_3 
_pdbx_validate_rmsd_angle.angle_value 
_pdbx_validate_rmsd_angle.angle_target_value 
_pdbx_validate_rmsd_angle.angle_deviation 
_pdbx_validate_rmsd_angle.angle_standard_deviation 
_pdbx_validate_rmsd_angle.linker_flag 
1 1 CB X ASP 43  ? ? CG X ASP 43  ? ? OD1 X ASP 43  ? ? 112.49 118.30 -5.81  0.90 N 
2 1 CA X CYS 54  ? ? CB X CYS 54  ? ? SG  X CYS 54  ? ? 124.08 114.20 9.88   1.10 N 
3 1 CB X ASP 88  ? ? CG X ASP 88  ? ? OD1 X ASP 88  ? ? 112.66 118.30 -5.64  0.90 N 
4 1 CB X ASP 88  ? ? CG X ASP 88  ? ? OD2 X ASP 88  ? ? 124.57 118.30 6.27   0.90 N 
5 1 CB X LEU 106 ? ? CG X LEU 106 ? ? CD2 X LEU 106 ? ? 100.68 111.00 -10.32 1.70 N 
# 
loop_
_pdbx_validate_torsion.id 
_pdbx_validate_torsion.PDB_model_num 
_pdbx_validate_torsion.auth_comp_id 
_pdbx_validate_torsion.auth_asym_id 
_pdbx_validate_torsion.auth_seq_id 
_pdbx_validate_torsion.PDB_ins_code 
_pdbx_validate_torsion.label_alt_id 
_pdbx_validate_torsion.phi 
_pdbx_validate_torsion.psi 
1 1 HIS X 3   ? ? -107.28 52.46 
2 1 ASN X 108 ? ? -166.22 90.50 
3 1 GLN X 139 ? ? -110.56 67.07 
# 
loop_
_pdbx_unobs_or_zero_occ_residues.id 
_pdbx_unobs_or_zero_occ_residues.PDB_model_num 
_pdbx_unobs_or_zero_occ_residues.polymer_flag 
_pdbx_unobs_or_zero_occ_residues.occupancy_flag 
_pdbx_unobs_or_zero_occ_residues.auth_asym_id 
_pdbx_unobs_or_zero_occ_residues.auth_comp_id 
_pdbx_unobs_or_zero_occ_residues.auth_seq_id 
_pdbx_unobs_or_zero_occ_residues.PDB_ins_code 
_pdbx_unobs_or_zero_occ_residues.label_asym_id 
_pdbx_unobs_or_zero_occ_residues.label_comp_id 
_pdbx_unobs_or_zero_occ_residues.label_seq_id 
1  1 Y 1 X GLN 12 ? A GLN 12 
2  1 Y 1 X ALA 13 ? A ALA 13 
3  1 Y 1 X TYR 14 ? A TYR 14 
4  1 Y 1 X THR 15 ? A THR 15 
5  1 Y 1 X TYR 16 ? A TYR 16 
6  1 Y 1 X PRO 17 ? A PRO 17 
7  1 Y 1 X VAL 18 ? A VAL 18 
8  1 Y 1 X GLU 19 ? A GLU 19 
9  1 Y 1 X SER 20 ? A SER 20 
10 1 Y 1 X ALA 21 ? A ALA 21 
11 1 Y 1 X GLY 22 ? A GLY 22 
12 1 Y 1 X GLY 23 ? A GLY 23 
13 1 Y 1 X ALA 24 ? A ALA 24 
14 1 Y 1 X GLU 25 ? A GLU 25 
15 1 Y 1 X GLY 26 ? A GLY 26 
16 1 Y 1 X GLU 27 ? A GLU 27 
17 1 Y 1 X ALA 28 ? A ALA 28 
18 1 Y 1 X VAL 29 ? A VAL 29 
19 1 Y 1 X ASP 30 ? A ASP 30 
20 1 Y 1 X GLU 31 ? A GLU 31 
21 1 Y 1 X GLY 32 ? A GLY 32 
22 1 Y 1 X PRO 33 ? A PRO 33 
# 
loop_
_chem_comp_atom.comp_id 
_chem_comp_atom.atom_id 
_chem_comp_atom.type_symbol 
_chem_comp_atom.pdbx_aromatic_flag 
_chem_comp_atom.pdbx_stereo_config 
_chem_comp_atom.pdbx_ordinal 
ALA N    N  N N 1   
ALA CA   C  N S 2   
ALA C    C  N N 3   
ALA O    O  N N 4   
ALA CB   C  N N 5   
ALA OXT  O  N N 6   
ALA H    H  N N 7   
ALA H2   H  N N 8   
ALA HA   H  N N 9   
ALA HB1  H  N N 10  
ALA HB2  H  N N 11  
ALA HB3  H  N N 12  
ALA HXT  H  N N 13  
ARG N    N  N N 14  
ARG CA   C  N S 15  
ARG C    C  N N 16  
ARG O    O  N N 17  
ARG CB   C  N N 18  
ARG CG   C  N N 19  
ARG CD   C  N N 20  
ARG NE   N  N N 21  
ARG CZ   C  N N 22  
ARG NH1  N  N N 23  
ARG NH2  N  N N 24  
ARG OXT  O  N N 25  
ARG H    H  N N 26  
ARG H2   H  N N 27  
ARG HA   H  N N 28  
ARG HB2  H  N N 29  
ARG HB3  H  N N 30  
ARG HG2  H  N N 31  
ARG HG3  H  N N 32  
ARG HD2  H  N N 33  
ARG HD3  H  N N 34  
ARG HE   H  N N 35  
ARG HH11 H  N N 36  
ARG HH12 H  N N 37  
ARG HH21 H  N N 38  
ARG HH22 H  N N 39  
ARG HXT  H  N N 40  
ASN N    N  N N 41  
ASN CA   C  N S 42  
ASN C    C  N N 43  
ASN O    O  N N 44  
ASN CB   C  N N 45  
ASN CG   C  N N 46  
ASN OD1  O  N N 47  
ASN ND2  N  N N 48  
ASN OXT  O  N N 49  
ASN H    H  N N 50  
ASN H2   H  N N 51  
ASN HA   H  N N 52  
ASN HB2  H  N N 53  
ASN HB3  H  N N 54  
ASN HD21 H  N N 55  
ASN HD22 H  N N 56  
ASN HXT  H  N N 57  
ASP N    N  N N 58  
ASP CA   C  N S 59  
ASP C    C  N N 60  
ASP O    O  N N 61  
ASP CB   C  N N 62  
ASP CG   C  N N 63  
ASP OD1  O  N N 64  
ASP OD2  O  N N 65  
ASP OXT  O  N N 66  
ASP H    H  N N 67  
ASP H2   H  N N 68  
ASP HA   H  N N 69  
ASP HB2  H  N N 70  
ASP HB3  H  N N 71  
ASP HD2  H  N N 72  
ASP HXT  H  N N 73  
CYS N    N  N N 74  
CYS CA   C  N R 75  
CYS C    C  N N 76  
CYS O    O  N N 77  
CYS CB   C  N N 78  
CYS SG   S  N N 79  
CYS OXT  O  N N 80  
CYS H    H  N N 81  
CYS H2   H  N N 82  
CYS HA   H  N N 83  
CYS HB2  H  N N 84  
CYS HB3  H  N N 85  
CYS HG   H  N N 86  
CYS HXT  H  N N 87  
GLN N    N  N N 88  
GLN CA   C  N S 89  
GLN C    C  N N 90  
GLN O    O  N N 91  
GLN CB   C  N N 92  
GLN CG   C  N N 93  
GLN CD   C  N N 94  
GLN OE1  O  N N 95  
GLN NE2  N  N N 96  
GLN OXT  O  N N 97  
GLN H    H  N N 98  
GLN H2   H  N N 99  
GLN HA   H  N N 100 
GLN HB2  H  N N 101 
GLN HB3  H  N N 102 
GLN HG2  H  N N 103 
GLN HG3  H  N N 104 
GLN HE21 H  N N 105 
GLN HE22 H  N N 106 
GLN HXT  H  N N 107 
GLU N    N  N N 108 
GLU CA   C  N S 109 
GLU C    C  N N 110 
GLU O    O  N N 111 
GLU CB   C  N N 112 
GLU CG   C  N N 113 
GLU CD   C  N N 114 
GLU OE1  O  N N 115 
GLU OE2  O  N N 116 
GLU OXT  O  N N 117 
GLU H    H  N N 118 
GLU H2   H  N N 119 
GLU HA   H  N N 120 
GLU HB2  H  N N 121 
GLU HB3  H  N N 122 
GLU HG2  H  N N 123 
GLU HG3  H  N N 124 
GLU HE2  H  N N 125 
GLU HXT  H  N N 126 
GLY N    N  N N 127 
GLY CA   C  N N 128 
GLY C    C  N N 129 
GLY O    O  N N 130 
GLY OXT  O  N N 131 
GLY H    H  N N 132 
GLY H2   H  N N 133 
GLY HA2  H  N N 134 
GLY HA3  H  N N 135 
GLY HXT  H  N N 136 
HEC FE   FE N N 137 
HEC CHA  C  N N 138 
HEC CHB  C  N N 139 
HEC CHC  C  N N 140 
HEC CHD  C  N N 141 
HEC NA   N  Y N 142 
HEC C1A  C  Y N 143 
HEC C2A  C  Y N 144 
HEC C3A  C  Y N 145 
HEC C4A  C  Y N 146 
HEC CMA  C  N N 147 
HEC CAA  C  N N 148 
HEC CBA  C  N N 149 
HEC CGA  C  N N 150 
HEC O1A  O  N N 151 
HEC O2A  O  N N 152 
HEC NB   N  Y N 153 
HEC C1B  C  Y N 154 
HEC C2B  C  Y N 155 
HEC C3B  C  Y N 156 
HEC C4B  C  Y N 157 
HEC CMB  C  N N 158 
HEC CAB  C  N N 159 
HEC CBB  C  N N 160 
HEC NC   N  Y N 161 
HEC C1C  C  Y N 162 
HEC C2C  C  Y N 163 
HEC C3C  C  Y N 164 
HEC C4C  C  Y N 165 
HEC CMC  C  N N 166 
HEC CAC  C  N N 167 
HEC CBC  C  N N 168 
HEC ND   N  Y N 169 
HEC C1D  C  Y N 170 
HEC C2D  C  Y N 171 
HEC C3D  C  Y N 172 
HEC C4D  C  Y N 173 
HEC CMD  C  N N 174 
HEC CAD  C  N N 175 
HEC CBD  C  N N 176 
HEC CGD  C  N N 177 
HEC O1D  O  N N 178 
HEC O2D  O  N N 179 
HEC HHA  H  N N 180 
HEC HHB  H  N N 181 
HEC HHC  H  N N 182 
HEC HHD  H  N N 183 
HEC HMA1 H  N N 184 
HEC HMA2 H  N N 185 
HEC HMA3 H  N N 186 
HEC HAA1 H  N N 187 
HEC HAA2 H  N N 188 
HEC HBA1 H  N N 189 
HEC HBA2 H  N N 190 
HEC H2A  H  N N 191 
HEC HMB1 H  N N 192 
HEC HMB2 H  N N 193 
HEC HMB3 H  N N 194 
HEC HAB  H  N N 195 
HEC HBB1 H  N N 196 
HEC HBB2 H  N N 197 
HEC HBB3 H  N N 198 
HEC HMC1 H  N N 199 
HEC HMC2 H  N N 200 
HEC HMC3 H  N N 201 
HEC HAC  H  N N 202 
HEC HBC1 H  N N 203 
HEC HBC2 H  N N 204 
HEC HBC3 H  N N 205 
HEC HMD1 H  N N 206 
HEC HMD2 H  N N 207 
HEC HMD3 H  N N 208 
HEC HAD1 H  N N 209 
HEC HAD2 H  N N 210 
HEC HBD1 H  N N 211 
HEC HBD2 H  N N 212 
HEC H2D  H  N N 213 
HIS N    N  N N 214 
HIS CA   C  N S 215 
HIS C    C  N N 216 
HIS O    O  N N 217 
HIS CB   C  N N 218 
HIS CG   C  Y N 219 
HIS ND1  N  Y N 220 
HIS CD2  C  Y N 221 
HIS CE1  C  Y N 222 
HIS NE2  N  Y N 223 
HIS OXT  O  N N 224 
HIS H    H  N N 225 
HIS H2   H  N N 226 
HIS HA   H  N N 227 
HIS HB2  H  N N 228 
HIS HB3  H  N N 229 
HIS HD1  H  N N 230 
HIS HD2  H  N N 231 
HIS HE1  H  N N 232 
HIS HE2  H  N N 233 
HIS HXT  H  N N 234 
HOH O    O  N N 235 
HOH H1   H  N N 236 
HOH H2   H  N N 237 
ILE N    N  N N 238 
ILE CA   C  N S 239 
ILE C    C  N N 240 
ILE O    O  N N 241 
ILE CB   C  N S 242 
ILE CG1  C  N N 243 
ILE CG2  C  N N 244 
ILE CD1  C  N N 245 
ILE OXT  O  N N 246 
ILE H    H  N N 247 
ILE H2   H  N N 248 
ILE HA   H  N N 249 
ILE HB   H  N N 250 
ILE HG12 H  N N 251 
ILE HG13 H  N N 252 
ILE HG21 H  N N 253 
ILE HG22 H  N N 254 
ILE HG23 H  N N 255 
ILE HD11 H  N N 256 
ILE HD12 H  N N 257 
ILE HD13 H  N N 258 
ILE HXT  H  N N 259 
LEU N    N  N N 260 
LEU CA   C  N S 261 
LEU C    C  N N 262 
LEU O    O  N N 263 
LEU CB   C  N N 264 
LEU CG   C  N N 265 
LEU CD1  C  N N 266 
LEU CD2  C  N N 267 
LEU OXT  O  N N 268 
LEU H    H  N N 269 
LEU H2   H  N N 270 
LEU HA   H  N N 271 
LEU HB2  H  N N 272 
LEU HB3  H  N N 273 
LEU HG   H  N N 274 
LEU HD11 H  N N 275 
LEU HD12 H  N N 276 
LEU HD13 H  N N 277 
LEU HD21 H  N N 278 
LEU HD22 H  N N 279 
LEU HD23 H  N N 280 
LEU HXT  H  N N 281 
LYS N    N  N N 282 
LYS CA   C  N S 283 
LYS C    C  N N 284 
LYS O    O  N N 285 
LYS CB   C  N N 286 
LYS CG   C  N N 287 
LYS CD   C  N N 288 
LYS CE   C  N N 289 
LYS NZ   N  N N 290 
LYS OXT  O  N N 291 
LYS H    H  N N 292 
LYS H2   H  N N 293 
LYS HA   H  N N 294 
LYS HB2  H  N N 295 
LYS HB3  H  N N 296 
LYS HG2  H  N N 297 
LYS HG3  H  N N 298 
LYS HD2  H  N N 299 
LYS HD3  H  N N 300 
LYS HE2  H  N N 301 
LYS HE3  H  N N 302 
LYS HZ1  H  N N 303 
LYS HZ2  H  N N 304 
LYS HZ3  H  N N 305 
LYS HXT  H  N N 306 
MET N    N  N N 307 
MET CA   C  N S 308 
MET C    C  N N 309 
MET O    O  N N 310 
MET CB   C  N N 311 
MET CG   C  N N 312 
MET SD   S  N N 313 
MET CE   C  N N 314 
MET OXT  O  N N 315 
MET H    H  N N 316 
MET H2   H  N N 317 
MET HA   H  N N 318 
MET HB2  H  N N 319 
MET HB3  H  N N 320 
MET HG2  H  N N 321 
MET HG3  H  N N 322 
MET HE1  H  N N 323 
MET HE2  H  N N 324 
MET HE3  H  N N 325 
MET HXT  H  N N 326 
PHE N    N  N N 327 
PHE CA   C  N S 328 
PHE C    C  N N 329 
PHE O    O  N N 330 
PHE CB   C  N N 331 
PHE CG   C  Y N 332 
PHE CD1  C  Y N 333 
PHE CD2  C  Y N 334 
PHE CE1  C  Y N 335 
PHE CE2  C  Y N 336 
PHE CZ   C  Y N 337 
PHE OXT  O  N N 338 
PHE H    H  N N 339 
PHE H2   H  N N 340 
PHE HA   H  N N 341 
PHE HB2  H  N N 342 
PHE HB3  H  N N 343 
PHE HD1  H  N N 344 
PHE HD2  H  N N 345 
PHE HE1  H  N N 346 
PHE HE2  H  N N 347 
PHE HZ   H  N N 348 
PHE HXT  H  N N 349 
PRO N    N  N N 350 
PRO CA   C  N S 351 
PRO C    C  N N 352 
PRO O    O  N N 353 
PRO CB   C  N N 354 
PRO CG   C  N N 355 
PRO CD   C  N N 356 
PRO OXT  O  N N 357 
PRO H    H  N N 358 
PRO HA   H  N N 359 
PRO HB2  H  N N 360 
PRO HB3  H  N N 361 
PRO HG2  H  N N 362 
PRO HG3  H  N N 363 
PRO HD2  H  N N 364 
PRO HD3  H  N N 365 
PRO HXT  H  N N 366 
SER N    N  N N 367 
SER CA   C  N S 368 
SER C    C  N N 369 
SER O    O  N N 370 
SER CB   C  N N 371 
SER OG   O  N N 372 
SER OXT  O  N N 373 
SER H    H  N N 374 
SER H2   H  N N 375 
SER HA   H  N N 376 
SER HB2  H  N N 377 
SER HB3  H  N N 378 
SER HG   H  N N 379 
SER HXT  H  N N 380 
THR N    N  N N 381 
THR CA   C  N S 382 
THR C    C  N N 383 
THR O    O  N N 384 
THR CB   C  N R 385 
THR OG1  O  N N 386 
THR CG2  C  N N 387 
THR OXT  O  N N 388 
THR H    H  N N 389 
THR H2   H  N N 390 
THR HA   H  N N 391 
THR HB   H  N N 392 
THR HG1  H  N N 393 
THR HG21 H  N N 394 
THR HG22 H  N N 395 
THR HG23 H  N N 396 
THR HXT  H  N N 397 
TRP N    N  N N 398 
TRP CA   C  N S 399 
TRP C    C  N N 400 
TRP O    O  N N 401 
TRP CB   C  N N 402 
TRP CG   C  Y N 403 
TRP CD1  C  Y N 404 
TRP CD2  C  Y N 405 
TRP NE1  N  Y N 406 
TRP CE2  C  Y N 407 
TRP CE3  C  Y N 408 
TRP CZ2  C  Y N 409 
TRP CZ3  C  Y N 410 
TRP CH2  C  Y N 411 
TRP OXT  O  N N 412 
TRP H    H  N N 413 
TRP H2   H  N N 414 
TRP HA   H  N N 415 
TRP HB2  H  N N 416 
TRP HB3  H  N N 417 
TRP HD1  H  N N 418 
TRP HE1  H  N N 419 
TRP HE3  H  N N 420 
TRP HZ2  H  N N 421 
TRP HZ3  H  N N 422 
TRP HH2  H  N N 423 
TRP HXT  H  N N 424 
TYR N    N  N N 425 
TYR CA   C  N S 426 
TYR C    C  N N 427 
TYR O    O  N N 428 
TYR CB   C  N N 429 
TYR CG   C  Y N 430 
TYR CD1  C  Y N 431 
TYR CD2  C  Y N 432 
TYR CE1  C  Y N 433 
TYR CE2  C  Y N 434 
TYR CZ   C  Y N 435 
TYR OH   O  N N 436 
TYR OXT  O  N N 437 
TYR H    H  N N 438 
TYR H2   H  N N 439 
TYR HA   H  N N 440 
TYR HB2  H  N N 441 
TYR HB3  H  N N 442 
TYR HD1  H  N N 443 
TYR HD2  H  N N 444 
TYR HE1  H  N N 445 
TYR HE2  H  N N 446 
TYR HH   H  N N 447 
TYR HXT  H  N N 448 
VAL N    N  N N 449 
VAL CA   C  N S 450 
VAL C    C  N N 451 
VAL O    O  N N 452 
VAL CB   C  N N 453 
VAL CG1  C  N N 454 
VAL CG2  C  N N 455 
VAL OXT  O  N N 456 
VAL H    H  N N 457 
VAL H2   H  N N 458 
VAL HA   H  N N 459 
VAL HB   H  N N 460 
VAL HG11 H  N N 461 
VAL HG12 H  N N 462 
VAL HG13 H  N N 463 
VAL HG21 H  N N 464 
VAL HG22 H  N N 465 
VAL HG23 H  N N 466 
VAL HXT  H  N N 467 
ZN  ZN   ZN N N 468 
# 
loop_
_chem_comp_bond.comp_id 
_chem_comp_bond.atom_id_1 
_chem_comp_bond.atom_id_2 
_chem_comp_bond.value_order 
_chem_comp_bond.pdbx_aromatic_flag 
_chem_comp_bond.pdbx_stereo_config 
_chem_comp_bond.pdbx_ordinal 
ALA N   CA   sing N N 1   
ALA N   H    sing N N 2   
ALA N   H2   sing N N 3   
ALA CA  C    sing N N 4   
ALA CA  CB   sing N N 5   
ALA CA  HA   sing N N 6   
ALA C   O    doub N N 7   
ALA C   OXT  sing N N 8   
ALA CB  HB1  sing N N 9   
ALA CB  HB2  sing N N 10  
ALA CB  HB3  sing N N 11  
ALA OXT HXT  sing N N 12  
ARG N   CA   sing N N 13  
ARG N   H    sing N N 14  
ARG N   H2   sing N N 15  
ARG CA  C    sing N N 16  
ARG CA  CB   sing N N 17  
ARG CA  HA   sing N N 18  
ARG C   O    doub N N 19  
ARG C   OXT  sing N N 20  
ARG CB  CG   sing N N 21  
ARG CB  HB2  sing N N 22  
ARG CB  HB3  sing N N 23  
ARG CG  CD   sing N N 24  
ARG CG  HG2  sing N N 25  
ARG CG  HG3  sing N N 26  
ARG CD  NE   sing N N 27  
ARG CD  HD2  sing N N 28  
ARG CD  HD3  sing N N 29  
ARG NE  CZ   sing N N 30  
ARG NE  HE   sing N N 31  
ARG CZ  NH1  sing N N 32  
ARG CZ  NH2  doub N N 33  
ARG NH1 HH11 sing N N 34  
ARG NH1 HH12 sing N N 35  
ARG NH2 HH21 sing N N 36  
ARG NH2 HH22 sing N N 37  
ARG OXT HXT  sing N N 38  
ASN N   CA   sing N N 39  
ASN N   H    sing N N 40  
ASN N   H2   sing N N 41  
ASN CA  C    sing N N 42  
ASN CA  CB   sing N N 43  
ASN CA  HA   sing N N 44  
ASN C   O    doub N N 45  
ASN C   OXT  sing N N 46  
ASN CB  CG   sing N N 47  
ASN CB  HB2  sing N N 48  
ASN CB  HB3  sing N N 49  
ASN CG  OD1  doub N N 50  
ASN CG  ND2  sing N N 51  
ASN ND2 HD21 sing N N 52  
ASN ND2 HD22 sing N N 53  
ASN OXT HXT  sing N N 54  
ASP N   CA   sing N N 55  
ASP N   H    sing N N 56  
ASP N   H2   sing N N 57  
ASP CA  C    sing N N 58  
ASP CA  CB   sing N N 59  
ASP CA  HA   sing N N 60  
ASP C   O    doub N N 61  
ASP C   OXT  sing N N 62  
ASP CB  CG   sing N N 63  
ASP CB  HB2  sing N N 64  
ASP CB  HB3  sing N N 65  
ASP CG  OD1  doub N N 66  
ASP CG  OD2  sing N N 67  
ASP OD2 HD2  sing N N 68  
ASP OXT HXT  sing N N 69  
CYS N   CA   sing N N 70  
CYS N   H    sing N N 71  
CYS N   H2   sing N N 72  
CYS CA  C    sing N N 73  
CYS CA  CB   sing N N 74  
CYS CA  HA   sing N N 75  
CYS C   O    doub N N 76  
CYS C   OXT  sing N N 77  
CYS CB  SG   sing N N 78  
CYS CB  HB2  sing N N 79  
CYS CB  HB3  sing N N 80  
CYS SG  HG   sing N N 81  
CYS OXT HXT  sing N N 82  
GLN N   CA   sing N N 83  
GLN N   H    sing N N 84  
GLN N   H2   sing N N 85  
GLN CA  C    sing N N 86  
GLN CA  CB   sing N N 87  
GLN CA  HA   sing N N 88  
GLN C   O    doub N N 89  
GLN C   OXT  sing N N 90  
GLN CB  CG   sing N N 91  
GLN CB  HB2  sing N N 92  
GLN CB  HB3  sing N N 93  
GLN CG  CD   sing N N 94  
GLN CG  HG2  sing N N 95  
GLN CG  HG3  sing N N 96  
GLN CD  OE1  doub N N 97  
GLN CD  NE2  sing N N 98  
GLN NE2 HE21 sing N N 99  
GLN NE2 HE22 sing N N 100 
GLN OXT HXT  sing N N 101 
GLU N   CA   sing N N 102 
GLU N   H    sing N N 103 
GLU N   H2   sing N N 104 
GLU CA  C    sing N N 105 
GLU CA  CB   sing N N 106 
GLU CA  HA   sing N N 107 
GLU C   O    doub N N 108 
GLU C   OXT  sing N N 109 
GLU CB  CG   sing N N 110 
GLU CB  HB2  sing N N 111 
GLU CB  HB3  sing N N 112 
GLU CG  CD   sing N N 113 
GLU CG  HG2  sing N N 114 
GLU CG  HG3  sing N N 115 
GLU CD  OE1  doub N N 116 
GLU CD  OE2  sing N N 117 
GLU OE2 HE2  sing N N 118 
GLU OXT HXT  sing N N 119 
GLY N   CA   sing N N 120 
GLY N   H    sing N N 121 
GLY N   H2   sing N N 122 
GLY CA  C    sing N N 123 
GLY CA  HA2  sing N N 124 
GLY CA  HA3  sing N N 125 
GLY C   O    doub N N 126 
GLY C   OXT  sing N N 127 
GLY OXT HXT  sing N N 128 
HEC FE  NA   sing N N 129 
HEC FE  NB   sing N N 130 
HEC FE  NC   sing N N 131 
HEC FE  ND   sing N N 132 
HEC CHA C1A  doub N N 133 
HEC CHA C4D  sing N N 134 
HEC CHA HHA  sing N N 135 
HEC CHB C4A  doub N N 136 
HEC CHB C1B  sing N N 137 
HEC CHB HHB  sing N N 138 
HEC CHC C4B  doub N N 139 
HEC CHC C1C  sing N N 140 
HEC CHC HHC  sing N N 141 
HEC CHD C4C  doub N N 142 
HEC CHD C1D  sing N N 143 
HEC CHD HHD  sing N N 144 
HEC NA  C1A  sing Y N 145 
HEC NA  C4A  sing Y N 146 
HEC C1A C2A  sing Y N 147 
HEC C2A C3A  doub Y N 148 
HEC C2A CAA  sing N N 149 
HEC C3A C4A  sing Y N 150 
HEC C3A CMA  sing N N 151 
HEC CMA HMA1 sing N N 152 
HEC CMA HMA2 sing N N 153 
HEC CMA HMA3 sing N N 154 
HEC CAA CBA  sing N N 155 
HEC CAA HAA1 sing N N 156 
HEC CAA HAA2 sing N N 157 
HEC CBA CGA  sing N N 158 
HEC CBA HBA1 sing N N 159 
HEC CBA HBA2 sing N N 160 
HEC CGA O1A  doub N N 161 
HEC CGA O2A  sing N N 162 
HEC O2A H2A  sing N N 163 
HEC NB  C1B  sing Y N 164 
HEC NB  C4B  sing Y N 165 
HEC C1B C2B  doub Y N 166 
HEC C2B C3B  sing Y N 167 
HEC C2B CMB  sing N N 168 
HEC C3B C4B  sing Y N 169 
HEC C3B CAB  doub N E 170 
HEC CMB HMB1 sing N N 171 
HEC CMB HMB2 sing N N 172 
HEC CMB HMB3 sing N N 173 
HEC CAB CBB  sing N N 174 
HEC CAB HAB  sing N N 175 
HEC CBB HBB1 sing N N 176 
HEC CBB HBB2 sing N N 177 
HEC CBB HBB3 sing N N 178 
HEC NC  C1C  sing Y N 179 
HEC NC  C4C  sing Y N 180 
HEC C1C C2C  doub Y N 181 
HEC C2C C3C  sing Y N 182 
HEC C2C CMC  sing N N 183 
HEC C3C C4C  sing Y N 184 
HEC C3C CAC  doub N E 185 
HEC CMC HMC1 sing N N 186 
HEC CMC HMC2 sing N N 187 
HEC CMC HMC3 sing N N 188 
HEC CAC CBC  sing N N 189 
HEC CAC HAC  sing N N 190 
HEC CBC HBC1 sing N N 191 
HEC CBC HBC2 sing N N 192 
HEC CBC HBC3 sing N N 193 
HEC ND  C1D  sing Y N 194 
HEC ND  C4D  sing Y N 195 
HEC C1D C2D  doub Y N 196 
HEC C2D C3D  sing Y N 197 
HEC C2D CMD  sing N N 198 
HEC C3D C4D  doub Y N 199 
HEC C3D CAD  sing N N 200 
HEC CMD HMD1 sing N N 201 
HEC CMD HMD2 sing N N 202 
HEC CMD HMD3 sing N N 203 
HEC CAD CBD  sing N N 204 
HEC CAD HAD1 sing N N 205 
HEC CAD HAD2 sing N N 206 
HEC CBD CGD  sing N N 207 
HEC CBD HBD1 sing N N 208 
HEC CBD HBD2 sing N N 209 
HEC CGD O1D  doub N N 210 
HEC CGD O2D  sing N N 211 
HEC O2D H2D  sing N N 212 
HIS N   CA   sing N N 213 
HIS N   H    sing N N 214 
HIS N   H2   sing N N 215 
HIS CA  C    sing N N 216 
HIS CA  CB   sing N N 217 
HIS CA  HA   sing N N 218 
HIS C   O    doub N N 219 
HIS C   OXT  sing N N 220 
HIS CB  CG   sing N N 221 
HIS CB  HB2  sing N N 222 
HIS CB  HB3  sing N N 223 
HIS CG  ND1  sing Y N 224 
HIS CG  CD2  doub Y N 225 
HIS ND1 CE1  doub Y N 226 
HIS ND1 HD1  sing N N 227 
HIS CD2 NE2  sing Y N 228 
HIS CD2 HD2  sing N N 229 
HIS CE1 NE2  sing Y N 230 
HIS CE1 HE1  sing N N 231 
HIS NE2 HE2  sing N N 232 
HIS OXT HXT  sing N N 233 
HOH O   H1   sing N N 234 
HOH O   H2   sing N N 235 
ILE N   CA   sing N N 236 
ILE N   H    sing N N 237 
ILE N   H2   sing N N 238 
ILE CA  C    sing N N 239 
ILE CA  CB   sing N N 240 
ILE CA  HA   sing N N 241 
ILE C   O    doub N N 242 
ILE C   OXT  sing N N 243 
ILE CB  CG1  sing N N 244 
ILE CB  CG2  sing N N 245 
ILE CB  HB   sing N N 246 
ILE CG1 CD1  sing N N 247 
ILE CG1 HG12 sing N N 248 
ILE CG1 HG13 sing N N 249 
ILE CG2 HG21 sing N N 250 
ILE CG2 HG22 sing N N 251 
ILE CG2 HG23 sing N N 252 
ILE CD1 HD11 sing N N 253 
ILE CD1 HD12 sing N N 254 
ILE CD1 HD13 sing N N 255 
ILE OXT HXT  sing N N 256 
LEU N   CA   sing N N 257 
LEU N   H    sing N N 258 
LEU N   H2   sing N N 259 
LEU CA  C    sing N N 260 
LEU CA  CB   sing N N 261 
LEU CA  HA   sing N N 262 
LEU C   O    doub N N 263 
LEU C   OXT  sing N N 264 
LEU CB  CG   sing N N 265 
LEU CB  HB2  sing N N 266 
LEU CB  HB3  sing N N 267 
LEU CG  CD1  sing N N 268 
LEU CG  CD2  sing N N 269 
LEU CG  HG   sing N N 270 
LEU CD1 HD11 sing N N 271 
LEU CD1 HD12 sing N N 272 
LEU CD1 HD13 sing N N 273 
LEU CD2 HD21 sing N N 274 
LEU CD2 HD22 sing N N 275 
LEU CD2 HD23 sing N N 276 
LEU OXT HXT  sing N N 277 
LYS N   CA   sing N N 278 
LYS N   H    sing N N 279 
LYS N   H2   sing N N 280 
LYS CA  C    sing N N 281 
LYS CA  CB   sing N N 282 
LYS CA  HA   sing N N 283 
LYS C   O    doub N N 284 
LYS C   OXT  sing N N 285 
LYS CB  CG   sing N N 286 
LYS CB  HB2  sing N N 287 
LYS CB  HB3  sing N N 288 
LYS CG  CD   sing N N 289 
LYS CG  HG2  sing N N 290 
LYS CG  HG3  sing N N 291 
LYS CD  CE   sing N N 292 
LYS CD  HD2  sing N N 293 
LYS CD  HD3  sing N N 294 
LYS CE  NZ   sing N N 295 
LYS CE  HE2  sing N N 296 
LYS CE  HE3  sing N N 297 
LYS NZ  HZ1  sing N N 298 
LYS NZ  HZ2  sing N N 299 
LYS NZ  HZ3  sing N N 300 
LYS OXT HXT  sing N N 301 
MET N   CA   sing N N 302 
MET N   H    sing N N 303 
MET N   H2   sing N N 304 
MET CA  C    sing N N 305 
MET CA  CB   sing N N 306 
MET CA  HA   sing N N 307 
MET C   O    doub N N 308 
MET C   OXT  sing N N 309 
MET CB  CG   sing N N 310 
MET CB  HB2  sing N N 311 
MET CB  HB3  sing N N 312 
MET CG  SD   sing N N 313 
MET CG  HG2  sing N N 314 
MET CG  HG3  sing N N 315 
MET SD  CE   sing N N 316 
MET CE  HE1  sing N N 317 
MET CE  HE2  sing N N 318 
MET CE  HE3  sing N N 319 
MET OXT HXT  sing N N 320 
PHE N   CA   sing N N 321 
PHE N   H    sing N N 322 
PHE N   H2   sing N N 323 
PHE CA  C    sing N N 324 
PHE CA  CB   sing N N 325 
PHE CA  HA   sing N N 326 
PHE C   O    doub N N 327 
PHE C   OXT  sing N N 328 
PHE CB  CG   sing N N 329 
PHE CB  HB2  sing N N 330 
PHE CB  HB3  sing N N 331 
PHE CG  CD1  doub Y N 332 
PHE CG  CD2  sing Y N 333 
PHE CD1 CE1  sing Y N 334 
PHE CD1 HD1  sing N N 335 
PHE CD2 CE2  doub Y N 336 
PHE CD2 HD2  sing N N 337 
PHE CE1 CZ   doub Y N 338 
PHE CE1 HE1  sing N N 339 
PHE CE2 CZ   sing Y N 340 
PHE CE2 HE2  sing N N 341 
PHE CZ  HZ   sing N N 342 
PHE OXT HXT  sing N N 343 
PRO N   CA   sing N N 344 
PRO N   CD   sing N N 345 
PRO N   H    sing N N 346 
PRO CA  C    sing N N 347 
PRO CA  CB   sing N N 348 
PRO CA  HA   sing N N 349 
PRO C   O    doub N N 350 
PRO C   OXT  sing N N 351 
PRO CB  CG   sing N N 352 
PRO CB  HB2  sing N N 353 
PRO CB  HB3  sing N N 354 
PRO CG  CD   sing N N 355 
PRO CG  HG2  sing N N 356 
PRO CG  HG3  sing N N 357 
PRO CD  HD2  sing N N 358 
PRO CD  HD3  sing N N 359 
PRO OXT HXT  sing N N 360 
SER N   CA   sing N N 361 
SER N   H    sing N N 362 
SER N   H2   sing N N 363 
SER CA  C    sing N N 364 
SER CA  CB   sing N N 365 
SER CA  HA   sing N N 366 
SER C   O    doub N N 367 
SER C   OXT  sing N N 368 
SER CB  OG   sing N N 369 
SER CB  HB2  sing N N 370 
SER CB  HB3  sing N N 371 
SER OG  HG   sing N N 372 
SER OXT HXT  sing N N 373 
THR N   CA   sing N N 374 
THR N   H    sing N N 375 
THR N   H2   sing N N 376 
THR CA  C    sing N N 377 
THR CA  CB   sing N N 378 
THR CA  HA   sing N N 379 
THR C   O    doub N N 380 
THR C   OXT  sing N N 381 
THR CB  OG1  sing N N 382 
THR CB  CG2  sing N N 383 
THR CB  HB   sing N N 384 
THR OG1 HG1  sing N N 385 
THR CG2 HG21 sing N N 386 
THR CG2 HG22 sing N N 387 
THR CG2 HG23 sing N N 388 
THR OXT HXT  sing N N 389 
TRP N   CA   sing N N 390 
TRP N   H    sing N N 391 
TRP N   H2   sing N N 392 
TRP CA  C    sing N N 393 
TRP CA  CB   sing N N 394 
TRP CA  HA   sing N N 395 
TRP C   O    doub N N 396 
TRP C   OXT  sing N N 397 
TRP CB  CG   sing N N 398 
TRP CB  HB2  sing N N 399 
TRP CB  HB3  sing N N 400 
TRP CG  CD1  doub Y N 401 
TRP CG  CD2  sing Y N 402 
TRP CD1 NE1  sing Y N 403 
TRP CD1 HD1  sing N N 404 
TRP CD2 CE2  doub Y N 405 
TRP CD2 CE3  sing Y N 406 
TRP NE1 CE2  sing Y N 407 
TRP NE1 HE1  sing N N 408 
TRP CE2 CZ2  sing Y N 409 
TRP CE3 CZ3  doub Y N 410 
TRP CE3 HE3  sing N N 411 
TRP CZ2 CH2  doub Y N 412 
TRP CZ2 HZ2  sing N N 413 
TRP CZ3 CH2  sing Y N 414 
TRP CZ3 HZ3  sing N N 415 
TRP CH2 HH2  sing N N 416 
TRP OXT HXT  sing N N 417 
TYR N   CA   sing N N 418 
TYR N   H    sing N N 419 
TYR N   H2   sing N N 420 
TYR CA  C    sing N N 421 
TYR CA  CB   sing N N 422 
TYR CA  HA   sing N N 423 
TYR C   O    doub N N 424 
TYR C   OXT  sing N N 425 
TYR CB  CG   sing N N 426 
TYR CB  HB2  sing N N 427 
TYR CB  HB3  sing N N 428 
TYR CG  CD1  doub Y N 429 
TYR CG  CD2  sing Y N 430 
TYR CD1 CE1  sing Y N 431 
TYR CD1 HD1  sing N N 432 
TYR CD2 CE2  doub Y N 433 
TYR CD2 HD2  sing N N 434 
TYR CE1 CZ   doub Y N 435 
TYR CE1 HE1  sing N N 436 
TYR CE2 CZ   sing Y N 437 
TYR CE2 HE2  sing N N 438 
TYR CZ  OH   sing N N 439 
TYR OH  HH   sing N N 440 
TYR OXT HXT  sing N N 441 
VAL N   CA   sing N N 442 
VAL N   H    sing N N 443 
VAL N   H2   sing N N 444 
VAL CA  C    sing N N 445 
VAL CA  CB   sing N N 446 
VAL CA  HA   sing N N 447 
VAL C   O    doub N N 448 
VAL C   OXT  sing N N 449 
VAL CB  CG1  sing N N 450 
VAL CB  CG2  sing N N 451 
VAL CB  HB   sing N N 452 
VAL CG1 HG11 sing N N 453 
VAL CG1 HG12 sing N N 454 
VAL CG1 HG13 sing N N 455 
VAL CG2 HG21 sing N N 456 
VAL CG2 HG22 sing N N 457 
VAL CG2 HG23 sing N N 458 
VAL OXT HXT  sing N N 459 
# 
loop_
_pdbx_entity_nonpoly.entity_id 
_pdbx_entity_nonpoly.name 
_pdbx_entity_nonpoly.comp_id 
2 'HEME C'   HEC 
3 'ZINC ION' ZN  
4 water      HOH 
# 
_pdbx_initial_refinement_model.id               1 
_pdbx_initial_refinement_model.entity_id_list   ? 
_pdbx_initial_refinement_model.type             'experimental model' 
_pdbx_initial_refinement_model.source_name      PDB 
_pdbx_initial_refinement_model.accession_code   1QL4 
_pdbx_initial_refinement_model.details          'PDB ENTRY 1QL4' 
# 
